data_3OFU
#
_entry.id   3OFU
#
_cell.length_a   68.360
_cell.length_b   113.418
_cell.length_c   150.234
_cell.angle_alpha   90.00
_cell.angle_beta   89.90
_cell.angle_gamma   90.00
#
_symmetry.space_group_name_H-M   'P 1 21 1'
#
loop_
_entity.id
_entity.type
_entity.pdbx_description
1 polymer 'Cytochrome P450'
2 non-polymer 'PROTOPORPHYRIN IX CONTAINING FE'
3 non-polymer (3E)-4-(2,6,6-trimethylcyclohex-1-en-1-yl)but-3-en-2-one
4 water water
#
_entity_poly.entity_id   1
_entity_poly.type   'polypeptide(L)'
_entity_poly.pdbx_seq_one_letter_code
;MIPAHVPADRVVDFDIFNPPGVEQDYFAAWKTLLDGPGLVWSTANGGHWIAARGDVVRELWGDAERLSSQCLAVTPGLGK
VMQFIPLQQDGAEHKAFRTPVMKGLASRFVVALEPKVQAVARKLMESLRPRGSCDFVSDFAEILPLNIFLTLIDVPLEDR
PRLRQLGVQLTRPDGSMTVEQLKQAADDYLWPFIEKRMAQPGDDLFSRILSEPVGGRPWTVDEARRMCRNLLFGGLDTVA
AMIGMVALHLARHPEDQRLLRERPDLIPAAADELMRRYPTVAVSRNAVADVDADGVTIRKGDLVYLPSVLHNLDPASFEA
PEEVRFDRGLAPIRHTTMGVGAHRCVGAGLARMEVIVFLREWLGGMPEFALAPDKAVTMKGGNVGACTALPLVWRA
;
_entity_poly.pdbx_strand_id   A,B,C,D,E,F
#
loop_
_chem_comp.id
_chem_comp.type
_chem_comp.name
_chem_comp.formula
HEM non-polymer 'PROTOPORPHYRIN IX CONTAINING FE' 'C34 H32 Fe N4 O4'
ID3 non-polymer (3E)-4-(2,6,6-trimethylcyclohex-1-en-1-yl)but-3-en-2-one 'C13 H20 O'
#
# COMPACT_ATOMS: atom_id res chain seq x y z
N MET A 1 -64.15 -7.21 30.00
CA MET A 1 -64.02 -5.71 29.76
C MET A 1 -62.54 -5.47 29.78
N ILE A 2 -62.09 -4.53 28.96
CA ILE A 2 -60.70 -4.14 28.87
C ILE A 2 -60.52 -2.65 29.27
N PRO A 3 -59.39 -2.32 29.95
CA PRO A 3 -59.13 -0.96 30.46
C PRO A 3 -58.96 -0.04 29.30
N ALA A 4 -59.31 1.24 29.45
CA ALA A 4 -59.22 2.20 28.35
C ALA A 4 -57.83 2.25 27.62
N HIS A 5 -56.72 2.32 28.43
CA HIS A 5 -55.34 2.47 27.96
C HIS A 5 -54.70 1.28 27.19
N VAL A 6 -55.48 0.21 27.03
CA VAL A 6 -55.13 -0.98 26.25
C VAL A 6 -55.88 -1.18 24.89
N PRO A 7 -55.28 -0.79 23.78
CA PRO A 7 -55.95 -0.86 22.50
C PRO A 7 -56.50 -2.22 22.25
N ALA A 8 -57.68 -2.32 21.69
CA ALA A 8 -58.28 -3.60 21.39
C ALA A 8 -57.50 -4.49 20.43
N ASP A 9 -56.59 -3.99 19.63
CA ASP A 9 -55.90 -4.85 18.72
C ASP A 9 -54.86 -5.67 19.57
N ARG A 10 -54.38 -5.07 20.68
CA ARG A 10 -53.42 -5.76 21.60
C ARG A 10 -54.08 -6.79 22.54
N VAL A 11 -55.37 -7.05 22.40
CA VAL A 11 -55.96 -8.01 23.34
C VAL A 11 -55.75 -9.47 22.92
N VAL A 12 -55.18 -10.30 23.81
CA VAL A 12 -55.11 -11.77 23.61
C VAL A 12 -55.68 -12.48 24.81
N ASP A 13 -55.75 -13.79 24.66
CA ASP A 13 -56.12 -14.53 25.83
C ASP A 13 -55.13 -15.55 26.26
N PHE A 14 -53.97 -15.50 25.72
CA PHE A 14 -52.90 -16.32 26.15
C PHE A 14 -52.83 -16.46 27.68
N ASP A 15 -52.92 -17.72 28.12
CA ASP A 15 -52.70 -18.16 29.50
C ASP A 15 -51.31 -18.74 29.77
N ILE A 16 -50.61 -18.05 30.64
CA ILE A 16 -49.17 -18.26 30.81
C ILE A 16 -48.93 -19.56 31.58
N PHE A 17 -49.89 -20.00 32.34
CA PHE A 17 -49.68 -21.32 32.92
C PHE A 17 -49.89 -22.55 31.89
N ASN A 18 -50.72 -22.36 30.83
CA ASN A 18 -50.80 -23.32 29.68
C ASN A 18 -50.96 -22.59 28.41
N PRO A 19 -49.85 -22.21 27.84
CA PRO A 19 -49.83 -21.91 26.44
C PRO A 19 -50.26 -23.14 25.64
N PRO A 20 -51.03 -22.98 24.58
CA PRO A 20 -51.48 -24.28 24.02
C PRO A 20 -50.34 -24.80 23.15
N GLY A 21 -50.09 -26.11 23.25
CA GLY A 21 -48.96 -26.80 22.67
C GLY A 21 -47.77 -26.83 23.61
N VAL A 22 -47.95 -26.39 24.87
CA VAL A 22 -46.87 -26.27 25.83
C VAL A 22 -46.47 -27.69 26.19
N GLU A 23 -47.42 -28.57 26.15
CA GLU A 23 -47.10 -29.93 26.55
C GLU A 23 -46.21 -30.58 25.54
N GLN A 24 -46.33 -30.19 24.29
CA GLN A 24 -45.57 -30.86 23.22
C GLN A 24 -44.24 -30.17 23.04
N ASP A 25 -44.30 -28.85 23.01
CA ASP A 25 -43.08 -28.06 22.80
C ASP A 25 -43.22 -26.69 23.46
N TYR A 26 -42.49 -26.51 24.58
CA TYR A 26 -42.57 -25.26 25.38
C TYR A 26 -42.32 -24.03 24.57
N PHE A 27 -41.37 -24.11 23.65
CA PHE A 27 -40.84 -22.90 23.05
C PHE A 27 -41.70 -22.50 21.92
N ALA A 28 -42.10 -23.40 21.06
CA ALA A 28 -42.99 -22.98 19.98
C ALA A 28 -44.20 -22.35 20.55
N ALA A 29 -44.67 -22.91 21.67
CA ALA A 29 -45.88 -22.42 22.30
C ALA A 29 -45.73 -20.96 22.55
N TRP A 30 -44.53 -20.56 22.96
CA TRP A 30 -44.42 -19.20 23.39
C TRP A 30 -44.18 -18.41 22.23
N LYS A 31 -43.68 -19.07 21.19
CA LYS A 31 -43.09 -18.36 20.07
C LYS A 31 -44.22 -17.86 19.19
N THR A 32 -45.44 -18.24 19.49
CA THR A 32 -46.53 -17.90 18.63
C THR A 32 -46.78 -16.50 18.96
N LEU A 33 -46.43 -16.01 20.17
CA LEU A 33 -46.71 -14.58 20.39
C LEU A 33 -45.83 -13.64 19.56
N LEU A 34 -44.86 -14.19 18.75
CA LEU A 34 -44.08 -13.38 17.83
C LEU A 34 -44.82 -12.84 16.60
N ASP A 35 -45.94 -13.47 16.26
CA ASP A 35 -46.66 -13.13 15.03
C ASP A 35 -47.66 -12.02 15.31
N GLY A 36 -47.51 -11.40 16.50
CA GLY A 36 -48.49 -10.47 17.05
C GLY A 36 -47.74 -9.28 17.57
N PRO A 37 -48.41 -8.36 18.18
CA PRO A 37 -47.84 -7.13 18.56
C PRO A 37 -46.76 -7.34 19.60
N GLY A 38 -45.95 -6.30 19.81
CA GLY A 38 -44.80 -6.54 20.64
C GLY A 38 -45.08 -6.54 22.15
N LEU A 39 -46.25 -6.01 22.45
CA LEU A 39 -46.67 -5.91 23.81
C LEU A 39 -48.20 -6.04 23.85
N VAL A 40 -48.67 -7.14 24.36
CA VAL A 40 -50.08 -7.44 24.39
C VAL A 40 -50.57 -7.52 25.81
N TRP A 41 -51.92 -7.50 25.94
CA TRP A 41 -52.70 -7.59 27.21
C TRP A 41 -53.55 -8.80 27.21
N SER A 42 -53.27 -9.63 28.21
CA SER A 42 -53.84 -10.96 28.30
C SER A 42 -54.98 -10.82 29.23
N THR A 43 -56.13 -11.35 28.83
CA THR A 43 -57.29 -11.34 29.69
C THR A 43 -57.27 -12.44 30.76
N ALA A 44 -56.38 -13.42 30.69
CA ALA A 44 -56.40 -14.54 31.68
C ALA A 44 -55.95 -14.05 33.00
N ASN A 45 -55.99 -14.92 33.95
CA ASN A 45 -55.28 -14.66 35.19
C ASN A 45 -55.46 -13.26 35.76
N GLY A 46 -56.68 -12.67 35.62
CA GLY A 46 -56.98 -11.38 36.27
C GLY A 46 -56.57 -10.17 35.46
N GLY A 47 -56.04 -10.39 34.27
CA GLY A 47 -55.68 -9.27 33.35
C GLY A 47 -54.24 -8.73 33.48
N HIS A 48 -53.35 -9.01 32.51
CA HIS A 48 -52.01 -8.38 32.60
C HIS A 48 -51.39 -8.18 31.22
N TRP A 49 -50.25 -7.48 31.21
CA TRP A 49 -49.42 -7.38 30.05
C TRP A 49 -48.52 -8.64 29.93
N ILE A 50 -48.29 -9.09 28.67
CA ILE A 50 -47.11 -9.96 28.34
C ILE A 50 -46.18 -9.30 27.29
N ALA A 51 -44.89 -9.22 27.61
CA ALA A 51 -43.88 -8.75 26.67
C ALA A 51 -43.69 -9.85 25.62
N ALA A 52 -43.67 -9.47 24.34
CA ALA A 52 -43.85 -10.39 23.22
C ALA A 52 -42.92 -10.11 22.03
N ARG A 53 -41.79 -9.47 22.35
CA ARG A 53 -40.78 -9.19 21.34
C ARG A 53 -39.52 -8.82 22.19
N GLY A 54 -38.35 -9.30 21.74
CA GLY A 54 -37.19 -9.29 22.59
C GLY A 54 -36.81 -7.89 23.07
N ASP A 55 -36.94 -6.85 22.23
CA ASP A 55 -36.57 -5.45 22.68
C ASP A 55 -37.44 -5.03 23.84
N VAL A 56 -38.72 -5.35 23.75
CA VAL A 56 -39.67 -5.08 24.80
C VAL A 56 -39.40 -5.94 26.00
N VAL A 57 -39.18 -7.21 25.79
CA VAL A 57 -38.82 -8.09 26.93
C VAL A 57 -37.64 -7.58 27.64
N ARG A 58 -36.62 -7.21 26.89
CA ARG A 58 -35.31 -6.83 27.46
C ARG A 58 -35.37 -5.41 28.12
N GLU A 59 -36.12 -4.49 27.52
CA GLU A 59 -36.08 -3.19 28.01
C GLU A 59 -36.87 -3.11 29.28
N LEU A 60 -37.99 -3.79 29.33
CA LEU A 60 -38.86 -3.71 30.48
C LEU A 60 -38.21 -4.43 31.68
N TRP A 61 -37.39 -5.43 31.41
CA TRP A 61 -36.83 -6.30 32.43
C TRP A 61 -35.70 -5.54 33.08
N GLY A 62 -35.14 -4.60 32.39
CA GLY A 62 -34.16 -3.77 33.02
C GLY A 62 -34.73 -2.64 33.80
N ASP A 63 -36.03 -2.28 33.56
CA ASP A 63 -36.58 -1.12 34.25
C ASP A 63 -36.94 -1.48 35.71
N ALA A 64 -35.93 -1.64 36.53
CA ALA A 64 -36.15 -2.08 37.86
C ALA A 64 -36.70 -0.94 38.66
N GLU A 65 -36.29 0.31 38.39
CA GLU A 65 -37.00 1.43 39.03
C GLU A 65 -38.48 1.61 38.83
N ARG A 66 -39.05 1.29 37.70
CA ARG A 66 -40.52 1.59 37.40
C ARG A 66 -41.32 0.39 37.37
N LEU A 67 -40.64 -0.77 37.25
CA LEU A 67 -41.23 -2.09 37.32
C LEU A 67 -40.72 -2.92 38.56
N SER A 68 -41.54 -3.03 39.60
CA SER A 68 -41.10 -3.57 40.85
C SER A 68 -41.26 -5.10 40.83
N SER A 69 -40.43 -5.75 41.64
CA SER A 69 -40.32 -7.09 41.65
C SER A 69 -41.09 -7.50 42.86
N GLN A 70 -42.17 -6.85 43.17
CA GLN A 70 -42.70 -7.17 44.45
C GLN A 70 -43.88 -8.14 44.43
N CYS A 71 -44.71 -8.07 43.38
CA CYS A 71 -45.85 -8.96 43.22
C CYS A 71 -45.40 -10.42 43.07
N LEU A 72 -44.13 -10.64 42.65
CA LEU A 72 -43.50 -11.98 42.50
C LEU A 72 -44.13 -12.80 41.44
N ALA A 73 -45.42 -12.83 41.46
CA ALA A 73 -46.10 -13.59 40.47
C ALA A 73 -47.37 -12.84 40.21
N VAL A 74 -48.01 -13.26 39.12
CA VAL A 74 -49.36 -12.87 38.72
C VAL A 74 -50.51 -13.49 39.61
N THR A 75 -50.26 -14.61 40.34
CA THR A 75 -51.21 -15.26 41.27
C THR A 75 -51.27 -14.40 42.54
N PRO A 76 -52.47 -13.83 42.83
CA PRO A 76 -52.62 -12.93 44.01
C PRO A 76 -52.17 -13.69 45.25
N GLY A 77 -51.46 -12.99 46.14
CA GLY A 77 -51.14 -13.47 47.50
C GLY A 77 -49.84 -14.28 47.64
N LEU A 78 -49.26 -14.64 46.49
CA LEU A 78 -48.08 -15.48 46.47
C LEU A 78 -46.79 -14.66 46.81
N GLY A 79 -46.72 -13.42 46.29
CA GLY A 79 -45.63 -12.49 46.63
C GLY A 79 -45.62 -12.05 48.09
N LYS A 80 -46.80 -11.69 48.57
CA LYS A 80 -47.01 -11.35 49.98
C LYS A 80 -46.44 -12.43 50.86
N VAL A 81 -46.51 -13.67 50.45
CA VAL A 81 -46.23 -14.73 51.35
C VAL A 81 -44.73 -15.02 51.30
N MET A 82 -44.21 -15.54 50.17
CA MET A 82 -42.81 -15.88 50.06
C MET A 82 -41.84 -14.74 50.39
N GLN A 83 -42.07 -13.51 50.01
CA GLN A 83 -41.05 -12.45 50.38
C GLN A 83 -39.54 -12.84 50.20
N PHE A 84 -39.23 -13.28 49.02
CA PHE A 84 -37.89 -13.62 48.70
C PHE A 84 -36.82 -12.49 48.92
N ILE A 85 -35.73 -12.77 49.62
CA ILE A 85 -34.65 -11.80 49.58
C ILE A 85 -33.50 -12.41 48.80
N PRO A 86 -32.95 -11.71 47.78
CA PRO A 86 -33.19 -10.39 47.28
C PRO A 86 -34.26 -10.25 46.26
N LEU A 87 -34.84 -11.38 45.78
CA LEU A 87 -35.47 -11.43 44.51
C LEU A 87 -36.59 -10.53 44.47
N GLN A 88 -37.20 -10.29 45.59
CA GLN A 88 -38.41 -9.45 45.64
C GLN A 88 -38.26 -8.05 46.16
N GLN A 89 -37.02 -7.55 46.27
CA GLN A 89 -36.78 -6.22 46.78
C GLN A 89 -36.46 -5.15 45.70
N ASP A 90 -36.76 -3.88 45.97
CA ASP A 90 -36.36 -2.74 45.10
C ASP A 90 -35.26 -1.73 45.64
N GLY A 91 -34.84 -0.85 44.70
CA GLY A 91 -33.96 0.19 45.04
C GLY A 91 -32.86 -0.12 45.99
N ALA A 92 -32.86 0.65 47.06
CA ALA A 92 -31.68 0.61 47.95
C ALA A 92 -31.69 -0.65 48.89
N GLU A 93 -32.90 -1.09 49.19
CA GLU A 93 -33.06 -2.23 50.00
C GLU A 93 -32.37 -3.35 49.21
N HIS A 94 -32.72 -3.42 47.96
CA HIS A 94 -32.30 -4.50 47.13
C HIS A 94 -30.80 -4.38 46.90
N LYS A 95 -30.35 -3.18 46.61
CA LYS A 95 -28.89 -3.03 46.59
C LYS A 95 -28.10 -3.55 47.82
N ALA A 96 -28.62 -3.28 49.01
CA ALA A 96 -27.96 -3.65 50.26
C ALA A 96 -27.92 -5.14 50.45
N PHE A 97 -29.04 -5.79 50.17
CA PHE A 97 -29.10 -7.22 50.41
C PHE A 97 -28.37 -8.02 49.33
N ARG A 98 -28.39 -7.52 48.09
CA ARG A 98 -27.73 -8.21 46.97
C ARG A 98 -26.23 -8.33 47.14
N THR A 99 -25.53 -7.19 47.40
CA THR A 99 -24.09 -7.24 47.72
C THR A 99 -23.49 -8.48 48.48
N PRO A 100 -23.95 -8.81 49.72
CA PRO A 100 -23.35 -9.90 50.41
C PRO A 100 -23.86 -11.24 49.88
N VAL A 101 -25.06 -11.28 49.34
CA VAL A 101 -25.50 -12.55 48.75
C VAL A 101 -24.65 -12.85 47.49
N MET A 102 -24.39 -11.79 46.73
CA MET A 102 -23.66 -11.92 45.58
C MET A 102 -22.28 -12.39 45.99
N LYS A 103 -21.79 -11.74 46.96
CA LYS A 103 -20.41 -11.99 47.32
C LYS A 103 -20.33 -13.44 47.78
N GLY A 104 -21.43 -13.91 48.31
CA GLY A 104 -21.38 -15.37 48.68
C GLY A 104 -21.26 -16.34 47.49
N LEU A 105 -21.71 -15.91 46.34
CA LEU A 105 -21.62 -16.71 45.24
C LEU A 105 -20.44 -16.33 44.23
N ALA A 106 -19.49 -15.48 44.67
CA ALA A 106 -18.27 -15.04 43.88
C ALA A 106 -17.48 -16.17 43.06
N SER A 107 -16.91 -15.89 41.89
CA SER A 107 -16.14 -16.84 41.14
C SER A 107 -15.24 -17.86 41.87
N ARG A 108 -14.38 -17.36 42.72
CA ARG A 108 -13.45 -18.25 43.42
C ARG A 108 -14.25 -19.25 44.22
N PHE A 109 -15.48 -18.91 44.60
CA PHE A 109 -16.22 -19.86 45.34
C PHE A 109 -16.94 -21.00 44.56
N VAL A 110 -17.58 -20.57 43.46
CA VAL A 110 -18.01 -21.46 42.38
C VAL A 110 -16.86 -22.32 41.93
N VAL A 111 -15.75 -21.70 41.59
CA VAL A 111 -14.56 -22.47 41.20
C VAL A 111 -14.16 -23.50 42.25
N ALA A 112 -14.18 -23.13 43.55
CA ALA A 112 -13.81 -24.03 44.63
C ALA A 112 -14.83 -25.14 44.77
N LEU A 113 -16.06 -24.80 44.45
CA LEU A 113 -17.09 -25.73 44.51
C LEU A 113 -17.04 -26.76 43.41
N GLU A 114 -16.29 -26.53 42.35
CA GLU A 114 -16.33 -27.47 41.18
C GLU A 114 -16.15 -28.95 41.55
N PRO A 115 -14.98 -29.36 42.01
CA PRO A 115 -14.76 -30.78 42.40
C PRO A 115 -15.96 -31.42 43.19
N LYS A 116 -16.45 -30.76 44.22
CA LYS A 116 -17.39 -31.32 45.03
C LYS A 116 -18.69 -31.49 44.18
N VAL A 117 -19.10 -30.44 43.47
CA VAL A 117 -20.34 -30.50 42.65
C VAL A 117 -20.26 -31.49 41.53
N GLN A 118 -19.10 -31.67 40.93
CA GLN A 118 -18.95 -32.78 39.97
C GLN A 118 -19.18 -34.24 40.57
N ALA A 119 -18.48 -34.58 41.66
CA ALA A 119 -18.55 -35.90 42.31
C ALA A 119 -20.03 -36.27 42.55
N VAL A 120 -20.83 -35.22 42.86
CA VAL A 120 -22.26 -35.34 43.18
C VAL A 120 -22.96 -35.72 41.85
N ALA A 121 -22.69 -34.96 40.82
CA ALA A 121 -23.25 -35.21 39.58
C ALA A 121 -22.85 -36.62 39.11
N ARG A 122 -21.56 -36.99 39.24
CA ARG A 122 -21.08 -38.33 38.93
C ARG A 122 -21.73 -39.51 39.73
N LYS A 123 -21.96 -39.27 41.00
CA LYS A 123 -22.45 -40.32 41.87
C LYS A 123 -23.83 -40.60 41.37
N LEU A 124 -24.62 -39.52 41.14
CA LEU A 124 -26.03 -39.75 40.60
C LEU A 124 -26.08 -40.52 39.24
N MET A 125 -25.24 -40.07 38.32
CA MET A 125 -25.01 -40.71 37.01
C MET A 125 -24.78 -42.24 37.19
N GLU A 126 -23.87 -42.57 38.08
CA GLU A 126 -23.51 -43.97 38.32
C GLU A 126 -24.64 -44.84 38.91
N SER A 127 -25.54 -44.23 39.62
CA SER A 127 -26.65 -44.93 40.22
C SER A 127 -27.69 -45.21 39.10
N LEU A 128 -27.49 -44.62 37.92
CA LEU A 128 -28.50 -44.85 36.89
C LEU A 128 -27.96 -45.66 35.74
N ARG A 129 -26.65 -45.59 35.56
CA ARG A 129 -26.04 -46.16 34.37
C ARG A 129 -26.25 -47.68 34.17
N PRO A 130 -26.29 -48.44 35.26
CA PRO A 130 -26.54 -49.83 35.02
C PRO A 130 -27.96 -50.18 34.43
N ARG A 131 -28.89 -49.22 34.39
CA ARG A 131 -30.32 -49.52 34.21
C ARG A 131 -30.70 -49.65 32.71
N GLY A 132 -29.90 -49.01 31.83
CA GLY A 132 -30.19 -48.93 30.38
C GLY A 132 -31.32 -48.01 30.03
N SER A 133 -31.99 -47.41 31.02
CA SER A 133 -33.04 -46.48 30.71
C SER A 133 -33.35 -45.62 31.92
N CYS A 134 -34.15 -44.57 31.75
CA CYS A 134 -34.60 -43.80 32.90
C CYS A 134 -35.54 -42.71 32.50
N ASP A 135 -36.36 -42.30 33.46
CA ASP A 135 -37.23 -41.09 33.25
C ASP A 135 -36.47 -39.90 33.78
N PHE A 136 -35.82 -39.24 32.84
CA PHE A 136 -34.68 -38.51 33.22
C PHE A 136 -35.09 -37.41 34.17
N VAL A 137 -36.13 -36.68 33.82
CA VAL A 137 -36.72 -35.75 34.79
C VAL A 137 -36.83 -36.32 36.24
N SER A 138 -37.51 -37.44 36.39
CA SER A 138 -37.88 -37.78 37.77
C SER A 138 -36.71 -38.43 38.51
N ASP A 139 -35.83 -39.06 37.73
CA ASP A 139 -34.65 -39.80 38.25
C ASP A 139 -33.33 -39.02 38.36
N PHE A 140 -33.13 -38.02 37.49
CA PHE A 140 -31.99 -37.12 37.51
C PHE A 140 -32.30 -35.54 37.74
N ALA A 141 -33.09 -34.94 36.90
CA ALA A 141 -33.08 -33.53 36.85
C ALA A 141 -33.63 -33.03 38.11
N GLU A 142 -34.80 -33.53 38.48
CA GLU A 142 -35.42 -33.24 39.79
C GLU A 142 -34.61 -33.67 40.99
N ILE A 143 -33.53 -34.39 40.88
CA ILE A 143 -32.78 -34.90 42.08
C ILE A 143 -31.40 -34.20 42.30
N LEU A 144 -30.66 -33.94 41.23
CA LEU A 144 -29.42 -33.17 41.36
C LEU A 144 -29.48 -31.77 41.98
N PRO A 145 -30.51 -30.96 41.65
CA PRO A 145 -30.49 -29.63 42.26
C PRO A 145 -30.51 -29.72 43.78
N LEU A 146 -31.24 -30.68 44.41
CA LEU A 146 -31.21 -30.68 45.88
C LEU A 146 -29.91 -31.22 46.34
N ASN A 147 -29.40 -32.28 45.74
CA ASN A 147 -28.09 -32.79 46.15
C ASN A 147 -27.03 -31.70 46.21
N ILE A 148 -26.92 -30.92 45.15
CA ILE A 148 -25.95 -29.86 45.11
C ILE A 148 -26.19 -28.85 46.29
N PHE A 149 -27.44 -28.48 46.53
CA PHE A 149 -27.81 -27.62 47.64
C PHE A 149 -27.12 -28.26 48.81
N LEU A 150 -27.36 -29.53 49.04
CA LEU A 150 -26.76 -30.13 50.26
C LEU A 150 -25.25 -29.88 50.30
N THR A 151 -24.61 -30.03 49.15
CA THR A 151 -23.23 -29.84 49.06
C THR A 151 -22.84 -28.35 49.16
N LEU A 152 -23.68 -27.39 48.79
CA LEU A 152 -23.31 -25.96 48.87
C LEU A 152 -23.30 -25.48 50.37
N ILE A 153 -24.16 -26.07 51.23
CA ILE A 153 -24.25 -25.61 52.56
C ILE A 153 -23.42 -26.54 53.32
N ASP A 154 -22.87 -27.51 52.63
CA ASP A 154 -21.97 -28.46 53.29
C ASP A 154 -22.60 -29.11 54.51
N VAL A 155 -23.72 -29.81 54.38
CA VAL A 155 -24.21 -30.67 55.47
C VAL A 155 -23.31 -31.94 55.65
N PRO A 156 -23.18 -32.42 56.91
CA PRO A 156 -22.19 -33.56 57.19
C PRO A 156 -22.79 -34.77 56.56
N LEU A 157 -21.93 -35.65 56.07
CA LEU A 157 -22.39 -36.70 55.13
C LEU A 157 -23.46 -37.69 55.71
N GLU A 158 -23.23 -38.15 56.93
CA GLU A 158 -24.23 -38.92 57.65
C GLU A 158 -25.70 -38.43 57.44
N ASP A 159 -25.89 -37.13 57.58
CA ASP A 159 -27.22 -36.55 57.45
C ASP A 159 -27.83 -36.55 56.03
N ARG A 160 -26.99 -36.51 54.99
CA ARG A 160 -27.47 -36.32 53.62
C ARG A 160 -28.63 -37.21 53.24
N PRO A 161 -28.68 -38.50 53.67
CA PRO A 161 -29.81 -39.36 53.23
C PRO A 161 -31.11 -38.99 53.85
N ARG A 162 -31.04 -38.66 55.12
CA ARG A 162 -32.23 -38.27 55.82
C ARG A 162 -32.72 -36.90 55.31
N LEU A 163 -31.78 -36.00 55.09
CA LEU A 163 -32.11 -34.65 54.61
C LEU A 163 -32.61 -34.59 53.14
N ARG A 164 -32.30 -35.61 52.33
CA ARG A 164 -32.74 -35.70 50.88
C ARG A 164 -34.17 -36.07 50.85
N GLN A 165 -34.62 -36.95 51.76
CA GLN A 165 -36.03 -37.30 51.78
C GLN A 165 -36.84 -36.13 52.24
N LEU A 166 -36.50 -35.60 53.42
CA LEU A 166 -37.11 -34.39 53.99
C LEU A 166 -37.38 -33.33 52.96
N GLY A 167 -36.35 -33.11 52.14
CA GLY A 167 -36.26 -32.16 51.09
C GLY A 167 -37.06 -32.50 49.91
N VAL A 168 -37.19 -33.78 49.57
CA VAL A 168 -37.86 -34.18 48.33
C VAL A 168 -39.28 -33.62 48.26
N GLN A 169 -39.98 -33.66 49.38
CA GLN A 169 -41.30 -33.06 49.46
C GLN A 169 -41.20 -31.52 49.45
N LEU A 170 -41.16 -30.90 48.27
CA LEU A 170 -40.89 -29.47 48.14
C LEU A 170 -39.82 -29.20 47.04
N THR A 171 -39.37 -30.29 46.43
CA THR A 171 -38.85 -30.17 45.09
C THR A 171 -39.67 -30.99 44.07
N ARG A 172 -40.95 -30.68 43.87
CA ARG A 172 -41.67 -29.52 44.44
C ARG A 172 -43.18 -29.68 44.27
N PRO A 173 -43.63 -30.60 43.34
CA PRO A 173 -44.92 -30.53 42.56
C PRO A 173 -46.00 -29.53 43.12
N ASP A 174 -46.33 -28.49 42.32
CA ASP A 174 -47.63 -27.69 42.38
C ASP A 174 -48.19 -27.10 43.73
N GLY A 175 -49.15 -27.78 44.42
CA GLY A 175 -49.68 -29.21 44.33
C GLY A 175 -50.60 -29.63 45.51
N SER A 176 -51.69 -28.83 45.69
CA SER A 176 -52.69 -28.84 46.77
C SER A 176 -52.18 -28.69 48.21
N MET A 177 -51.10 -27.92 48.36
CA MET A 177 -50.55 -27.38 49.67
C MET A 177 -50.34 -25.81 49.58
N THR A 178 -51.04 -25.05 50.45
CA THR A 178 -51.03 -23.61 50.24
C THR A 178 -49.65 -23.02 50.11
N VAL A 179 -49.63 -21.94 49.36
CA VAL A 179 -48.54 -20.98 49.32
C VAL A 179 -47.99 -20.78 50.74
N GLU A 180 -48.85 -20.53 51.72
CA GLU A 180 -48.38 -20.42 53.10
C GLU A 180 -47.66 -21.66 53.69
N GLN A 181 -48.26 -22.84 53.57
CA GLN A 181 -47.71 -24.11 54.02
C GLN A 181 -46.43 -24.51 53.36
N LEU A 182 -46.36 -24.21 52.08
CA LEU A 182 -45.12 -24.35 51.32
C LEU A 182 -43.99 -23.57 51.94
N LYS A 183 -44.26 -22.36 52.44
CA LYS A 183 -43.18 -21.52 52.89
C LYS A 183 -42.85 -21.94 54.25
N GLN A 184 -43.82 -22.51 54.93
CA GLN A 184 -43.61 -22.97 56.27
C GLN A 184 -42.74 -24.23 56.22
N ALA A 185 -42.99 -25.03 55.18
CA ALA A 185 -42.28 -26.30 55.07
C ALA A 185 -40.78 -26.16 54.74
N ALA A 186 -40.48 -25.22 53.89
CA ALA A 186 -39.10 -24.83 53.57
C ALA A 186 -38.38 -24.04 54.68
N ASP A 187 -39.02 -23.08 55.36
CA ASP A 187 -38.46 -22.54 56.59
C ASP A 187 -38.15 -23.65 57.62
N ASP A 188 -39.02 -24.65 57.71
CA ASP A 188 -38.79 -25.65 58.72
C ASP A 188 -37.67 -26.58 58.35
N TYR A 189 -37.61 -26.78 57.07
CA TYR A 189 -36.52 -27.50 56.56
C TYR A 189 -35.24 -26.72 56.74
N LEU A 190 -35.27 -25.38 56.62
CA LEU A 190 -34.06 -24.70 56.44
C LEU A 190 -33.53 -24.28 57.77
N TRP A 191 -34.44 -23.85 58.65
CA TRP A 191 -34.11 -23.34 59.97
C TRP A 191 -32.87 -23.95 60.66
N PRO A 192 -32.82 -25.32 60.74
CA PRO A 192 -31.69 -25.99 61.52
C PRO A 192 -30.34 -25.63 60.93
N PHE A 193 -30.36 -25.42 59.62
CA PHE A 193 -29.15 -25.14 58.96
C PHE A 193 -28.76 -23.71 59.29
N ILE A 194 -29.76 -22.85 59.47
CA ILE A 194 -29.51 -21.47 59.76
C ILE A 194 -28.96 -21.20 61.22
N GLU A 195 -29.47 -21.95 62.19
CA GLU A 195 -29.12 -21.78 63.58
C GLU A 195 -27.62 -22.04 63.63
N LYS A 196 -27.24 -23.21 63.06
CA LYS A 196 -25.90 -23.75 63.21
C LYS A 196 -24.91 -22.75 62.69
N ARG A 197 -25.26 -22.01 61.67
CA ARG A 197 -24.26 -21.33 60.87
C ARG A 197 -24.26 -19.85 61.22
N MET A 198 -25.29 -19.40 61.98
CA MET A 198 -25.28 -17.98 62.43
C MET A 198 -24.55 -18.14 63.72
N ALA A 199 -24.80 -19.25 64.44
CA ALA A 199 -23.93 -19.57 65.60
C ALA A 199 -22.43 -19.87 65.28
N GLN A 200 -22.13 -20.99 64.65
CA GLN A 200 -20.76 -21.35 64.26
C GLN A 200 -20.64 -21.17 62.75
N PRO A 201 -20.27 -20.00 62.29
CA PRO A 201 -20.15 -19.87 60.86
C PRO A 201 -19.11 -20.80 60.42
N GLY A 202 -19.39 -21.59 59.34
CA GLY A 202 -18.31 -22.27 58.55
C GLY A 202 -17.92 -21.54 57.28
N ASP A 203 -17.57 -22.30 56.28
CA ASP A 203 -17.00 -21.77 55.06
C ASP A 203 -17.94 -22.17 53.88
N ASP A 204 -19.02 -22.86 54.11
CA ASP A 204 -20.12 -23.01 53.10
C ASP A 204 -20.90 -21.73 52.64
N LEU A 205 -21.86 -21.95 51.77
CA LEU A 205 -22.54 -20.89 51.13
C LEU A 205 -23.21 -19.97 52.10
N PHE A 206 -24.04 -20.56 52.98
CA PHE A 206 -24.88 -19.76 53.88
C PHE A 206 -23.98 -19.06 54.90
N SER A 207 -23.10 -19.80 55.55
CA SER A 207 -22.27 -19.11 56.52
C SER A 207 -21.63 -17.88 55.91
N ARG A 208 -21.03 -18.06 54.73
CA ARG A 208 -20.38 -16.92 54.07
C ARG A 208 -21.32 -15.72 53.93
N ILE A 209 -22.62 -15.97 53.70
CA ILE A 209 -23.47 -14.85 53.37
C ILE A 209 -23.91 -14.21 54.61
N LEU A 210 -24.27 -15.06 55.59
CA LEU A 210 -24.67 -14.67 56.90
C LEU A 210 -23.61 -13.94 57.77
N SER A 211 -22.35 -14.15 57.57
CA SER A 211 -21.45 -13.30 58.28
C SER A 211 -21.14 -11.94 57.59
N GLU A 212 -21.65 -11.67 56.38
CA GLU A 212 -21.42 -10.31 55.84
C GLU A 212 -22.49 -9.42 56.36
N PRO A 213 -22.21 -8.09 56.48
CA PRO A 213 -23.26 -7.17 56.92
C PRO A 213 -24.26 -6.90 55.80
N VAL A 214 -25.35 -6.22 56.12
CA VAL A 214 -26.28 -5.71 55.14
C VAL A 214 -26.35 -4.18 55.37
N GLY A 215 -25.94 -3.37 54.37
CA GLY A 215 -25.68 -1.94 54.59
C GLY A 215 -25.14 -1.58 55.98
N GLY A 216 -24.05 -2.22 56.39
CA GLY A 216 -23.46 -1.87 57.64
C GLY A 216 -23.90 -2.66 58.88
N ARG A 217 -25.16 -3.04 58.94
CA ARG A 217 -25.81 -3.78 60.11
C ARG A 217 -25.81 -5.28 59.91
N PRO A 218 -25.97 -6.04 60.98
CA PRO A 218 -26.02 -7.53 60.90
C PRO A 218 -27.42 -7.97 60.35
N TRP A 219 -27.49 -9.03 59.53
CA TRP A 219 -28.79 -9.69 59.18
C TRP A 219 -29.74 -9.92 60.44
N THR A 220 -31.03 -9.54 60.38
CA THR A 220 -32.03 -10.08 61.32
C THR A 220 -32.30 -11.56 61.02
N VAL A 221 -32.98 -12.21 61.94
CA VAL A 221 -33.17 -13.63 61.84
C VAL A 221 -34.11 -13.86 60.64
N ASP A 222 -35.15 -13.02 60.49
CA ASP A 222 -36.18 -13.13 59.40
C ASP A 222 -35.61 -12.88 57.99
N GLU A 223 -34.75 -11.89 57.87
CA GLU A 223 -34.11 -11.66 56.63
C GLU A 223 -33.41 -12.97 56.19
N ALA A 224 -32.59 -13.59 57.06
CA ALA A 224 -31.86 -14.85 56.72
C ALA A 224 -32.83 -15.96 56.30
N ARG A 225 -33.94 -16.05 57.06
CA ARG A 225 -35.04 -16.90 56.68
C ARG A 225 -35.39 -16.60 55.25
N ARG A 226 -35.67 -15.34 54.91
CA ARG A 226 -36.16 -14.98 53.57
C ARG A 226 -35.17 -15.19 52.44
N MET A 227 -33.88 -14.98 52.76
CA MET A 227 -32.78 -14.99 51.79
C MET A 227 -32.40 -16.41 51.57
N CYS A 228 -32.31 -17.22 52.64
CA CYS A 228 -32.07 -18.67 52.43
C CYS A 228 -33.12 -19.43 51.59
N ARG A 229 -34.34 -19.17 51.91
CA ARG A 229 -35.43 -19.75 51.22
C ARG A 229 -35.28 -19.52 49.74
N ASN A 230 -35.08 -18.24 49.41
CA ASN A 230 -34.71 -17.75 48.12
C ASN A 230 -33.49 -18.47 47.41
N LEU A 231 -32.40 -18.69 48.12
CA LEU A 231 -31.37 -19.55 47.57
C LEU A 231 -31.81 -20.96 47.31
N LEU A 232 -32.47 -21.62 48.26
CA LEU A 232 -33.00 -22.92 48.06
C LEU A 232 -33.79 -22.90 46.78
N PHE A 233 -34.95 -22.21 46.82
CA PHE A 233 -35.89 -22.26 45.71
C PHE A 233 -35.27 -21.86 44.38
N GLY A 234 -34.50 -20.73 44.38
CA GLY A 234 -33.84 -20.18 43.18
C GLY A 234 -32.94 -21.24 42.56
N GLY A 235 -32.56 -22.24 43.33
CA GLY A 235 -31.59 -23.22 42.83
C GLY A 235 -32.09 -24.56 42.32
N LEU A 236 -33.39 -24.81 42.54
CA LEU A 236 -34.02 -26.13 42.33
C LEU A 236 -34.79 -26.17 41.05
N ASP A 237 -36.00 -25.59 41.00
CA ASP A 237 -36.81 -25.60 39.81
C ASP A 237 -36.04 -25.18 38.56
N THR A 238 -35.25 -24.11 38.59
CA THR A 238 -34.61 -23.63 37.37
C THR A 238 -33.50 -24.58 36.94
N VAL A 239 -32.57 -24.88 37.84
CA VAL A 239 -31.52 -25.84 37.45
C VAL A 239 -32.04 -27.15 36.78
N ALA A 240 -32.99 -27.83 37.41
CA ALA A 240 -33.67 -29.06 36.91
C ALA A 240 -34.26 -28.86 35.50
N ALA A 241 -34.90 -27.72 35.28
CA ALA A 241 -35.47 -27.53 34.02
C ALA A 241 -34.32 -27.52 33.06
N MET A 242 -33.41 -26.63 33.29
CA MET A 242 -32.25 -26.54 32.47
C MET A 242 -31.57 -27.93 32.24
N ILE A 243 -31.17 -28.65 33.33
CA ILE A 243 -30.36 -29.87 33.14
C ILE A 243 -31.18 -30.77 32.17
N GLY A 244 -32.53 -30.70 32.37
CA GLY A 244 -33.58 -31.44 31.65
C GLY A 244 -33.50 -31.12 30.20
N MET A 245 -33.55 -29.86 29.82
CA MET A 245 -33.57 -29.45 28.44
C MET A 245 -32.22 -29.80 27.73
N VAL A 246 -31.19 -29.95 28.52
CA VAL A 246 -29.87 -30.14 28.00
C VAL A 246 -29.82 -31.60 27.68
N ALA A 247 -30.25 -32.46 28.61
CA ALA A 247 -30.32 -33.87 28.31
C ALA A 247 -31.26 -34.11 27.15
N LEU A 248 -32.42 -33.41 27.16
CA LEU A 248 -33.24 -33.35 25.91
C LEU A 248 -32.35 -33.08 24.70
N HIS A 249 -31.59 -31.99 24.73
CA HIS A 249 -30.98 -31.59 23.54
C HIS A 249 -30.18 -32.67 22.99
N LEU A 250 -29.39 -33.30 23.83
CA LEU A 250 -28.53 -34.36 23.40
C LEU A 250 -29.18 -35.62 22.89
N ALA A 251 -30.26 -36.10 23.50
CA ALA A 251 -31.03 -37.29 23.01
C ALA A 251 -31.53 -37.11 21.56
N ARG A 252 -31.74 -35.85 21.13
CA ARG A 252 -32.31 -35.45 19.84
C ARG A 252 -31.23 -34.96 18.86
N HIS A 253 -29.98 -34.83 19.35
CA HIS A 253 -28.85 -34.52 18.46
C HIS A 253 -27.71 -35.44 18.80
N PRO A 254 -27.77 -36.74 18.40
CA PRO A 254 -26.63 -37.60 18.77
C PRO A 254 -25.26 -37.12 18.18
N GLU A 255 -25.28 -36.27 17.15
CA GLU A 255 -24.07 -35.79 16.55
C GLU A 255 -23.34 -34.83 17.52
N ASP A 256 -24.14 -34.13 18.34
CA ASP A 256 -23.50 -33.25 19.38
C ASP A 256 -22.93 -34.09 20.46
N GLN A 257 -23.57 -35.23 20.65
CA GLN A 257 -23.15 -36.10 21.69
C GLN A 257 -21.78 -36.60 21.31
N ARG A 258 -21.53 -36.80 20.03
CA ARG A 258 -20.22 -37.30 19.60
C ARG A 258 -19.24 -36.10 19.56
N LEU A 259 -19.74 -34.92 19.12
CA LEU A 259 -18.84 -33.82 19.01
C LEU A 259 -18.22 -33.65 20.35
N LEU A 260 -19.11 -33.73 21.38
CA LEU A 260 -18.77 -33.54 22.77
C LEU A 260 -17.98 -34.62 23.50
N ARG A 261 -18.17 -35.89 23.15
CA ARG A 261 -17.35 -36.98 23.70
C ARG A 261 -15.93 -36.97 23.05
N GLU A 262 -15.87 -36.51 21.76
CA GLU A 262 -14.60 -36.34 21.07
C GLU A 262 -13.86 -35.08 21.56
N ARG A 263 -14.58 -33.97 21.60
CA ARG A 263 -13.93 -32.68 21.98
C ARG A 263 -14.40 -32.18 23.35
N PRO A 264 -13.99 -32.85 24.40
CA PRO A 264 -14.54 -32.50 25.68
C PRO A 264 -14.08 -31.11 26.04
N ASP A 265 -13.09 -30.62 25.34
CA ASP A 265 -12.66 -29.20 25.47
C ASP A 265 -13.66 -28.23 24.91
N LEU A 266 -14.73 -28.76 24.42
CA LEU A 266 -15.71 -27.91 23.86
C LEU A 266 -16.92 -27.79 24.74
N ILE A 267 -16.87 -28.39 25.95
CA ILE A 267 -18.05 -28.42 26.80
C ILE A 267 -18.45 -27.03 27.37
N PRO A 268 -17.48 -26.21 27.84
CA PRO A 268 -17.84 -24.94 28.34
C PRO A 268 -18.63 -24.14 27.38
N ALA A 269 -18.12 -24.02 26.14
CA ALA A 269 -18.81 -23.20 25.08
C ALA A 269 -20.20 -23.76 24.80
N ALA A 270 -20.39 -25.05 25.07
CA ALA A 270 -21.61 -25.68 24.53
C ALA A 270 -22.60 -25.45 25.57
N ALA A 271 -22.15 -25.61 26.84
CA ALA A 271 -23.03 -25.13 27.98
C ALA A 271 -23.62 -23.65 27.68
N ASP A 272 -22.74 -22.65 27.47
CA ASP A 272 -23.15 -21.34 27.27
C ASP A 272 -24.14 -21.28 26.13
N GLU A 273 -23.95 -22.10 25.07
CA GLU A 273 -24.85 -21.96 23.89
C GLU A 273 -26.17 -22.71 24.16
N LEU A 274 -26.07 -23.80 24.94
CA LEU A 274 -27.26 -24.56 25.28
C LEU A 274 -28.18 -23.74 26.23
N MET A 275 -27.60 -23.18 27.29
CA MET A 275 -28.22 -22.25 28.15
C MET A 275 -28.83 -21.01 27.44
N ARG A 276 -28.14 -20.38 26.47
CA ARG A 276 -28.83 -19.39 25.61
C ARG A 276 -30.01 -20.01 24.86
N ARG A 277 -29.86 -21.27 24.42
CA ARG A 277 -30.80 -21.97 23.47
C ARG A 277 -32.05 -22.36 24.12
N TYR A 278 -32.00 -22.86 25.38
CA TYR A 278 -33.22 -23.31 26.02
C TYR A 278 -33.65 -22.54 27.29
N PRO A 279 -34.01 -21.25 27.17
CA PRO A 279 -34.31 -20.65 28.39
C PRO A 279 -35.87 -20.79 28.70
N THR A 280 -36.24 -21.13 29.95
CA THR A 280 -37.64 -21.34 30.30
C THR A 280 -38.12 -20.53 31.50
N VAL A 281 -37.38 -19.52 31.94
CA VAL A 281 -37.85 -18.77 33.04
C VAL A 281 -38.68 -17.54 32.64
N ALA A 282 -39.65 -17.11 33.42
CA ALA A 282 -40.46 -15.90 33.11
C ALA A 282 -40.78 -15.12 34.42
N VAL A 283 -40.70 -13.80 34.41
CA VAL A 283 -40.96 -13.15 35.59
C VAL A 283 -42.08 -12.07 35.49
N SER A 284 -42.62 -11.72 36.66
CA SER A 284 -43.63 -10.68 36.74
C SER A 284 -43.08 -9.42 37.37
N ARG A 285 -43.64 -8.34 36.92
CA ARG A 285 -43.36 -7.14 37.60
C ARG A 285 -44.68 -6.41 37.89
N ASN A 286 -44.64 -5.48 38.84
CA ASN A 286 -45.79 -4.59 39.01
C ASN A 286 -45.47 -3.10 38.79
N ALA A 287 -46.26 -2.45 37.96
CA ALA A 287 -45.89 -1.10 37.60
C ALA A 287 -46.16 -0.19 38.80
N VAL A 288 -45.12 0.56 39.23
CA VAL A 288 -45.16 1.56 40.28
C VAL A 288 -45.18 2.92 39.67
N ALA A 289 -44.78 3.04 38.36
CA ALA A 289 -44.81 4.33 37.54
C ALA A 289 -45.26 3.93 36.18
N ASP A 290 -45.89 4.90 35.47
CA ASP A 290 -46.35 4.73 34.12
C ASP A 290 -45.19 4.65 33.18
N VAL A 291 -45.17 3.58 32.36
CA VAL A 291 -44.06 3.22 31.51
C VAL A 291 -44.49 3.15 30.11
N ASP A 292 -43.88 3.92 29.22
CA ASP A 292 -44.21 3.86 27.82
C ASP A 292 -43.36 2.80 27.12
N ALA A 293 -43.95 2.09 26.16
CA ALA A 293 -43.27 1.01 25.54
C ALA A 293 -43.99 0.61 24.31
N ASP A 294 -43.20 0.28 23.29
CA ASP A 294 -43.75 -0.19 22.05
C ASP A 294 -44.92 0.68 21.60
N GLY A 295 -44.76 1.97 21.77
CA GLY A 295 -45.83 2.89 21.47
C GLY A 295 -47.12 2.55 22.21
N VAL A 296 -47.05 2.37 23.52
CA VAL A 296 -48.25 2.29 24.33
C VAL A 296 -47.77 2.53 25.75
N THR A 297 -48.72 2.56 26.70
CA THR A 297 -48.35 2.95 28.08
C THR A 297 -48.87 1.96 29.02
N ILE A 298 -48.01 1.52 29.93
CA ILE A 298 -48.44 0.67 31.01
C ILE A 298 -48.70 1.53 32.24
N ARG A 299 -49.76 1.31 32.99
CA ARG A 299 -50.15 2.27 34.03
C ARG A 299 -49.74 1.76 35.40
N LYS A 300 -49.41 2.64 36.36
CA LYS A 300 -49.13 2.21 37.70
C LYS A 300 -50.20 1.19 38.05
N GLY A 301 -49.86 0.07 38.69
CA GLY A 301 -50.87 -0.95 39.02
C GLY A 301 -50.81 -2.16 38.09
N ASP A 302 -50.58 -1.96 36.81
CA ASP A 302 -50.57 -3.02 35.87
C ASP A 302 -49.55 -4.05 36.17
N LEU A 303 -49.90 -5.32 36.08
CA LEU A 303 -48.88 -6.39 36.08
C LEU A 303 -48.24 -6.64 34.69
N VAL A 304 -46.95 -6.96 34.69
CA VAL A 304 -46.24 -7.27 33.41
C VAL A 304 -45.52 -8.64 33.45
N TYR A 305 -45.65 -9.42 32.40
CA TYR A 305 -45.04 -10.74 32.39
C TYR A 305 -43.93 -10.79 31.33
N LEU A 306 -42.81 -11.36 31.74
CA LEU A 306 -41.65 -11.21 30.89
C LEU A 306 -41.09 -12.63 30.63
N PRO A 307 -41.38 -13.25 29.43
CA PRO A 307 -40.78 -14.54 29.05
C PRO A 307 -39.41 -14.37 28.43
N SER A 308 -38.36 -14.84 29.08
CA SER A 308 -37.09 -14.68 28.55
C SER A 308 -36.93 -15.30 27.12
N VAL A 309 -37.75 -16.30 26.78
CA VAL A 309 -37.56 -17.05 25.56
C VAL A 309 -37.96 -16.14 24.39
N LEU A 310 -38.84 -15.16 24.64
CA LEU A 310 -39.15 -14.20 23.56
C LEU A 310 -38.00 -13.21 23.33
N HIS A 311 -36.95 -13.25 24.19
CA HIS A 311 -35.73 -12.47 23.83
C HIS A 311 -34.75 -13.36 23.12
N ASN A 312 -34.35 -14.44 23.74
CA ASN A 312 -33.31 -15.29 23.24
C ASN A 312 -33.61 -15.91 21.93
N LEU A 313 -34.88 -16.18 21.67
CA LEU A 313 -35.28 -16.97 20.53
C LEU A 313 -36.09 -16.12 19.55
N ASP A 314 -36.10 -14.82 19.74
CA ASP A 314 -36.71 -13.93 18.79
C ASP A 314 -35.78 -13.72 17.67
N PRO A 315 -36.15 -14.14 16.45
CA PRO A 315 -35.14 -13.95 15.38
C PRO A 315 -34.87 -12.47 15.13
N ALA A 316 -35.69 -11.58 15.69
CA ALA A 316 -35.45 -10.14 15.46
C ALA A 316 -34.35 -9.58 16.35
N SER A 317 -33.97 -10.36 17.37
CA SER A 317 -32.97 -9.94 18.35
C SER A 317 -31.66 -10.74 18.24
N PHE A 318 -31.73 -11.93 17.64
CA PHE A 318 -30.57 -12.83 17.44
C PHE A 318 -30.74 -13.57 16.16
N GLU A 319 -29.69 -13.59 15.36
CA GLU A 319 -29.61 -14.41 14.16
C GLU A 319 -29.88 -15.93 14.40
N ALA A 320 -30.72 -16.59 13.57
CA ALA A 320 -30.95 -18.06 13.68
C ALA A 320 -30.98 -18.57 15.11
N PRO A 321 -31.93 -18.05 15.87
CA PRO A 321 -31.82 -18.26 17.29
C PRO A 321 -31.91 -19.72 17.62
N GLU A 322 -32.70 -20.44 16.88
CA GLU A 322 -32.82 -21.88 17.15
C GLU A 322 -31.58 -22.78 16.77
N GLU A 323 -30.54 -22.16 16.18
CA GLU A 323 -29.30 -22.93 15.88
C GLU A 323 -28.30 -22.91 17.08
N VAL A 324 -27.84 -24.07 17.49
CA VAL A 324 -26.79 -24.15 18.44
C VAL A 324 -25.50 -23.99 17.58
N ARG A 325 -24.93 -22.77 17.48
CA ARG A 325 -23.71 -22.57 16.72
C ARG A 325 -22.61 -22.04 17.55
N PHE A 326 -21.37 -22.20 17.14
CA PHE A 326 -20.23 -21.92 18.04
C PHE A 326 -19.46 -20.66 17.67
N ASP A 327 -20.04 -19.79 16.85
CA ASP A 327 -19.38 -18.64 16.33
C ASP A 327 -20.17 -17.36 16.58
N ARG A 328 -20.87 -17.27 17.69
CA ARG A 328 -21.62 -16.01 18.05
C ARG A 328 -20.73 -15.01 18.80
N GLY A 329 -19.74 -15.49 19.56
CA GLY A 329 -19.00 -14.66 20.41
C GLY A 329 -20.00 -13.97 21.27
N LEU A 330 -21.01 -14.63 21.84
CA LEU A 330 -21.93 -13.95 22.73
C LEU A 330 -21.60 -14.12 24.18
N ALA A 331 -21.30 -13.05 24.89
CA ALA A 331 -21.21 -13.14 26.34
C ALA A 331 -22.56 -13.55 26.92
N PRO A 332 -22.58 -14.48 27.88
CA PRO A 332 -23.95 -14.84 28.46
C PRO A 332 -24.89 -13.70 28.96
N ILE A 333 -24.35 -12.58 29.43
CA ILE A 333 -25.15 -11.51 29.99
C ILE A 333 -25.85 -10.82 28.90
N ARG A 334 -25.46 -11.09 27.66
CA ARG A 334 -26.10 -10.47 26.46
C ARG A 334 -27.44 -11.15 26.11
N HIS A 335 -27.77 -12.26 26.78
CA HIS A 335 -29.09 -12.83 26.51
C HIS A 335 -29.74 -12.90 27.83
N THR A 336 -31.03 -13.24 27.89
CA THR A 336 -31.84 -13.09 29.14
C THR A 336 -32.21 -14.39 29.94
N THR A 337 -31.40 -15.39 29.82
CA THR A 337 -31.75 -16.57 30.49
C THR A 337 -31.76 -16.25 31.98
N MET A 338 -30.63 -15.76 32.51
CA MET A 338 -30.50 -15.51 33.92
C MET A 338 -31.03 -14.08 34.27
N GLY A 339 -31.74 -13.49 33.34
CA GLY A 339 -32.37 -12.22 33.55
C GLY A 339 -31.63 -11.11 32.94
N VAL A 340 -31.76 -9.91 33.51
CA VAL A 340 -31.07 -8.70 33.11
C VAL A 340 -31.16 -7.55 34.13
N GLY A 341 -30.05 -6.85 34.37
CA GLY A 341 -30.04 -5.62 35.08
C GLY A 341 -29.82 -5.92 36.54
N ALA A 342 -30.27 -5.05 37.43
CA ALA A 342 -30.04 -5.25 38.82
C ALA A 342 -30.44 -6.69 39.28
N HIS A 343 -31.48 -7.29 38.67
CA HIS A 343 -31.98 -8.53 39.28
C HIS A 343 -31.37 -9.86 38.77
N ARG A 344 -30.23 -9.77 38.06
CA ARG A 344 -29.71 -10.82 37.22
C ARG A 344 -29.08 -11.99 38.00
N CYS A 345 -29.53 -13.18 37.78
CA CYS A 345 -29.18 -14.27 38.68
C CYS A 345 -27.82 -14.18 39.28
N VAL A 346 -27.77 -14.07 40.62
CA VAL A 346 -26.50 -14.17 41.49
C VAL A 346 -25.82 -15.48 41.22
N GLY A 347 -26.62 -16.51 41.00
CA GLY A 347 -26.24 -17.84 40.66
C GLY A 347 -25.87 -18.18 39.22
N ALA A 348 -25.83 -17.19 38.33
CA ALA A 348 -25.30 -17.35 36.97
C ALA A 348 -24.02 -18.23 36.91
N GLY A 349 -22.94 -17.63 37.39
CA GLY A 349 -21.64 -18.31 37.41
C GLY A 349 -21.79 -19.76 37.82
N LEU A 350 -22.45 -20.00 38.95
CA LEU A 350 -22.75 -21.36 39.52
C LEU A 350 -23.59 -22.28 38.67
N ALA A 351 -24.68 -21.72 38.10
CA ALA A 351 -25.49 -22.50 37.21
C ALA A 351 -24.56 -23.01 36.08
N ARG A 352 -23.72 -22.12 35.55
CA ARG A 352 -23.04 -22.42 34.30
C ARG A 352 -22.05 -23.54 34.53
N MET A 353 -21.42 -23.43 35.66
CA MET A 353 -20.55 -24.50 36.21
C MET A 353 -21.48 -25.79 36.38
N GLU A 354 -22.61 -25.61 37.03
CA GLU A 354 -23.44 -26.71 37.23
C GLU A 354 -23.62 -27.46 35.93
N VAL A 355 -24.01 -26.74 34.89
CA VAL A 355 -24.35 -27.41 33.65
C VAL A 355 -23.11 -28.07 33.15
N ILE A 356 -21.96 -27.32 33.22
CA ILE A 356 -20.72 -27.86 32.60
C ILE A 356 -20.36 -29.29 33.20
N VAL A 357 -20.11 -29.31 34.50
CA VAL A 357 -19.96 -30.51 35.28
C VAL A 357 -20.95 -31.68 34.96
N PHE A 358 -22.21 -31.36 34.69
CA PHE A 358 -23.20 -32.34 34.23
C PHE A 358 -22.85 -32.85 32.91
N LEU A 359 -22.42 -31.95 32.05
CA LEU A 359 -22.03 -32.38 30.69
C LEU A 359 -20.84 -33.26 30.80
N ARG A 360 -19.82 -32.76 31.50
CA ARG A 360 -18.57 -33.52 31.68
C ARG A 360 -18.86 -34.93 32.19
N GLU A 361 -19.57 -35.08 33.34
CA GLU A 361 -19.97 -36.45 33.84
C GLU A 361 -20.96 -37.22 32.98
N TRP A 362 -22.03 -36.56 32.50
CA TRP A 362 -23.00 -37.24 31.68
C TRP A 362 -22.43 -37.74 30.35
N LEU A 363 -21.62 -36.96 29.66
CA LEU A 363 -20.98 -37.46 28.40
C LEU A 363 -19.75 -38.44 28.57
N GLY A 364 -18.89 -38.20 29.56
CA GLY A 364 -17.77 -39.04 29.86
C GLY A 364 -18.21 -40.41 30.33
N GLY A 365 -19.08 -40.47 31.35
CA GLY A 365 -19.34 -41.75 31.99
C GLY A 365 -20.44 -42.47 31.20
N MET A 366 -21.36 -41.72 30.57
CA MET A 366 -22.43 -42.47 29.97
C MET A 366 -22.14 -42.94 28.52
N PRO A 367 -22.81 -43.98 28.07
CA PRO A 367 -22.73 -44.40 26.67
C PRO A 367 -23.73 -43.62 25.80
N GLU A 368 -23.96 -43.99 24.52
CA GLU A 368 -24.74 -43.14 23.69
C GLU A 368 -26.26 -43.30 23.99
N PHE A 369 -26.87 -42.29 24.60
CA PHE A 369 -28.30 -42.38 24.84
C PHE A 369 -29.18 -41.89 23.72
N ALA A 370 -30.51 -42.12 23.80
CA ALA A 370 -31.42 -41.63 22.78
C ALA A 370 -32.82 -41.51 23.44
N LEU A 371 -33.82 -40.93 22.71
CA LEU A 371 -35.15 -40.96 23.24
C LEU A 371 -35.67 -42.36 23.11
N ALA A 372 -36.53 -42.76 24.05
CA ALA A 372 -37.30 -44.05 24.05
C ALA A 372 -38.25 -44.03 22.89
N PRO A 373 -38.54 -45.23 22.35
CA PRO A 373 -39.36 -45.33 21.11
C PRO A 373 -40.85 -45.18 21.38
N ASP A 374 -41.29 -45.70 22.49
CA ASP A 374 -42.74 -45.64 22.69
C ASP A 374 -43.15 -44.87 23.99
N LYS A 375 -42.46 -43.77 24.29
CA LYS A 375 -42.86 -42.86 25.38
C LYS A 375 -42.60 -41.47 24.92
N ALA A 376 -43.61 -40.63 25.04
CA ALA A 376 -43.50 -39.23 24.64
C ALA A 376 -42.61 -38.38 25.51
N VAL A 377 -42.13 -37.30 24.95
CA VAL A 377 -41.58 -36.21 25.73
C VAL A 377 -42.66 -35.14 25.95
N THR A 378 -42.86 -34.75 27.22
CA THR A 378 -43.82 -33.67 27.49
C THR A 378 -43.32 -32.66 28.41
N MET A 379 -43.72 -31.42 28.16
CA MET A 379 -43.30 -30.29 29.00
C MET A 379 -44.49 -29.64 29.76
N LYS A 380 -44.26 -28.60 30.53
CA LYS A 380 -45.31 -27.93 31.29
C LYS A 380 -45.04 -26.46 31.16
N GLY A 381 -45.99 -25.61 31.60
CA GLY A 381 -45.87 -24.15 31.46
C GLY A 381 -45.52 -23.44 32.76
N GLY A 382 -46.18 -22.32 33.04
CA GLY A 382 -45.83 -21.64 34.25
C GLY A 382 -44.56 -20.81 34.14
N ASN A 383 -44.01 -20.40 35.24
CA ASN A 383 -42.90 -19.52 35.32
C ASN A 383 -41.63 -20.24 35.05
N VAL A 384 -41.56 -21.51 35.40
CA VAL A 384 -40.35 -22.25 35.07
C VAL A 384 -40.71 -23.47 34.15
N GLY A 385 -40.60 -23.29 32.83
CA GLY A 385 -40.94 -24.35 31.97
C GLY A 385 -39.97 -25.50 32.07
N ALA A 386 -40.35 -26.68 31.61
CA ALA A 386 -39.56 -27.86 31.95
C ALA A 386 -40.16 -29.04 31.29
N CYS A 387 -39.40 -30.11 31.17
CA CYS A 387 -40.00 -31.35 30.76
C CYS A 387 -40.64 -31.97 32.00
N THR A 388 -41.69 -32.74 31.74
CA THR A 388 -42.32 -33.37 32.88
C THR A 388 -42.11 -34.79 32.72
N ALA A 389 -41.59 -35.17 31.55
CA ALA A 389 -41.21 -36.57 31.33
C ALA A 389 -40.19 -36.68 30.21
N LEU A 390 -39.09 -37.36 30.50
CA LEU A 390 -38.05 -37.52 29.50
C LEU A 390 -37.43 -38.92 29.53
N PRO A 391 -38.07 -39.86 28.80
CA PRO A 391 -37.67 -41.23 28.84
C PRO A 391 -36.51 -41.44 27.96
N LEU A 392 -35.39 -41.93 28.50
CA LEU A 392 -34.08 -42.09 27.81
C LEU A 392 -33.56 -43.51 27.91
N VAL A 393 -33.00 -44.04 26.81
CA VAL A 393 -32.57 -45.44 26.79
C VAL A 393 -31.10 -45.49 26.21
N TRP A 394 -30.36 -46.56 26.57
CA TRP A 394 -29.05 -46.78 26.15
C TRP A 394 -28.64 -48.17 26.54
N ARG A 395 -27.71 -48.75 25.80
CA ARG A 395 -27.18 -50.04 26.17
C ARG A 395 -26.28 -49.92 27.41
N ALA A 396 -26.68 -50.50 28.56
CA ALA A 396 -25.81 -50.48 29.77
C ALA A 396 -24.33 -50.96 29.49
N MET B 1 35.57 -13.49 21.73
CA MET B 1 35.53 -12.65 23.01
C MET B 1 34.10 -12.09 23.29
N ILE B 2 33.69 -12.16 24.60
CA ILE B 2 32.37 -11.78 25.13
C ILE B 2 32.38 -10.44 25.95
N PRO B 3 31.38 -9.59 25.75
CA PRO B 3 31.32 -8.27 26.40
C PRO B 3 31.24 -8.47 27.86
N ALA B 4 31.88 -7.59 28.66
CA ALA B 4 31.95 -7.65 30.13
C ALA B 4 30.62 -7.83 30.75
N HIS B 5 29.56 -7.19 30.26
CA HIS B 5 28.30 -7.17 30.97
C HIS B 5 27.44 -8.39 30.66
N VAL B 6 27.90 -9.22 29.76
CA VAL B 6 27.32 -10.57 29.51
C VAL B 6 27.94 -11.77 30.32
N PRO B 7 27.23 -12.35 31.33
CA PRO B 7 27.92 -13.35 32.14
C PRO B 7 28.10 -14.59 31.33
N ALA B 8 29.17 -15.32 31.59
CA ALA B 8 29.65 -16.44 30.78
C ALA B 8 28.57 -17.52 30.50
N ASP B 9 27.77 -17.75 31.54
CA ASP B 9 26.84 -18.87 31.60
C ASP B 9 25.62 -18.50 30.79
N ARG B 10 25.60 -17.36 30.05
CA ARG B 10 24.52 -16.98 29.07
C ARG B 10 24.96 -17.02 27.65
N VAL B 11 26.24 -17.29 27.41
CA VAL B 11 26.76 -17.39 26.06
C VAL B 11 26.36 -18.70 25.34
N VAL B 12 25.44 -18.57 24.34
CA VAL B 12 25.19 -19.71 23.42
C VAL B 12 25.58 -19.28 22.04
N ASP B 13 25.55 -20.19 21.09
CA ASP B 13 25.83 -19.78 19.68
C ASP B 13 24.69 -19.83 18.66
N PHE B 14 23.51 -20.19 19.09
CA PHE B 14 22.27 -20.08 18.28
C PHE B 14 22.30 -19.06 17.19
N ASP B 15 22.29 -19.54 15.96
CA ASP B 15 22.14 -18.73 14.78
C ASP B 15 20.72 -18.57 14.45
N ILE B 16 20.19 -17.39 14.65
CA ILE B 16 18.77 -17.20 14.42
C ILE B 16 18.39 -17.44 12.98
N PHE B 17 19.36 -17.27 12.09
CA PHE B 17 19.11 -17.59 10.64
C PHE B 17 18.90 -19.08 10.35
N ASN B 18 19.60 -19.96 11.07
CA ASN B 18 19.11 -21.31 11.22
C ASN B 18 19.46 -21.98 12.47
N PRO B 19 18.46 -22.05 13.33
CA PRO B 19 18.47 -22.80 14.54
C PRO B 19 18.67 -24.28 14.27
N PRO B 20 19.33 -24.93 15.16
CA PRO B 20 19.62 -26.36 14.90
C PRO B 20 18.31 -27.26 14.93
N GLY B 21 18.03 -27.95 13.81
CA GLY B 21 16.77 -28.68 13.63
C GLY B 21 15.67 -27.87 12.95
N VAL B 22 15.95 -26.59 12.63
CA VAL B 22 14.93 -25.77 12.06
C VAL B 22 14.20 -26.50 10.90
N GLU B 23 14.94 -27.18 10.08
CA GLU B 23 14.48 -27.60 8.80
C GLU B 23 13.45 -28.71 9.00
N GLN B 24 13.63 -29.53 10.03
CA GLN B 24 12.60 -30.52 10.35
C GLN B 24 11.43 -29.90 11.13
N ASP B 25 11.69 -29.19 12.21
CA ASP B 25 10.62 -28.59 12.96
C ASP B 25 11.05 -27.26 13.45
N TYR B 26 10.59 -26.20 12.80
CA TYR B 26 10.81 -24.78 13.29
C TYR B 26 10.58 -24.63 14.79
N PHE B 27 9.59 -25.29 15.37
CA PHE B 27 9.16 -24.95 16.74
C PHE B 27 10.02 -25.69 17.74
N ALA B 28 10.53 -26.89 17.38
CA ALA B 28 11.36 -27.63 18.38
C ALA B 28 12.57 -26.83 18.47
N ALA B 29 13.05 -26.46 17.31
CA ALA B 29 14.37 -25.81 17.17
C ALA B 29 14.49 -24.55 18.08
N TRP B 30 13.48 -23.71 18.06
CA TRP B 30 13.53 -22.57 18.92
C TRP B 30 13.35 -22.95 20.35
N LYS B 31 12.40 -23.85 20.64
CA LYS B 31 12.08 -24.28 22.05
C LYS B 31 13.26 -24.82 22.76
N THR B 32 14.23 -25.27 22.01
CA THR B 32 15.51 -25.68 22.70
C THR B 32 16.02 -24.58 23.69
N LEU B 33 15.86 -23.28 23.43
CA LEU B 33 16.32 -22.17 24.33
C LEU B 33 15.48 -22.02 25.62
N LEU B 34 14.52 -22.95 25.81
CA LEU B 34 13.55 -22.77 26.92
C LEU B 34 14.24 -23.35 28.20
N ASP B 35 15.03 -24.36 27.90
CA ASP B 35 15.80 -25.18 28.80
C ASP B 35 17.02 -24.52 29.48
N GLY B 36 17.33 -23.30 28.99
CA GLY B 36 18.41 -22.43 29.48
C GLY B 36 17.92 -21.12 30.04
N PRO B 37 18.85 -20.24 30.27
CA PRO B 37 18.52 -19.00 30.99
C PRO B 37 17.49 -18.19 30.21
N GLY B 38 16.77 -17.31 30.90
CA GLY B 38 15.60 -16.67 30.36
C GLY B 38 15.99 -15.57 29.40
N LEU B 39 17.27 -15.30 29.32
CA LEU B 39 17.82 -14.19 28.47
C LEU B 39 19.27 -14.47 28.19
N VAL B 40 19.53 -14.91 26.95
CA VAL B 40 20.82 -15.23 26.47
C VAL B 40 21.44 -14.25 25.52
N TRP B 41 22.78 -14.34 25.44
CA TRP B 41 23.63 -13.62 24.44
C TRP B 41 24.24 -14.65 23.46
N SER B 42 23.92 -14.48 22.18
CA SER B 42 24.40 -15.37 21.21
C SER B 42 25.66 -14.77 20.59
N THR B 43 26.68 -15.59 20.45
CA THR B 43 27.80 -15.22 19.61
C THR B 43 27.55 -15.01 18.12
N ALA B 44 26.47 -15.55 17.52
CA ALA B 44 26.35 -15.51 16.04
C ALA B 44 26.02 -14.12 15.53
N ASN B 45 25.99 -13.95 14.20
CA ASN B 45 25.53 -12.68 13.65
C ASN B 45 26.06 -11.37 14.35
N GLY B 46 27.33 -11.29 14.73
CA GLY B 46 27.84 -10.02 15.21
C GLY B 46 27.47 -9.75 16.61
N GLY B 47 26.78 -10.70 17.22
CA GLY B 47 26.53 -10.74 18.68
C GLY B 47 25.33 -9.96 19.16
N HIS B 48 24.34 -10.66 19.67
CA HIS B 48 23.19 -9.93 20.21
C HIS B 48 22.53 -10.71 21.31
N TRP B 49 21.51 -10.14 21.96
CA TRP B 49 20.72 -10.79 23.04
C TRP B 49 19.52 -11.62 22.37
N ILE B 50 19.09 -12.70 23.03
CA ILE B 50 17.82 -13.30 22.63
C ILE B 50 17.02 -13.52 23.90
N ALA B 51 15.78 -13.05 23.92
CA ALA B 51 14.78 -13.45 24.94
C ALA B 51 14.39 -14.86 24.65
N ALA B 52 14.22 -15.60 25.74
CA ALA B 52 14.07 -17.04 25.69
C ALA B 52 13.18 -17.65 26.83
N ARG B 53 12.20 -16.86 27.22
CA ARG B 53 11.20 -17.17 28.26
C ARG B 53 10.01 -16.16 28.07
N GLY B 54 8.83 -16.73 27.93
CA GLY B 54 7.71 -15.95 27.55
C GLY B 54 7.71 -14.61 28.26
N ASP B 55 8.06 -14.62 29.53
CA ASP B 55 7.80 -13.43 30.38
C ASP B 55 8.69 -12.29 29.94
N VAL B 56 9.90 -12.70 29.53
CA VAL B 56 10.97 -11.85 29.12
C VAL B 56 10.67 -11.40 27.74
N VAL B 57 10.52 -12.32 26.76
CA VAL B 57 10.05 -12.01 25.38
C VAL B 57 8.90 -11.01 25.42
N ARG B 58 7.90 -11.27 26.27
CA ARG B 58 6.70 -10.39 26.37
C ARG B 58 6.91 -9.00 26.96
N GLU B 59 7.66 -8.85 28.04
CA GLU B 59 7.87 -7.47 28.60
C GLU B 59 8.80 -6.59 27.80
N LEU B 60 9.81 -7.17 27.20
CA LEU B 60 10.74 -6.40 26.40
C LEU B 60 10.05 -5.91 25.13
N TRP B 61 9.21 -6.70 24.56
CA TRP B 61 8.52 -6.30 23.36
C TRP B 61 7.72 -5.10 23.58
N GLY B 62 7.08 -5.05 24.71
CA GLY B 62 6.35 -3.85 25.05
C GLY B 62 7.17 -2.66 25.34
N ASP B 63 8.43 -2.84 25.72
CA ASP B 63 9.29 -1.67 26.01
C ASP B 63 9.68 -0.90 24.75
N ALA B 64 8.64 -0.38 24.10
CA ALA B 64 8.77 0.59 22.96
C ALA B 64 9.57 1.87 23.26
N GLU B 65 9.67 2.32 24.51
CA GLU B 65 10.53 3.45 24.80
C GLU B 65 12.01 3.17 24.99
N ARG B 66 12.38 1.99 25.45
CA ARG B 66 13.82 1.71 25.79
C ARG B 66 14.51 0.82 24.76
N LEU B 67 13.68 0.04 24.06
CA LEU B 67 14.07 -0.77 22.98
C LEU B 67 13.37 -0.35 21.68
N SER B 68 14.17 0.10 20.69
CA SER B 68 13.68 0.84 19.56
C SER B 68 13.54 -0.13 18.48
N SER B 69 12.63 0.24 17.55
CA SER B 69 12.25 -0.51 16.39
C SER B 69 13.04 -0.08 15.22
N GLN B 70 14.13 0.60 15.39
CA GLN B 70 14.81 1.07 14.17
C GLN B 70 15.74 0.05 13.44
N CYS B 71 16.59 -0.69 14.17
CA CYS B 71 17.56 -1.64 13.60
C CYS B 71 16.89 -2.69 12.61
N LEU B 72 15.69 -3.20 12.92
CA LEU B 72 14.91 -4.05 12.04
C LEU B 72 15.34 -5.56 11.92
N ALA B 73 16.59 -5.78 11.60
CA ALA B 73 17.15 -7.16 11.63
C ALA B 73 18.48 -7.08 12.42
N VAL B 74 19.03 -8.21 12.81
CA VAL B 74 20.41 -8.19 13.34
C VAL B 74 21.49 -8.00 12.18
N THR B 75 21.11 -8.22 10.86
CA THR B 75 22.06 -7.90 9.67
C THR B 75 22.29 -6.37 9.40
N PRO B 76 23.52 -5.87 9.68
CA PRO B 76 23.80 -4.47 9.57
C PRO B 76 23.24 -3.89 8.23
N GLY B 77 22.58 -2.73 8.30
CA GLY B 77 22.17 -2.13 7.07
C GLY B 77 20.71 -2.26 6.60
N LEU B 78 20.13 -3.48 6.77
CA LEU B 78 18.74 -3.77 6.33
C LEU B 78 17.67 -2.65 6.79
N GLY B 79 17.77 -2.23 8.05
CA GLY B 79 16.82 -1.29 8.56
C GLY B 79 17.14 0.05 8.02
N LYS B 80 18.44 0.36 7.91
CA LYS B 80 18.80 1.65 7.27
C LYS B 80 18.18 1.75 5.86
N VAL B 81 18.18 0.63 5.20
CA VAL B 81 17.78 0.60 3.84
C VAL B 81 16.20 0.72 3.71
N MET B 82 15.46 -0.13 4.46
CA MET B 82 14.01 -0.36 4.29
C MET B 82 13.19 0.77 4.84
N GLN B 83 13.66 1.44 5.87
CA GLN B 83 12.89 2.57 6.36
C GLN B 83 11.35 2.47 6.55
N PHE B 84 10.87 1.34 7.02
CA PHE B 84 9.43 1.06 7.01
C PHE B 84 8.67 2.04 7.86
N ILE B 85 7.51 2.50 7.36
CA ILE B 85 6.57 3.23 8.23
C ILE B 85 5.35 2.35 8.33
N PRO B 86 4.81 2.14 9.51
CA PRO B 86 5.35 2.63 10.78
C PRO B 86 6.32 1.69 11.42
N LEU B 87 6.58 0.53 10.82
CA LEU B 87 7.08 -0.64 11.61
C LEU B 87 8.32 -0.28 12.35
N GLN B 88 9.07 0.65 11.78
CA GLN B 88 10.43 1.03 12.19
C GLN B 88 10.55 2.35 12.86
N GLN B 89 9.51 2.82 13.50
CA GLN B 89 9.49 4.15 14.09
C GLN B 89 9.24 4.05 15.60
N ASP B 90 9.53 5.13 16.30
CA ASP B 90 9.31 5.21 17.73
C ASP B 90 8.43 6.41 18.24
N GLY B 91 7.88 6.27 19.46
CA GLY B 91 7.32 7.32 20.16
C GLY B 91 6.40 8.10 19.34
N ALA B 92 6.54 9.44 19.42
CA ALA B 92 5.51 10.37 18.96
C ALA B 92 5.39 10.22 17.45
N GLU B 93 6.52 10.03 16.77
CA GLU B 93 6.45 9.91 15.33
C GLU B 93 5.69 8.65 14.98
N HIS B 94 5.94 7.56 15.70
CA HIS B 94 5.38 6.32 15.31
C HIS B 94 3.80 6.37 15.47
N LYS B 95 3.37 6.95 16.60
CA LYS B 95 1.94 7.18 16.91
C LYS B 95 1.26 7.91 15.80
N ALA B 96 1.91 8.93 15.26
CA ALA B 96 1.29 9.81 14.30
C ALA B 96 0.99 9.08 12.99
N PHE B 97 1.88 8.18 12.59
CA PHE B 97 1.74 7.49 11.37
C PHE B 97 0.94 6.23 11.55
N ARG B 98 0.84 5.66 12.76
CA ARG B 98 0.06 4.45 12.96
C ARG B 98 -1.40 4.83 12.81
N THR B 99 -1.75 5.98 13.37
CA THR B 99 -3.13 6.40 13.39
C THR B 99 -3.85 6.25 12.09
N PRO B 100 -3.38 6.94 11.00
CA PRO B 100 -4.17 6.85 9.76
C PRO B 100 -4.08 5.44 9.24
N VAL B 101 -2.99 4.74 9.55
CA VAL B 101 -2.73 3.44 8.98
C VAL B 101 -3.67 2.40 9.60
N MET B 102 -3.81 2.52 10.90
CA MET B 102 -4.66 1.65 11.61
C MET B 102 -6.05 1.93 11.10
N LYS B 103 -6.37 3.20 10.94
CA LYS B 103 -7.71 3.55 10.56
C LYS B 103 -7.97 2.93 9.19
N GLY B 104 -7.04 3.01 8.27
CA GLY B 104 -7.18 2.27 7.05
C GLY B 104 -7.69 0.85 7.17
N LEU B 105 -7.19 0.16 8.17
CA LEU B 105 -7.29 -1.33 8.20
C LEU B 105 -8.32 -1.73 9.25
N ALA B 106 -9.16 -0.75 9.60
CA ALA B 106 -10.21 -0.93 10.65
C ALA B 106 -11.21 -2.02 10.20
N SER B 107 -11.95 -2.63 11.15
CA SER B 107 -12.76 -3.87 10.78
C SER B 107 -14.02 -3.70 9.84
N ARG B 108 -14.70 -2.56 9.93
CA ARG B 108 -15.76 -2.32 8.92
C ARG B 108 -15.11 -2.47 7.54
N PHE B 109 -13.84 -2.21 7.42
CA PHE B 109 -13.18 -2.45 6.18
C PHE B 109 -12.83 -3.94 5.90
N VAL B 110 -12.20 -4.56 6.91
CA VAL B 110 -11.92 -6.01 6.92
C VAL B 110 -13.17 -6.86 6.61
N VAL B 111 -14.29 -6.50 7.25
CA VAL B 111 -15.59 -7.05 6.90
C VAL B 111 -16.02 -6.75 5.47
N ALA B 112 -15.75 -5.54 5.00
CA ALA B 112 -16.06 -5.18 3.66
C ALA B 112 -15.16 -5.94 2.66
N LEU B 113 -13.97 -6.28 3.06
CA LEU B 113 -13.10 -7.01 2.13
C LEU B 113 -13.26 -8.52 2.15
N GLU B 114 -14.13 -9.02 3.01
CA GLU B 114 -14.23 -10.47 3.21
C GLU B 114 -14.75 -11.16 2.04
N PRO B 115 -15.83 -10.67 1.46
CA PRO B 115 -16.41 -11.38 0.30
C PRO B 115 -15.41 -11.43 -0.81
N LYS B 116 -14.64 -10.34 -0.99
CA LYS B 116 -13.76 -10.19 -2.08
C LYS B 116 -12.62 -11.10 -1.80
N VAL B 117 -12.14 -11.06 -0.57
CA VAL B 117 -10.95 -11.86 -0.19
C VAL B 117 -11.25 -13.34 -0.12
N GLN B 118 -12.49 -13.72 -0.13
CA GLN B 118 -12.83 -15.12 -0.20
C GLN B 118 -12.69 -15.65 -1.63
N ALA B 119 -13.18 -14.83 -2.55
CA ALA B 119 -13.32 -15.28 -3.91
C ALA B 119 -11.92 -15.50 -4.50
N VAL B 120 -10.90 -14.81 -3.97
CA VAL B 120 -9.54 -15.00 -4.45
C VAL B 120 -8.93 -16.36 -3.95
N ALA B 121 -9.12 -16.57 -2.64
CA ALA B 121 -8.88 -17.84 -2.04
C ALA B 121 -9.63 -18.89 -2.86
N ARG B 122 -10.92 -18.72 -3.09
CA ARG B 122 -11.68 -19.81 -3.74
C ARG B 122 -11.08 -20.17 -5.14
N LYS B 123 -10.71 -19.11 -5.86
CA LYS B 123 -10.25 -19.23 -7.21
C LYS B 123 -9.00 -20.13 -7.21
N LEU B 124 -8.14 -19.83 -6.24
CA LEU B 124 -6.87 -20.49 -6.16
C LEU B 124 -7.04 -22.02 -5.84
N MET B 125 -7.90 -22.32 -4.84
CA MET B 125 -8.16 -23.70 -4.44
C MET B 125 -8.73 -24.56 -5.58
N GLU B 126 -9.53 -23.91 -6.41
CA GLU B 126 -10.29 -24.54 -7.39
C GLU B 126 -9.38 -24.92 -8.49
N SER B 127 -8.34 -24.13 -8.67
CA SER B 127 -7.42 -24.37 -9.76
C SER B 127 -6.47 -25.47 -9.40
N LEU B 128 -6.37 -25.84 -8.13
CA LEU B 128 -5.51 -26.97 -7.70
C LEU B 128 -6.26 -28.29 -7.50
N ARG B 129 -7.55 -28.19 -7.23
CA ARG B 129 -8.24 -29.38 -6.91
C ARG B 129 -8.29 -30.50 -8.00
N PRO B 130 -8.36 -30.14 -9.29
CA PRO B 130 -8.35 -31.17 -10.28
C PRO B 130 -7.08 -32.01 -10.18
N ARG B 131 -5.97 -31.43 -9.64
CA ARG B 131 -4.63 -32.09 -9.68
C ARG B 131 -4.42 -33.27 -8.73
N GLY B 132 -5.20 -33.30 -7.63
CA GLY B 132 -5.02 -34.31 -6.61
C GLY B 132 -3.71 -34.29 -5.85
N SER B 133 -2.82 -33.33 -6.17
CA SER B 133 -1.60 -33.07 -5.36
C SER B 133 -1.14 -31.59 -5.50
N CYS B 134 -0.27 -31.09 -4.59
CA CYS B 134 0.38 -29.79 -4.70
C CYS B 134 1.48 -29.61 -3.66
N ASP B 135 2.41 -28.76 -4.04
CA ASP B 135 3.40 -28.22 -3.20
C ASP B 135 2.85 -26.92 -2.64
N PHE B 136 2.24 -27.04 -1.49
CA PHE B 136 1.41 -26.01 -0.99
C PHE B 136 2.12 -24.68 -0.74
N VAL B 137 3.43 -24.67 -0.52
CA VAL B 137 4.15 -23.41 -0.36
C VAL B 137 4.16 -22.71 -1.71
N SER B 138 4.62 -23.37 -2.71
CA SER B 138 4.81 -22.65 -3.96
C SER B 138 3.49 -22.55 -4.70
N ASP B 139 2.65 -23.56 -4.53
CA ASP B 139 1.40 -23.50 -5.28
C ASP B 139 0.35 -22.62 -4.66
N PHE B 140 0.28 -22.51 -3.30
CA PHE B 140 -0.72 -21.73 -2.62
C PHE B 140 -0.19 -20.57 -1.77
N ALA B 141 0.56 -20.86 -0.76
CA ALA B 141 0.83 -19.91 0.33
C ALA B 141 1.50 -18.73 -0.20
N GLU B 142 2.57 -19.01 -0.94
CA GLU B 142 3.35 -17.95 -1.60
C GLU B 142 2.60 -17.16 -2.65
N ILE B 143 1.33 -17.40 -2.85
CA ILE B 143 0.56 -16.76 -3.95
C ILE B 143 -0.70 -16.09 -3.49
N LEU B 144 -1.41 -16.71 -2.54
CA LEU B 144 -2.54 -16.00 -1.91
C LEU B 144 -2.22 -14.66 -1.47
N PRO B 145 -1.18 -14.49 -0.62
CA PRO B 145 -0.88 -13.18 -0.02
C PRO B 145 -0.82 -12.13 -1.09
N LEU B 146 -0.10 -12.39 -2.19
CA LEU B 146 -0.04 -11.35 -3.20
C LEU B 146 -1.36 -11.10 -3.86
N ASN B 147 -2.11 -12.14 -4.19
CA ASN B 147 -3.45 -11.88 -4.81
C ASN B 147 -4.34 -10.96 -3.97
N ILE B 148 -4.38 -11.21 -2.68
CA ILE B 148 -5.06 -10.34 -1.72
C ILE B 148 -4.52 -8.96 -1.76
N PHE B 149 -3.24 -8.82 -1.84
CA PHE B 149 -2.80 -7.44 -1.97
C PHE B 149 -3.55 -6.76 -3.21
N LEU B 150 -3.48 -7.37 -4.39
CA LEU B 150 -4.03 -6.75 -5.57
C LEU B 150 -5.46 -6.40 -5.39
N THR B 151 -6.07 -6.89 -4.33
CA THR B 151 -7.48 -6.69 -4.04
C THR B 151 -7.59 -5.67 -2.99
N LEU B 152 -6.62 -5.57 -2.13
CA LEU B 152 -6.64 -4.55 -1.09
C LEU B 152 -6.49 -3.17 -1.67
N ILE B 153 -5.67 -3.09 -2.71
CA ILE B 153 -5.37 -1.78 -3.32
C ILE B 153 -6.21 -1.66 -4.58
N ASP B 154 -6.85 -2.76 -4.93
CA ASP B 154 -7.97 -2.64 -5.79
C ASP B 154 -7.59 -2.16 -7.21
N VAL B 155 -6.46 -2.71 -7.71
CA VAL B 155 -6.11 -2.64 -9.13
C VAL B 155 -7.28 -3.12 -9.99
N PRO B 156 -7.47 -2.46 -11.17
CA PRO B 156 -8.52 -3.04 -12.03
C PRO B 156 -7.99 -4.44 -12.49
N LEU B 157 -8.96 -5.34 -12.59
CA LEU B 157 -8.79 -6.78 -12.82
C LEU B 157 -7.80 -7.12 -14.02
N GLU B 158 -8.01 -6.54 -15.20
CA GLU B 158 -7.26 -6.98 -16.40
C GLU B 158 -5.79 -6.98 -16.13
N ASP B 159 -5.35 -6.19 -15.17
CA ASP B 159 -3.90 -6.06 -14.94
C ASP B 159 -3.31 -7.13 -14.12
N ARG B 160 -4.16 -7.74 -13.31
CA ARG B 160 -3.70 -8.74 -12.34
C ARG B 160 -2.68 -9.72 -12.93
N PRO B 161 -3.04 -10.44 -14.05
CA PRO B 161 -2.04 -11.43 -14.58
C PRO B 161 -0.61 -10.90 -14.73
N ARG B 162 -0.51 -9.64 -15.16
CA ARG B 162 0.78 -9.05 -15.48
C ARG B 162 1.42 -8.64 -14.15
N LEU B 163 0.62 -7.98 -13.32
CA LEU B 163 1.07 -7.55 -12.00
C LEU B 163 1.49 -8.68 -11.07
N ARG B 164 0.89 -9.84 -11.27
CA ARG B 164 1.10 -11.01 -10.43
C ARG B 164 2.46 -11.66 -10.76
N GLN B 165 3.00 -11.42 -11.94
CA GLN B 165 4.22 -12.13 -12.19
C GLN B 165 5.40 -11.27 -11.88
N LEU B 166 5.20 -9.97 -12.05
CA LEU B 166 6.19 -9.05 -11.55
C LEU B 166 6.29 -9.15 -10.02
N GLY B 167 5.16 -9.33 -9.34
CA GLY B 167 5.14 -9.41 -7.91
C GLY B 167 5.83 -10.60 -7.31
N VAL B 168 5.98 -11.67 -8.07
CA VAL B 168 6.57 -12.93 -7.58
C VAL B 168 8.05 -12.71 -7.30
N GLN B 169 8.60 -11.72 -7.98
CA GLN B 169 9.91 -11.23 -7.66
C GLN B 169 10.10 -10.85 -6.15
N LEU B 170 9.01 -10.45 -5.48
CA LEU B 170 9.03 -10.02 -4.09
C LEU B 170 8.71 -11.10 -3.11
N THR B 171 8.01 -12.18 -3.50
CA THR B 171 7.76 -13.22 -2.52
C THR B 171 8.92 -14.18 -2.50
N ARG B 172 10.09 -13.65 -2.08
CA ARG B 172 11.41 -14.37 -2.12
C ARG B 172 11.90 -15.21 -3.41
N PRO B 173 11.23 -16.39 -3.75
CA PRO B 173 12.08 -17.64 -4.02
C PRO B 173 13.37 -17.69 -3.13
N ASP B 174 13.74 -16.47 -2.70
CA ASP B 174 15.01 -16.09 -2.11
C ASP B 174 16.32 -16.41 -2.89
N GLY B 175 17.25 -15.41 -2.89
CA GLY B 175 18.57 -15.59 -3.51
C GLY B 175 19.42 -14.35 -3.67
N SER B 176 19.68 -14.00 -4.92
CA SER B 176 20.79 -13.12 -5.18
C SER B 176 20.48 -11.69 -4.78
N MET B 177 19.20 -11.43 -4.42
CA MET B 177 18.61 -10.08 -4.11
C MET B 177 19.21 -9.30 -2.89
N THR B 178 19.87 -8.18 -3.15
CA THR B 178 20.42 -7.42 -2.01
C THR B 178 19.30 -6.59 -1.42
N VAL B 179 19.44 -6.27 -0.12
CA VAL B 179 18.40 -5.49 0.56
C VAL B 179 18.06 -4.22 -0.26
N GLU B 180 19.07 -3.47 -0.67
CA GLU B 180 18.85 -2.35 -1.56
C GLU B 180 18.00 -2.67 -2.87
N GLN B 181 18.21 -3.83 -3.43
CA GLN B 181 17.65 -4.18 -4.68
C GLN B 181 16.25 -4.57 -4.47
N LEU B 182 16.00 -5.29 -3.40
CA LEU B 182 14.68 -5.60 -3.01
C LEU B 182 13.77 -4.36 -2.73
N LYS B 183 14.30 -3.29 -2.11
CA LYS B 183 13.48 -2.16 -1.73
C LYS B 183 13.20 -1.34 -2.94
N GLN B 184 14.13 -1.39 -3.90
CA GLN B 184 14.00 -0.70 -5.11
C GLN B 184 12.92 -1.38 -5.96
N ALA B 185 12.80 -2.71 -5.84
CA ALA B 185 11.89 -3.49 -6.74
C ALA B 185 10.50 -3.32 -6.27
N ALA B 186 10.35 -3.14 -4.95
CA ALA B 186 9.04 -2.95 -4.39
C ALA B 186 8.66 -1.53 -4.61
N ASP B 187 9.61 -0.61 -4.44
CA ASP B 187 9.40 0.74 -4.88
C ASP B 187 8.79 0.84 -6.35
N ASP B 188 9.47 0.27 -7.29
CA ASP B 188 9.04 0.42 -8.64
C ASP B 188 7.75 -0.29 -8.92
N TYR B 189 7.58 -1.46 -8.35
CA TYR B 189 6.27 -2.09 -8.35
C TYR B 189 5.05 -1.27 -7.78
N LEU B 190 5.29 -0.55 -6.67
CA LEU B 190 4.27 0.01 -5.91
C LEU B 190 3.97 1.35 -6.49
N TRP B 191 5.01 2.03 -6.98
CA TRP B 191 4.84 3.44 -7.28
C TRP B 191 3.53 3.79 -8.12
N PRO B 192 3.24 2.98 -9.19
CA PRO B 192 2.11 3.33 -10.13
C PRO B 192 0.84 3.52 -9.40
N PHE B 193 0.64 2.63 -8.47
CA PHE B 193 -0.52 2.64 -7.65
C PHE B 193 -0.52 3.84 -6.75
N ILE B 194 0.64 4.17 -6.19
CA ILE B 194 0.72 5.25 -5.29
C ILE B 194 0.37 6.50 -6.03
N GLU B 195 0.88 6.59 -7.26
CA GLU B 195 0.71 7.82 -8.09
C GLU B 195 -0.81 8.05 -8.41
N LYS B 196 -1.48 6.94 -8.78
CA LYS B 196 -2.91 6.89 -9.15
C LYS B 196 -3.75 7.32 -7.97
N ARG B 197 -3.30 6.99 -6.76
CA ARG B 197 -4.22 6.98 -5.67
C ARG B 197 -4.10 8.28 -4.85
N MET B 198 -2.97 8.96 -5.04
CA MET B 198 -2.71 10.18 -4.35
C MET B 198 -3.42 11.21 -5.20
N ALA B 199 -3.21 11.23 -6.50
CA ALA B 199 -3.91 12.11 -7.46
C ALA B 199 -5.43 11.95 -7.49
N GLN B 200 -5.88 10.76 -7.93
CA GLN B 200 -7.30 10.37 -7.90
C GLN B 200 -7.66 9.29 -6.84
N PRO B 201 -7.82 9.71 -5.55
CA PRO B 201 -8.25 8.81 -4.45
C PRO B 201 -9.51 8.00 -4.77
N GLY B 202 -9.51 6.77 -4.27
CA GLY B 202 -10.64 5.87 -4.33
C GLY B 202 -10.95 5.42 -2.93
N ASP B 203 -11.59 4.24 -2.80
CA ASP B 203 -12.12 3.80 -1.48
C ASP B 203 -11.41 2.54 -1.00
N ASP B 204 -10.30 2.19 -1.66
CA ASP B 204 -9.40 1.07 -1.33
C ASP B 204 -8.31 1.46 -0.30
N LEU B 205 -7.51 0.50 0.05
CA LEU B 205 -6.62 0.63 1.16
C LEU B 205 -5.58 1.81 1.13
N PHE B 206 -4.93 2.03 -0.01
CA PHE B 206 -3.86 2.99 -0.11
C PHE B 206 -4.43 4.38 -0.16
N SER B 207 -5.51 4.53 -0.91
CA SER B 207 -6.29 5.79 -0.97
C SER B 207 -6.76 6.15 0.43
N ARG B 208 -7.53 5.25 1.05
CA ARG B 208 -8.01 5.48 2.38
C ARG B 208 -6.75 6.02 3.15
N ILE B 209 -5.66 5.26 3.19
CA ILE B 209 -4.70 5.68 4.16
C ILE B 209 -4.12 7.06 3.83
N LEU B 210 -3.66 7.23 2.58
CA LEU B 210 -3.09 8.46 2.03
C LEU B 210 -4.03 9.69 2.00
N SER B 211 -5.33 9.48 2.03
CA SER B 211 -6.13 10.66 2.04
C SER B 211 -6.20 11.24 3.48
N GLU B 212 -5.57 10.61 4.44
CA GLU B 212 -5.77 10.96 5.86
C GLU B 212 -4.60 11.83 6.28
N PRO B 213 -4.80 12.76 7.18
CA PRO B 213 -3.63 13.53 7.61
C PRO B 213 -2.69 12.71 8.53
N VAL B 214 -1.43 13.15 8.58
CA VAL B 214 -0.47 12.64 9.53
C VAL B 214 -0.03 13.86 10.28
N GLY B 215 -0.41 13.92 11.56
CA GLY B 215 0.03 15.02 12.49
C GLY B 215 -0.45 16.38 12.02
N GLY B 216 -1.67 16.47 11.45
CA GLY B 216 -2.22 17.66 10.88
C GLY B 216 -1.64 18.23 9.59
N ARG B 217 -1.18 17.36 8.69
CA ARG B 217 -0.52 17.75 7.39
C ARG B 217 -0.52 16.54 6.45
N PRO B 218 -0.47 16.79 5.13
CA PRO B 218 -0.60 15.72 4.15
C PRO B 218 0.64 14.87 4.19
N TRP B 219 0.52 13.62 3.74
CA TRP B 219 1.66 12.68 3.57
C TRP B 219 2.65 13.25 2.62
N THR B 220 3.97 13.12 2.86
CA THR B 220 4.92 13.49 1.79
C THR B 220 5.02 12.29 0.82
N VAL B 221 5.65 12.48 -0.31
CA VAL B 221 5.84 11.40 -1.23
C VAL B 221 6.66 10.24 -0.62
N ASP B 222 7.77 10.51 0.07
CA ASP B 222 8.65 9.48 0.56
C ASP B 222 7.96 8.62 1.64
N GLU B 223 7.28 9.28 2.61
CA GLU B 223 6.55 8.60 3.63
C GLU B 223 5.53 7.58 2.99
N ALA B 224 4.67 8.07 2.11
CA ALA B 224 3.85 7.24 1.28
C ALA B 224 4.61 5.99 0.72
N ARG B 225 5.78 6.23 0.07
CA ARG B 225 6.55 5.12 -0.44
C ARG B 225 6.78 4.16 0.68
N ARG B 226 7.31 4.66 1.78
CA ARG B 226 7.83 3.82 2.91
C ARG B 226 6.74 2.97 3.62
N MET B 227 5.53 3.56 3.80
CA MET B 227 4.39 2.95 4.41
C MET B 227 3.81 1.87 3.50
N CYS B 228 3.71 2.13 2.21
CA CYS B 228 3.14 1.17 1.27
C CYS B 228 3.99 -0.04 1.11
N ARG B 229 5.26 0.18 1.21
CA ARG B 229 6.25 -0.86 1.22
C ARG B 229 6.02 -1.73 2.46
N ASN B 230 5.94 -1.05 3.59
CA ASN B 230 5.61 -1.67 4.87
C ASN B 230 4.26 -2.43 4.85
N LEU B 231 3.26 -1.89 4.14
CA LEU B 231 2.05 -2.67 3.88
C LEU B 231 2.25 -3.80 3.01
N LEU B 232 2.87 -3.64 1.89
CA LEU B 232 3.06 -4.75 0.92
C LEU B 232 3.77 -5.81 1.53
N PHE B 233 5.02 -5.62 1.96
CA PHE B 233 5.80 -6.69 2.66
C PHE B 233 5.12 -7.18 3.93
N GLY B 234 4.54 -6.24 4.72
CA GLY B 234 3.88 -6.50 5.98
C GLY B 234 3.04 -7.79 6.02
N GLY B 235 2.09 -7.88 5.10
CA GLY B 235 1.33 -9.09 4.97
C GLY B 235 1.65 -10.03 3.81
N LEU B 236 2.90 -10.00 3.37
CA LEU B 236 3.35 -10.95 2.32
C LEU B 236 3.89 -12.28 2.86
N ASP B 237 5.11 -12.31 3.39
CA ASP B 237 5.66 -13.55 3.93
C ASP B 237 5.04 -14.06 5.23
N THR B 238 4.31 -13.19 5.90
CA THR B 238 3.72 -13.52 7.20
C THR B 238 2.53 -14.39 6.91
N VAL B 239 1.57 -13.84 6.20
CA VAL B 239 0.36 -14.59 5.84
C VAL B 239 0.73 -15.90 5.20
N ALA B 240 1.76 -15.92 4.31
CA ALA B 240 2.27 -17.14 3.66
C ALA B 240 2.75 -18.20 4.69
N ALA B 241 3.41 -17.77 5.75
CA ALA B 241 3.88 -18.69 6.71
C ALA B 241 2.72 -19.27 7.43
N MET B 242 1.82 -18.36 7.90
CA MET B 242 0.71 -18.74 8.67
C MET B 242 -0.17 -19.78 7.86
N ILE B 243 -0.56 -19.47 6.62
CA ILE B 243 -1.46 -20.34 5.85
C ILE B 243 -0.75 -21.68 5.76
N GLY B 244 0.54 -21.55 5.52
CA GLY B 244 1.44 -22.73 5.56
C GLY B 244 1.23 -23.52 6.81
N MET B 245 1.50 -22.92 7.96
CA MET B 245 1.45 -23.65 9.17
C MET B 245 0.03 -24.29 9.40
N VAL B 246 -0.98 -23.50 9.04
CA VAL B 246 -2.39 -23.89 9.21
C VAL B 246 -2.65 -25.13 8.36
N ALA B 247 -2.35 -25.08 7.08
CA ALA B 247 -2.52 -26.27 6.30
C ALA B 247 -1.71 -27.51 6.87
N LEU B 248 -0.45 -27.29 7.19
CA LEU B 248 0.34 -28.30 7.72
C LEU B 248 -0.38 -28.89 8.92
N HIS B 249 -0.83 -28.05 9.86
CA HIS B 249 -1.44 -28.65 11.01
C HIS B 249 -2.52 -29.65 10.45
N LEU B 250 -3.43 -29.14 9.60
CA LEU B 250 -4.63 -29.85 9.17
C LEU B 250 -4.33 -31.10 8.40
N ALA B 251 -3.11 -31.25 7.88
CA ALA B 251 -2.80 -32.42 7.13
C ALA B 251 -2.32 -33.51 8.11
N ARG B 252 -1.78 -33.08 9.25
CA ARG B 252 -1.23 -34.02 10.21
C ARG B 252 -2.37 -34.43 11.11
N HIS B 253 -3.53 -33.80 10.91
CA HIS B 253 -4.67 -33.87 11.90
C HIS B 253 -5.91 -33.97 11.13
N PRO B 254 -6.07 -35.09 10.35
CA PRO B 254 -7.27 -35.31 9.56
C PRO B 254 -8.55 -35.37 10.40
N GLU B 255 -8.45 -35.67 11.68
CA GLU B 255 -9.56 -35.53 12.61
C GLU B 255 -10.00 -34.07 12.83
N ASP B 256 -9.06 -33.12 12.82
CA ASP B 256 -9.48 -31.72 12.77
C ASP B 256 -10.18 -31.32 11.50
N GLN B 257 -9.70 -31.89 10.39
CA GLN B 257 -10.39 -31.64 9.09
C GLN B 257 -11.81 -32.11 9.22
N ARG B 258 -12.00 -33.30 9.77
CA ARG B 258 -13.36 -33.76 9.99
C ARG B 258 -14.13 -32.79 10.93
N LEU B 259 -13.49 -32.42 12.05
CA LEU B 259 -14.12 -31.47 12.94
C LEU B 259 -14.70 -30.27 12.22
N LEU B 260 -13.88 -29.56 11.45
CA LEU B 260 -14.38 -28.31 10.83
C LEU B 260 -15.28 -28.43 9.56
N ARG B 261 -15.43 -29.65 9.05
CA ARG B 261 -16.39 -29.90 8.02
C ARG B 261 -17.77 -30.21 8.62
N GLU B 262 -17.84 -30.95 9.75
CA GLU B 262 -19.10 -31.13 10.46
C GLU B 262 -19.52 -29.80 11.08
N ARG B 263 -18.54 -29.13 11.71
CA ARG B 263 -18.76 -27.78 12.34
C ARG B 263 -18.14 -26.47 11.69
N PRO B 264 -18.57 -26.07 10.50
CA PRO B 264 -18.03 -24.89 9.90
C PRO B 264 -17.96 -23.67 10.84
N ASP B 265 -18.79 -23.70 11.86
CA ASP B 265 -19.00 -22.59 12.80
C ASP B 265 -17.99 -22.68 13.84
N LEU B 266 -17.20 -23.78 13.82
CA LEU B 266 -15.97 -23.86 14.65
C LEU B 266 -14.77 -23.20 14.02
N ILE B 267 -14.89 -22.69 12.79
CA ILE B 267 -13.71 -22.26 12.10
C ILE B 267 -13.06 -21.02 12.78
N PRO B 268 -13.86 -20.02 13.16
CA PRO B 268 -13.21 -18.80 13.55
C PRO B 268 -12.41 -19.06 14.79
N ALA B 269 -12.97 -19.78 15.76
CA ALA B 269 -12.26 -20.16 17.01
C ALA B 269 -10.98 -20.92 16.64
N ALA B 270 -11.01 -21.75 15.61
CA ALA B 270 -9.88 -22.60 15.26
C ALA B 270 -8.79 -21.72 14.62
N ALA B 271 -9.19 -20.75 13.79
CA ALA B 271 -8.27 -19.79 13.34
C ALA B 271 -7.47 -19.22 14.55
N ASP B 272 -8.23 -18.63 15.51
CA ASP B 272 -7.67 -18.05 16.72
C ASP B 272 -6.71 -19.02 17.43
N GLU B 273 -7.14 -20.29 17.55
CA GLU B 273 -6.34 -21.26 18.32
C GLU B 273 -5.14 -21.66 17.48
N LEU B 274 -5.32 -21.68 16.16
CA LEU B 274 -4.28 -22.16 15.31
C LEU B 274 -3.22 -21.05 15.17
N MET B 275 -3.70 -19.76 15.08
CA MET B 275 -2.78 -18.64 14.98
C MET B 275 -1.98 -18.49 16.28
N ARG B 276 -2.58 -18.84 17.46
CA ARG B 276 -1.89 -18.93 18.71
C ARG B 276 -0.91 -20.05 18.73
N ARG B 277 -1.25 -21.16 18.10
CA ARG B 277 -0.47 -22.37 18.14
C ARG B 277 0.81 -22.36 17.29
N TYR B 278 0.79 -21.77 16.09
CA TYR B 278 1.92 -21.81 15.20
C TYR B 278 2.63 -20.52 14.87
N PRO B 279 3.03 -19.70 15.87
CA PRO B 279 3.53 -18.35 15.51
C PRO B 279 4.98 -18.44 15.12
N THR B 280 5.43 -17.71 14.09
CA THR B 280 6.77 -17.95 13.50
C THR B 280 7.44 -16.65 13.18
N VAL B 281 7.00 -15.56 13.83
CA VAL B 281 7.62 -14.27 13.64
C VAL B 281 8.48 -13.91 14.77
N ALA B 282 9.69 -13.51 14.49
CA ALA B 282 10.61 -12.97 15.50
C ALA B 282 11.11 -11.50 15.12
N VAL B 283 11.36 -10.60 16.09
CA VAL B 283 11.74 -9.21 15.78
C VAL B 283 13.02 -8.63 16.51
N SER B 284 13.52 -7.52 15.98
CA SER B 284 14.69 -6.91 16.57
C SER B 284 14.49 -5.59 17.21
N ARG B 285 15.11 -5.43 18.30
CA ARG B 285 15.21 -4.17 18.82
C ARG B 285 16.73 -3.72 19.01
N ASN B 286 16.99 -2.44 19.06
CA ASN B 286 18.26 -1.92 19.54
C ASN B 286 18.07 -1.06 20.79
N ALA B 287 18.89 -1.29 21.76
CA ALA B 287 18.66 -0.59 23.06
C ALA B 287 19.04 0.89 22.99
N VAL B 288 18.17 1.75 23.45
CA VAL B 288 18.49 3.17 23.44
C VAL B 288 18.58 3.67 24.90
N ALA B 289 18.43 2.75 25.88
CA ALA B 289 18.61 3.00 27.33
C ALA B 289 18.96 1.65 27.99
N ASP B 290 19.72 1.64 29.09
CA ASP B 290 19.98 0.30 29.62
C ASP B 290 18.65 -0.29 30.22
N VAL B 291 18.38 -1.50 29.81
CA VAL B 291 17.26 -2.20 30.31
C VAL B 291 17.78 -3.30 31.24
N ASP B 292 17.03 -3.57 32.33
CA ASP B 292 17.28 -4.76 33.16
C ASP B 292 16.27 -5.83 32.83
N ALA B 293 16.65 -7.11 32.91
CA ALA B 293 15.75 -8.16 32.63
C ALA B 293 16.43 -9.44 33.02
N ASP B 294 15.69 -10.31 33.74
CA ASP B 294 16.10 -11.66 34.18
C ASP B 294 17.43 -11.44 34.90
N GLY B 295 17.46 -10.35 35.64
CA GLY B 295 18.66 -10.04 36.44
C GLY B 295 19.92 -9.85 35.63
N VAL B 296 19.77 -9.35 34.42
CA VAL B 296 20.96 -8.82 33.67
C VAL B 296 20.54 -7.48 33.02
N THR B 297 21.46 -6.94 32.18
CA THR B 297 21.34 -5.63 31.71
C THR B 297 21.77 -5.62 30.28
N ILE B 298 20.83 -5.34 29.38
CA ILE B 298 21.06 -5.00 28.04
C ILE B 298 21.56 -3.57 28.18
N ARG B 299 22.70 -3.26 27.57
CA ARG B 299 23.15 -1.91 27.40
C ARG B 299 22.78 -1.16 26.07
N LYS B 300 22.80 0.19 26.12
CA LYS B 300 22.48 1.03 25.00
C LYS B 300 23.38 0.55 23.95
N GLY B 301 22.84 0.19 22.79
CA GLY B 301 23.64 -0.12 21.59
C GLY B 301 23.42 -1.58 21.23
N ASP B 302 23.15 -2.41 22.26
CA ASP B 302 22.98 -3.85 22.05
C ASP B 302 21.79 -4.14 21.17
N LEU B 303 21.84 -5.26 20.47
CA LEU B 303 20.63 -5.65 19.80
C LEU B 303 19.86 -6.77 20.62
N VAL B 304 18.57 -6.66 20.70
CA VAL B 304 17.75 -7.72 21.37
C VAL B 304 16.85 -8.46 20.33
N TYR B 305 16.79 -9.77 20.39
CA TYR B 305 15.96 -10.46 19.32
C TYR B 305 14.84 -11.14 20.02
N LEU B 306 13.64 -11.00 19.53
CA LEU B 306 12.48 -11.45 20.35
C LEU B 306 11.68 -12.46 19.56
N PRO B 307 11.70 -13.77 19.99
CA PRO B 307 10.87 -14.84 19.28
C PRO B 307 9.43 -15.03 19.84
N SER B 308 8.41 -14.74 19.05
CA SER B 308 7.12 -14.85 19.59
C SER B 308 6.73 -16.29 20.09
N VAL B 309 7.44 -17.29 19.57
CA VAL B 309 7.12 -18.68 19.81
C VAL B 309 7.51 -19.05 21.26
N LEU B 310 8.61 -18.46 21.67
CA LEU B 310 9.03 -18.59 23.05
C LEU B 310 8.11 -17.80 24.05
N HIS B 311 7.10 -17.06 23.57
CA HIS B 311 6.06 -16.73 24.55
C HIS B 311 4.82 -17.60 24.40
N ASN B 312 4.34 -17.80 23.21
CA ASN B 312 3.09 -18.50 23.03
C ASN B 312 3.25 -19.96 23.42
N LEU B 313 4.43 -20.57 23.18
CA LEU B 313 4.57 -21.95 23.43
C LEU B 313 5.47 -22.23 24.60
N ASP B 314 5.42 -21.35 25.59
CA ASP B 314 6.18 -21.52 26.80
C ASP B 314 5.22 -22.05 27.87
N PRO B 315 5.54 -23.25 28.42
CA PRO B 315 4.63 -23.99 29.26
C PRO B 315 4.37 -23.20 30.46
N ALA B 316 5.23 -22.18 30.73
CA ALA B 316 5.16 -21.28 32.00
C ALA B 316 4.32 -20.02 31.84
N SER B 317 4.06 -19.59 30.60
CA SER B 317 3.15 -18.48 30.24
C SER B 317 1.73 -19.05 29.78
N PHE B 318 1.73 -20.29 29.25
CA PHE B 318 0.49 -20.87 28.79
C PHE B 318 0.41 -22.31 29.12
N GLU B 319 -0.74 -22.70 29.64
CA GLU B 319 -0.93 -24.12 29.80
C GLU B 319 -0.88 -24.99 28.51
N ALA B 320 -0.21 -26.09 28.55
CA ALA B 320 -0.26 -27.06 27.45
C ALA B 320 -0.40 -26.39 26.14
N PRO B 321 0.64 -25.66 25.76
CA PRO B 321 0.54 -24.69 24.63
C PRO B 321 0.41 -25.42 23.29
N GLU B 322 0.83 -26.67 23.20
CA GLU B 322 0.94 -27.38 21.95
C GLU B 322 -0.34 -28.08 21.71
N GLU B 323 -1.32 -27.92 22.63
CA GLU B 323 -2.68 -28.42 22.44
C GLU B 323 -3.55 -27.34 21.71
N VAL B 324 -4.17 -27.71 20.60
CA VAL B 324 -5.07 -26.87 19.90
C VAL B 324 -6.32 -27.16 20.62
N ARG B 325 -6.73 -26.31 21.55
CA ARG B 325 -7.96 -26.60 22.31
C ARG B 325 -8.94 -25.41 22.38
N PHE B 326 -10.24 -25.61 22.57
CA PHE B 326 -11.27 -24.56 22.42
C PHE B 326 -11.87 -23.99 23.76
N ASP B 327 -11.19 -24.21 24.86
CA ASP B 327 -11.67 -23.82 26.17
C ASP B 327 -10.67 -22.84 26.77
N ARG B 328 -9.97 -22.16 25.89
CA ARG B 328 -8.96 -21.29 26.47
C ARG B 328 -9.58 -19.94 26.88
N GLY B 329 -10.58 -19.51 26.12
CA GLY B 329 -11.17 -18.25 26.38
C GLY B 329 -10.08 -17.19 26.40
N LEU B 330 -9.06 -17.32 25.51
CA LEU B 330 -8.00 -16.31 25.32
C LEU B 330 -8.31 -15.36 24.19
N ALA B 331 -8.36 -14.05 24.52
CA ALA B 331 -8.47 -12.99 23.52
C ALA B 331 -7.12 -12.98 22.91
N PRO B 332 -7.08 -12.78 21.59
CA PRO B 332 -5.78 -12.84 20.81
C PRO B 332 -4.65 -11.88 21.23
N ILE B 333 -4.96 -10.65 21.65
CA ILE B 333 -4.02 -9.67 22.17
C ILE B 333 -3.19 -10.23 23.30
N ARG B 334 -3.73 -11.23 24.00
CA ARG B 334 -3.09 -11.83 25.17
C ARG B 334 -1.92 -12.72 24.86
N HIS B 335 -1.68 -13.02 23.58
CA HIS B 335 -0.52 -13.71 23.12
C HIS B 335 0.16 -12.88 22.08
N THR B 336 1.27 -13.44 21.54
CA THR B 336 2.25 -12.59 20.90
C THR B 336 2.35 -12.76 19.37
N THR B 337 1.49 -13.54 18.78
CA THR B 337 1.61 -13.74 17.36
C THR B 337 1.66 -12.46 16.59
N MET B 338 0.85 -11.45 16.97
CA MET B 338 0.96 -10.21 16.14
C MET B 338 1.74 -9.16 16.96
N GLY B 339 2.41 -9.61 18.00
CA GLY B 339 3.30 -8.79 18.72
C GLY B 339 2.66 -8.33 19.94
N VAL B 340 3.27 -7.31 20.58
CA VAL B 340 2.77 -6.69 21.81
C VAL B 340 3.06 -5.15 21.98
N GLY B 341 2.14 -4.45 22.63
CA GLY B 341 2.21 -3.01 22.95
C GLY B 341 1.94 -2.14 21.71
N ALA B 342 2.86 -1.23 21.39
CA ALA B 342 2.60 -0.22 20.46
C ALA B 342 2.74 -0.65 18.92
N HIS B 343 3.68 -1.49 18.62
CA HIS B 343 3.72 -1.92 17.24
C HIS B 343 2.85 -3.16 16.89
N ARG B 344 1.84 -3.52 17.67
CA ARG B 344 1.02 -4.64 17.39
C ARG B 344 0.36 -4.62 16.01
N CYS B 345 0.50 -5.68 15.24
CA CYS B 345 0.11 -5.69 13.83
C CYS B 345 -1.16 -4.89 13.55
N VAL B 346 -1.01 -3.85 12.74
CA VAL B 346 -2.20 -3.14 12.28
C VAL B 346 -3.04 -4.10 11.50
N GLY B 347 -2.41 -5.10 10.90
CA GLY B 347 -3.07 -6.12 10.10
C GLY B 347 -3.63 -7.32 10.89
N ALA B 348 -3.61 -7.23 12.22
CA ALA B 348 -4.30 -8.29 13.07
C ALA B 348 -5.59 -8.71 12.49
N GLY B 349 -6.58 -7.86 12.57
CA GLY B 349 -7.93 -8.25 12.24
C GLY B 349 -8.04 -8.85 10.90
N LEU B 350 -7.30 -8.28 9.93
CA LEU B 350 -7.19 -8.75 8.54
C LEU B 350 -6.71 -10.19 8.40
N ALA B 351 -5.59 -10.44 9.03
CA ALA B 351 -4.97 -11.74 8.95
C ALA B 351 -5.93 -12.73 9.55
N ARG B 352 -6.78 -12.27 10.44
CA ARG B 352 -7.64 -13.25 11.08
C ARG B 352 -8.59 -13.69 10.07
N MET B 353 -9.31 -12.70 9.53
CA MET B 353 -10.14 -12.82 8.29
C MET B 353 -9.44 -13.65 7.15
N GLU B 354 -8.16 -13.31 6.83
CA GLU B 354 -7.46 -14.08 5.81
C GLU B 354 -7.42 -15.50 6.26
N VAL B 355 -7.10 -15.76 7.53
CA VAL B 355 -7.02 -17.16 7.92
C VAL B 355 -8.39 -17.90 7.83
N ILE B 356 -9.45 -17.19 8.26
CA ILE B 356 -10.77 -17.85 8.42
C ILE B 356 -11.28 -18.23 7.04
N VAL B 357 -11.19 -17.26 6.13
CA VAL B 357 -11.60 -17.47 4.74
C VAL B 357 -10.79 -18.63 4.12
N PHE B 358 -9.48 -18.71 4.36
CA PHE B 358 -8.74 -19.85 3.84
C PHE B 358 -9.39 -21.09 4.35
N LEU B 359 -9.52 -21.17 5.66
CA LEU B 359 -10.15 -22.35 6.27
C LEU B 359 -11.51 -22.59 5.64
N ARG B 360 -12.40 -21.60 5.58
CA ARG B 360 -13.77 -21.83 5.04
C ARG B 360 -13.66 -22.41 3.63
N GLU B 361 -12.89 -21.78 2.77
CA GLU B 361 -12.79 -22.21 1.37
C GLU B 361 -12.08 -23.53 1.26
N TRP B 362 -10.91 -23.68 1.92
CA TRP B 362 -10.12 -24.91 1.72
C TRP B 362 -10.90 -26.11 2.15
N LEU B 363 -11.53 -26.06 3.33
CA LEU B 363 -12.28 -27.18 3.91
C LEU B 363 -13.64 -27.43 3.24
N GLY B 364 -14.26 -26.39 2.68
CA GLY B 364 -15.53 -26.55 1.97
C GLY B 364 -15.37 -27.18 0.65
N GLY B 365 -14.22 -26.89 0.01
CA GLY B 365 -13.95 -27.16 -1.36
C GLY B 365 -13.14 -28.41 -1.56
N MET B 366 -12.15 -28.57 -0.75
CA MET B 366 -11.21 -29.64 -1.02
C MET B 366 -11.70 -30.90 -0.30
N PRO B 367 -11.41 -32.09 -0.81
CA PRO B 367 -11.69 -33.34 0.03
C PRO B 367 -10.60 -33.57 1.07
N GLU B 368 -10.70 -34.68 1.82
CA GLU B 368 -9.67 -35.05 2.82
C GLU B 368 -8.18 -35.18 2.22
N PHE B 369 -7.30 -34.32 2.71
CA PHE B 369 -5.94 -34.34 2.25
C PHE B 369 -4.99 -34.87 3.24
N ALA B 370 -3.71 -35.04 2.79
CA ALA B 370 -2.62 -35.61 3.65
C ALA B 370 -1.32 -35.13 3.14
N LEU B 371 -0.24 -35.51 3.82
CA LEU B 371 1.06 -35.24 3.31
C LEU B 371 1.43 -36.36 2.40
N ALA B 372 1.93 -36.07 1.20
CA ALA B 372 2.62 -37.09 0.29
C ALA B 372 3.46 -38.05 1.07
N PRO B 373 3.25 -39.35 0.81
CA PRO B 373 4.04 -40.46 1.41
C PRO B 373 5.63 -40.29 1.36
N ASP B 374 6.24 -39.98 0.21
CA ASP B 374 7.70 -39.82 0.22
C ASP B 374 8.26 -38.54 -0.50
N LYS B 375 7.69 -37.37 -0.12
CA LYS B 375 8.32 -36.03 -0.23
C LYS B 375 8.34 -35.45 1.18
N ALA B 376 9.41 -34.71 1.49
CA ALA B 376 9.72 -34.27 2.81
C ALA B 376 8.87 -33.04 3.14
N VAL B 377 8.65 -32.75 4.44
CA VAL B 377 8.20 -31.44 4.87
C VAL B 377 9.45 -30.82 5.43
N THR B 378 9.86 -29.68 4.87
CA THR B 378 11.01 -28.91 5.44
C THR B 378 10.59 -27.49 5.84
N MET B 379 11.31 -26.91 6.78
CA MET B 379 11.05 -25.50 7.11
C MET B 379 12.35 -24.66 7.01
N LYS B 380 12.29 -23.37 7.35
CA LYS B 380 13.40 -22.50 7.52
C LYS B 380 13.19 -21.52 8.65
N GLY B 381 14.28 -20.74 9.02
CA GLY B 381 14.28 -19.83 10.20
C GLY B 381 14.17 -18.43 9.73
N GLY B 382 15.03 -17.59 10.27
CA GLY B 382 14.96 -16.18 10.03
C GLY B 382 13.75 -15.44 10.66
N ASN B 383 13.48 -14.19 10.30
CA ASN B 383 12.52 -13.45 11.07
C ASN B 383 11.09 -14.09 10.87
N VAL B 384 10.73 -14.48 9.67
CA VAL B 384 9.43 -15.04 9.47
C VAL B 384 9.63 -16.54 9.11
N GLY B 385 9.58 -17.43 10.07
CA GLY B 385 9.88 -18.81 9.84
C GLY B 385 8.78 -19.36 9.02
N ALA B 386 8.94 -20.51 8.35
CA ALA B 386 7.97 -20.96 7.38
C ALA B 386 8.25 -22.29 6.91
N CYS B 387 7.24 -22.86 6.22
CA CYS B 387 7.45 -24.09 5.49
C CYS B 387 8.05 -23.70 4.17
N THR B 388 9.01 -24.47 3.74
CA THR B 388 9.63 -24.20 2.44
C THR B 388 9.18 -25.24 1.46
N ALA B 389 8.73 -26.39 1.95
CA ALA B 389 8.19 -27.42 1.11
C ALA B 389 7.00 -28.15 1.82
N LEU B 390 5.80 -28.09 1.23
CA LEU B 390 4.73 -28.85 1.84
C LEU B 390 3.87 -29.55 0.80
N PRO B 391 4.25 -30.79 0.42
CA PRO B 391 3.59 -31.62 -0.58
C PRO B 391 2.41 -32.35 -0.01
N LEU B 392 1.29 -32.19 -0.70
CA LEU B 392 -0.01 -32.62 -0.18
C LEU B 392 -0.70 -33.37 -1.24
N VAL B 393 -1.64 -34.25 -0.84
CA VAL B 393 -2.41 -35.10 -1.81
C VAL B 393 -3.88 -35.29 -1.38
N TRP B 394 -4.75 -35.48 -2.38
CA TRP B 394 -6.20 -35.79 -2.18
C TRP B 394 -6.77 -36.59 -3.33
N ARG B 395 -7.91 -37.25 -3.17
CA ARG B 395 -8.56 -37.92 -4.27
C ARG B 395 -9.08 -36.78 -5.10
N ALA B 396 -8.38 -36.54 -6.19
CA ALA B 396 -8.61 -35.42 -7.04
C ALA B 396 -10.07 -35.12 -7.37
N MET C 1 13.98 -39.10 -8.90
CA MET C 1 14.95 -40.26 -9.12
C MET C 1 15.12 -40.48 -10.65
N ILE C 2 16.32 -40.82 -11.04
CA ILE C 2 16.75 -40.87 -12.40
C ILE C 2 16.67 -42.33 -12.91
N PRO C 3 16.26 -42.53 -14.17
CA PRO C 3 16.33 -43.86 -14.79
C PRO C 3 17.77 -44.31 -14.92
N ALA C 4 18.05 -45.64 -14.91
CA ALA C 4 19.43 -46.17 -15.00
C ALA C 4 20.25 -45.57 -16.14
N HIS C 5 19.64 -45.54 -17.35
CA HIS C 5 20.30 -45.06 -18.61
C HIS C 5 20.71 -43.55 -18.71
N VAL C 6 20.36 -42.74 -17.74
CA VAL C 6 20.71 -41.28 -17.71
C VAL C 6 21.82 -40.92 -16.71
N PRO C 7 23.03 -40.67 -17.17
CA PRO C 7 24.12 -40.54 -16.20
C PRO C 7 23.84 -39.53 -15.17
N ALA C 8 24.56 -39.51 -14.09
CA ALA C 8 24.31 -38.48 -13.10
C ALA C 8 24.76 -37.06 -13.53
N ASP C 9 25.81 -36.97 -14.33
CA ASP C 9 26.39 -35.70 -14.69
C ASP C 9 25.36 -35.00 -15.65
N ARG C 10 24.72 -35.75 -16.57
CA ARG C 10 23.62 -35.15 -17.42
C ARG C 10 22.36 -34.67 -16.63
N VAL C 11 22.32 -34.81 -15.30
CA VAL C 11 21.05 -34.46 -14.65
C VAL C 11 20.96 -33.02 -14.28
N VAL C 12 19.92 -32.30 -14.75
CA VAL C 12 19.65 -30.88 -14.40
C VAL C 12 18.25 -30.69 -13.82
N ASP C 13 18.07 -29.55 -13.18
CA ASP C 13 16.67 -29.23 -12.90
C ASP C 13 16.03 -28.09 -13.70
N PHE C 14 16.52 -27.76 -14.80
CA PHE C 14 16.02 -26.68 -15.54
C PHE C 14 14.55 -26.86 -15.87
N ASP C 15 13.79 -25.85 -15.46
CA ASP C 15 12.34 -25.79 -15.73
C ASP C 15 11.94 -24.93 -16.93
N ILE C 16 11.54 -25.59 -17.98
CA ILE C 16 11.39 -24.93 -19.27
C ILE C 16 10.22 -23.86 -19.30
N PHE C 17 9.17 -24.09 -18.56
CA PHE C 17 8.20 -23.02 -18.42
C PHE C 17 8.71 -21.71 -17.72
N ASN C 18 9.71 -21.82 -16.85
CA ASN C 18 10.42 -20.64 -16.31
C ASN C 18 11.83 -20.94 -15.99
N PRO C 19 12.68 -20.84 -16.95
CA PRO C 19 14.06 -20.79 -16.73
C PRO C 19 14.40 -19.57 -15.86
N PRO C 20 15.51 -19.58 -15.21
CA PRO C 20 15.64 -18.46 -14.28
C PRO C 20 16.38 -17.38 -15.00
N GLY C 21 15.92 -16.13 -14.85
CA GLY C 21 16.38 -14.96 -15.55
C GLY C 21 15.51 -14.75 -16.79
N VAL C 22 14.55 -15.65 -17.02
CA VAL C 22 13.72 -15.55 -18.20
C VAL C 22 13.02 -14.18 -18.19
N GLU C 23 12.59 -13.73 -17.02
CA GLU C 23 11.79 -12.49 -16.98
C GLU C 23 12.56 -11.34 -17.49
N GLN C 24 13.90 -11.39 -17.34
CA GLN C 24 14.74 -10.24 -17.77
C GLN C 24 15.34 -10.45 -19.17
N ASP C 25 15.68 -11.69 -19.48
CA ASP C 25 16.23 -11.97 -20.82
C ASP C 25 16.04 -13.43 -21.19
N TYR C 26 15.09 -13.68 -22.14
CA TYR C 26 14.78 -15.07 -22.56
C TYR C 26 16.02 -15.84 -23.09
N PHE C 27 16.91 -15.17 -23.84
CA PHE C 27 18.03 -15.80 -24.51
C PHE C 27 19.13 -16.14 -23.56
N ALA C 28 19.43 -15.32 -22.60
CA ALA C 28 20.48 -15.75 -21.66
C ALA C 28 19.96 -16.90 -20.83
N ALA C 29 18.68 -16.82 -20.45
CA ALA C 29 18.05 -17.80 -19.53
C ALA C 29 18.36 -19.20 -20.03
N TRP C 30 18.47 -19.29 -21.35
CA TRP C 30 18.51 -20.55 -21.94
C TRP C 30 19.91 -20.84 -22.18
N LYS C 31 20.72 -19.79 -22.39
CA LYS C 31 22.11 -20.05 -22.85
C LYS C 31 22.94 -20.59 -21.72
N THR C 32 22.32 -20.67 -20.56
CA THR C 32 23.12 -21.06 -19.44
C THR C 32 23.42 -22.45 -19.72
N LEU C 33 22.49 -23.18 -20.37
CA LEU C 33 22.68 -24.62 -20.54
C LEU C 33 23.83 -24.96 -21.47
N LEU C 34 24.41 -23.95 -22.14
CA LEU C 34 25.51 -24.18 -23.01
C LEU C 34 26.79 -24.52 -22.26
N ASP C 35 26.69 -24.51 -20.94
CA ASP C 35 27.85 -24.63 -20.00
C ASP C 35 28.03 -26.00 -19.44
N GLY C 36 27.10 -26.88 -19.87
CA GLY C 36 26.95 -28.25 -19.42
C GLY C 36 27.00 -29.24 -20.59
N PRO C 37 26.69 -30.43 -20.35
CA PRO C 37 26.71 -31.43 -21.40
C PRO C 37 25.78 -31.10 -22.60
N GLY C 38 25.87 -31.88 -23.66
CA GLY C 38 25.14 -31.48 -24.83
C GLY C 38 23.67 -31.80 -24.77
N LEU C 39 23.37 -32.79 -23.93
CA LEU C 39 22.03 -33.37 -23.86
C LEU C 39 21.81 -33.69 -22.40
N VAL C 40 20.76 -33.18 -21.85
CA VAL C 40 20.54 -33.37 -20.42
C VAL C 40 19.15 -33.75 -20.00
N TRP C 41 19.00 -34.16 -18.73
CA TRP C 41 17.75 -34.75 -18.17
C TRP C 41 17.34 -33.96 -17.01
N SER C 42 16.26 -33.21 -17.23
CA SER C 42 15.68 -32.29 -16.28
C SER C 42 14.75 -33.15 -15.45
N THR C 43 14.78 -32.93 -14.16
CA THR C 43 13.84 -33.60 -13.30
C THR C 43 12.48 -32.90 -13.24
N ALA C 44 12.30 -31.82 -13.97
CA ALA C 44 11.06 -31.00 -13.78
C ALA C 44 10.06 -31.55 -14.67
N ASN C 45 8.85 -31.16 -14.45
CA ASN C 45 7.79 -31.51 -15.43
C ASN C 45 7.82 -32.98 -15.74
N GLY C 46 8.21 -33.80 -14.75
CA GLY C 46 7.89 -35.21 -14.87
C GLY C 46 8.95 -35.95 -15.51
N GLY C 47 10.10 -35.27 -15.73
CA GLY C 47 11.38 -35.89 -16.29
C GLY C 47 11.41 -35.88 -17.82
N HIS C 48 12.50 -35.37 -18.41
CA HIS C 48 12.68 -35.38 -19.86
C HIS C 48 14.04 -34.84 -20.23
N TRP C 49 14.40 -35.03 -21.48
CA TRP C 49 15.65 -34.59 -22.03
C TRP C 49 15.50 -33.09 -22.49
N ILE C 50 16.58 -32.26 -22.37
CA ILE C 50 16.72 -31.00 -23.14
C ILE C 50 18.04 -30.97 -23.99
N ALA C 51 17.87 -30.74 -25.30
CA ALA C 51 18.96 -30.61 -26.21
C ALA C 51 19.64 -29.32 -25.79
N ALA C 52 20.95 -29.36 -25.60
CA ALA C 52 21.73 -28.26 -24.97
C ALA C 52 22.96 -27.79 -25.80
N ARG C 53 23.01 -28.20 -27.08
CA ARG C 53 24.09 -27.77 -27.96
C ARG C 53 23.55 -27.85 -29.40
N GLY C 54 24.03 -26.95 -30.25
CA GLY C 54 23.41 -26.82 -31.56
C GLY C 54 23.23 -28.13 -32.34
N ASP C 55 24.30 -28.92 -32.42
CA ASP C 55 24.28 -30.17 -33.29
C ASP C 55 23.20 -31.11 -32.79
N VAL C 56 23.09 -31.26 -31.46
CA VAL C 56 22.07 -32.09 -30.83
C VAL C 56 20.65 -31.56 -31.08
N VAL C 57 20.47 -30.27 -30.85
CA VAL C 57 19.18 -29.65 -31.18
C VAL C 57 18.82 -29.96 -32.58
N ARG C 58 19.78 -29.78 -33.49
CA ARG C 58 19.55 -29.85 -34.96
C ARG C 58 19.42 -31.29 -35.39
N GLU C 59 20.13 -32.22 -34.78
CA GLU C 59 20.07 -33.55 -35.32
C GLU C 59 18.83 -34.28 -34.86
N LEU C 60 18.39 -34.00 -33.64
CA LEU C 60 17.26 -34.68 -33.09
C LEU C 60 15.97 -34.11 -33.70
N TRP C 61 15.99 -32.84 -34.09
CA TRP C 61 14.82 -32.16 -34.59
C TRP C 61 14.57 -32.76 -35.97
N GLY C 62 15.64 -33.18 -36.60
CA GLY C 62 15.54 -33.79 -37.88
C GLY C 62 14.99 -35.21 -37.78
N ASP C 63 15.33 -35.94 -36.69
CA ASP C 63 14.95 -37.36 -36.64
C ASP C 63 13.45 -37.46 -36.40
N ALA C 64 12.67 -37.23 -37.41
CA ALA C 64 11.21 -37.37 -37.26
C ALA C 64 10.77 -38.84 -37.23
N GLU C 65 11.48 -39.73 -37.97
CA GLU C 65 11.26 -41.20 -37.81
C GLU C 65 11.31 -41.80 -36.41
N ARG C 66 12.27 -41.42 -35.58
CA ARG C 66 12.47 -42.02 -34.27
C ARG C 66 12.02 -41.13 -33.13
N LEU C 67 11.84 -39.84 -33.43
CA LEU C 67 11.21 -38.87 -32.52
C LEU C 67 9.82 -38.28 -33.02
N SER C 68 8.76 -38.82 -32.45
CA SER C 68 7.44 -38.52 -32.89
C SER C 68 6.96 -37.16 -32.41
N SER C 69 6.19 -36.52 -33.25
CA SER C 69 5.74 -35.23 -33.03
C SER C 69 4.52 -35.29 -32.20
N GLN C 70 4.11 -36.47 -31.79
CA GLN C 70 2.75 -36.72 -31.43
C GLN C 70 2.36 -36.16 -30.08
N CYS C 71 3.28 -36.27 -29.14
CA CYS C 71 2.97 -36.02 -27.73
C CYS C 71 2.71 -34.56 -27.46
N LEU C 72 2.99 -33.72 -28.50
CA LEU C 72 2.82 -32.23 -28.51
C LEU C 72 3.52 -31.45 -27.47
N ALA C 73 3.07 -31.53 -26.28
CA ALA C 73 3.78 -30.76 -25.30
C ALA C 73 4.39 -31.77 -24.37
N VAL C 74 5.24 -31.27 -23.44
CA VAL C 74 5.63 -32.06 -22.23
C VAL C 74 4.45 -32.26 -21.21
N THR C 75 3.45 -31.36 -21.23
CA THR C 75 2.30 -31.36 -20.36
C THR C 75 1.43 -32.52 -20.75
N PRO C 76 1.25 -33.50 -19.83
CA PRO C 76 0.35 -34.61 -20.18
C PRO C 76 -1.04 -34.04 -20.57
N GLY C 77 -1.59 -34.54 -21.71
CA GLY C 77 -3.00 -34.34 -22.11
C GLY C 77 -3.27 -33.29 -23.21
N LEU C 78 -2.34 -32.35 -23.32
CA LEU C 78 -2.42 -31.25 -24.26
C LEU C 78 -2.44 -31.76 -25.74
N GLY C 79 -1.60 -32.76 -26.02
CA GLY C 79 -1.54 -33.38 -27.34
C GLY C 79 -2.80 -34.14 -27.77
N LYS C 80 -3.27 -34.97 -26.81
CA LYS C 80 -4.48 -35.75 -26.99
C LYS C 80 -5.63 -34.79 -27.31
N VAL C 81 -5.57 -33.62 -26.81
CA VAL C 81 -6.69 -32.83 -26.96
C VAL C 81 -6.57 -32.03 -28.23
N MET C 82 -5.47 -31.29 -28.42
CA MET C 82 -5.34 -30.37 -29.57
C MET C 82 -5.30 -31.10 -30.91
N GLN C 83 -4.79 -32.33 -30.99
CA GLN C 83 -4.63 -33.07 -32.29
C GLN C 83 -4.32 -32.23 -33.56
N PHE C 84 -3.26 -31.47 -33.49
CA PHE C 84 -2.96 -30.66 -34.57
C PHE C 84 -2.66 -31.42 -35.93
N ILE C 85 -3.27 -31.00 -37.03
CA ILE C 85 -2.83 -31.46 -38.32
C ILE C 85 -2.28 -30.29 -39.07
N PRO C 86 -1.06 -30.38 -39.65
CA PRO C 86 -0.09 -31.45 -39.71
C PRO C 86 0.77 -31.73 -38.46
N LEU C 87 0.87 -30.78 -37.50
CA LEU C 87 2.02 -30.65 -36.60
C LEU C 87 2.21 -31.78 -35.72
N GLN C 88 1.10 -32.47 -35.39
CA GLN C 88 1.18 -33.71 -34.59
C GLN C 88 1.18 -35.02 -35.31
N GLN C 89 1.40 -35.02 -36.59
CA GLN C 89 1.36 -36.28 -37.35
C GLN C 89 2.75 -36.87 -37.74
N ASP C 90 2.78 -38.18 -37.98
CA ASP C 90 4.00 -38.87 -38.47
C ASP C 90 3.98 -39.60 -39.91
N GLY C 91 5.20 -39.96 -40.30
CA GLY C 91 5.41 -40.72 -41.53
C GLY C 91 4.50 -40.42 -42.66
N ALA C 92 3.79 -41.44 -43.13
CA ALA C 92 2.95 -41.26 -44.35
C ALA C 92 1.85 -40.21 -44.11
N GLU C 93 1.27 -40.21 -42.91
CA GLU C 93 0.13 -39.44 -42.67
C GLU C 93 0.58 -38.01 -42.87
N HIS C 94 1.68 -37.77 -42.20
CA HIS C 94 2.28 -36.49 -42.20
C HIS C 94 2.50 -36.05 -43.58
N LYS C 95 2.99 -36.93 -44.40
CA LYS C 95 3.27 -36.47 -45.77
C LYS C 95 1.98 -36.00 -46.54
N ALA C 96 0.88 -36.75 -46.35
CA ALA C 96 -0.28 -36.59 -47.15
C ALA C 96 -1.01 -35.32 -46.82
N PHE C 97 -1.02 -34.98 -45.52
CA PHE C 97 -1.66 -33.79 -44.98
C PHE C 97 -0.80 -32.55 -45.16
N ARG C 98 0.51 -32.64 -45.06
CA ARG C 98 1.34 -31.45 -45.25
C ARG C 98 1.24 -30.90 -46.68
N THR C 99 1.33 -31.80 -47.68
CA THR C 99 1.32 -31.41 -49.11
C THR C 99 0.28 -30.31 -49.53
N PRO C 100 -1.04 -30.52 -49.32
CA PRO C 100 -1.95 -29.56 -49.70
C PRO C 100 -1.91 -28.37 -48.68
N VAL C 101 -1.50 -28.56 -47.46
CA VAL C 101 -1.39 -27.41 -46.65
C VAL C 101 -0.26 -26.46 -47.16
N MET C 102 0.83 -27.08 -47.62
CA MET C 102 1.91 -26.36 -48.12
C MET C 102 1.46 -25.53 -49.24
N LYS C 103 0.76 -26.14 -50.14
CA LYS C 103 0.60 -25.36 -51.39
C LYS C 103 -0.50 -24.30 -51.22
N GLY C 104 -1.20 -24.43 -50.11
CA GLY C 104 -2.04 -23.34 -49.66
C GLY C 104 -1.16 -22.20 -49.26
N LEU C 105 -0.06 -22.50 -48.67
CA LEU C 105 0.84 -21.49 -48.37
C LEU C 105 1.98 -21.19 -49.44
N ALA C 106 1.87 -21.67 -50.67
CA ALA C 106 2.89 -21.50 -51.80
C ALA C 106 3.26 -20.03 -52.00
N SER C 107 4.56 -19.73 -52.23
CA SER C 107 5.12 -18.50 -52.57
C SER C 107 4.25 -17.51 -53.42
N ARG C 108 3.72 -17.98 -54.53
CA ARG C 108 2.82 -17.09 -55.25
C ARG C 108 1.71 -16.61 -54.34
N PHE C 109 1.23 -17.38 -53.40
CA PHE C 109 0.18 -16.85 -52.57
C PHE C 109 0.57 -15.88 -51.43
N VAL C 110 1.78 -16.13 -50.90
CA VAL C 110 2.41 -15.24 -49.96
C VAL C 110 2.66 -13.97 -50.68
N VAL C 111 3.27 -14.05 -51.85
CA VAL C 111 3.53 -12.80 -52.66
C VAL C 111 2.26 -12.03 -52.84
N ALA C 112 1.15 -12.69 -53.16
CA ALA C 112 -0.05 -12.07 -53.46
C ALA C 112 -0.67 -11.52 -52.23
N LEU C 113 -0.51 -12.22 -51.11
CA LEU C 113 -1.15 -11.72 -49.93
C LEU C 113 -0.54 -10.42 -49.43
N GLU C 114 0.68 -10.15 -49.90
CA GLU C 114 1.44 -8.97 -49.47
C GLU C 114 0.75 -7.62 -49.33
N PRO C 115 0.34 -6.98 -50.38
CA PRO C 115 -0.41 -5.76 -50.24
C PRO C 115 -1.49 -5.76 -49.12
N LYS C 116 -2.28 -6.81 -49.07
CA LYS C 116 -3.34 -6.79 -48.17
C LYS C 116 -2.75 -6.82 -46.75
N VAL C 117 -1.76 -7.67 -46.51
CA VAL C 117 -1.14 -7.80 -45.18
C VAL C 117 -0.33 -6.60 -44.78
N GLN C 118 0.18 -5.85 -45.72
CA GLN C 118 0.82 -4.57 -45.37
C GLN C 118 -0.22 -3.51 -44.89
N ALA C 119 -1.35 -3.44 -45.59
CA ALA C 119 -2.44 -2.49 -45.34
C ALA C 119 -2.86 -2.69 -43.93
N VAL C 120 -2.66 -3.93 -43.47
CA VAL C 120 -3.20 -4.31 -42.14
C VAL C 120 -2.22 -3.84 -41.07
N ALA C 121 -1.01 -4.18 -41.29
CA ALA C 121 -0.01 -3.70 -40.49
C ALA C 121 -0.08 -2.17 -40.43
N ARG C 122 -0.14 -1.49 -41.58
CA ARG C 122 -0.21 -0.02 -41.58
C ARG C 122 -1.41 0.63 -40.83
N LYS C 123 -2.59 0.12 -41.10
CA LYS C 123 -3.75 0.53 -40.32
C LYS C 123 -3.49 0.30 -38.82
N LEU C 124 -3.01 -0.87 -38.40
CA LEU C 124 -2.62 -0.97 -36.94
C LEU C 124 -1.66 0.17 -36.39
N MET C 125 -0.58 0.40 -37.13
CA MET C 125 0.44 1.43 -36.80
C MET C 125 -0.21 2.80 -36.70
N GLU C 126 -1.05 3.08 -37.67
CA GLU C 126 -1.69 4.34 -37.75
C GLU C 126 -2.55 4.66 -36.56
N SER C 127 -2.84 3.66 -35.76
CA SER C 127 -3.83 3.85 -34.68
C SER C 127 -3.07 4.05 -33.36
N LEU C 128 -1.76 3.95 -33.40
CA LEU C 128 -1.01 4.11 -32.14
C LEU C 128 -0.17 5.32 -32.21
N ARG C 129 0.12 5.69 -33.44
CA ARG C 129 1.03 6.76 -33.75
C ARG C 129 0.69 8.11 -33.15
N PRO C 130 -0.60 8.48 -33.14
CA PRO C 130 -0.93 9.77 -32.54
C PRO C 130 -0.61 9.90 -31.08
N ARG C 131 -0.39 8.74 -30.41
CA ARG C 131 -0.26 8.59 -28.93
C ARG C 131 1.09 8.91 -28.34
N GLY C 132 2.15 8.65 -29.09
CA GLY C 132 3.51 8.91 -28.59
C GLY C 132 3.94 7.95 -27.52
N SER C 133 3.10 7.01 -27.18
CA SER C 133 3.51 5.86 -26.41
C SER C 133 2.58 4.61 -26.62
N CYS C 134 3.05 3.44 -26.22
CA CYS C 134 2.18 2.27 -26.19
C CYS C 134 2.88 1.08 -25.52
N ASP C 135 2.08 0.09 -25.18
CA ASP C 135 2.64 -1.15 -24.68
C ASP C 135 2.55 -2.14 -25.80
N PHE C 136 3.72 -2.30 -26.39
CA PHE C 136 3.74 -2.77 -27.70
C PHE C 136 3.15 -4.16 -27.82
N VAL C 137 3.48 -5.07 -26.92
CA VAL C 137 2.78 -6.33 -26.83
C VAL C 137 1.22 -6.15 -26.87
N SER C 138 0.64 -5.55 -25.81
CA SER C 138 -0.84 -5.43 -25.73
C SER C 138 -1.44 -4.74 -26.90
N ASP C 139 -0.76 -3.74 -27.46
CA ASP C 139 -1.42 -2.83 -28.40
C ASP C 139 -1.17 -3.17 -29.87
N PHE C 140 -0.09 -3.94 -30.09
CA PHE C 140 0.35 -4.26 -31.42
C PHE C 140 0.65 -5.80 -31.60
N ALA C 141 1.62 -6.34 -30.91
CA ALA C 141 2.06 -7.69 -31.12
C ALA C 141 0.97 -8.66 -31.05
N GLU C 142 0.29 -8.68 -29.93
CA GLU C 142 -0.91 -9.51 -29.78
C GLU C 142 -2.07 -9.28 -30.75
N ILE C 143 -2.24 -8.08 -31.31
CA ILE C 143 -3.39 -7.74 -32.23
C ILE C 143 -3.24 -8.04 -33.75
N LEU C 144 -2.01 -7.89 -34.23
CA LEU C 144 -1.71 -8.07 -35.63
C LEU C 144 -1.84 -9.46 -36.13
N PRO C 145 -1.34 -10.42 -35.36
CA PRO C 145 -1.48 -11.77 -35.95
C PRO C 145 -2.95 -12.10 -36.23
N LEU C 146 -3.88 -11.70 -35.35
CA LEU C 146 -5.22 -12.09 -35.61
C LEU C 146 -5.71 -11.30 -36.73
N ASN C 147 -5.36 -10.04 -36.76
CA ASN C 147 -5.79 -9.22 -37.92
C ASN C 147 -5.39 -9.87 -39.25
N ILE C 148 -4.13 -10.24 -39.39
CA ILE C 148 -3.69 -11.01 -40.57
C ILE C 148 -4.57 -12.29 -40.82
N PHE C 149 -4.80 -13.02 -39.74
CA PHE C 149 -5.63 -14.19 -39.83
C PHE C 149 -6.86 -13.75 -40.53
N LEU C 150 -7.53 -12.72 -40.00
CA LEU C 150 -8.83 -12.35 -40.63
C LEU C 150 -8.67 -12.08 -42.12
N THR C 151 -7.56 -11.46 -42.45
CA THR C 151 -7.26 -11.19 -43.79
C THR C 151 -6.93 -12.46 -44.59
N LEU C 152 -6.17 -13.43 -44.06
CA LEU C 152 -5.81 -14.59 -44.88
C LEU C 152 -7.10 -15.42 -45.31
N ILE C 153 -8.14 -15.41 -44.46
CA ILE C 153 -9.25 -16.25 -44.76
C ILE C 153 -10.22 -15.40 -45.56
N ASP C 154 -9.88 -14.13 -45.70
CA ASP C 154 -10.68 -13.17 -46.44
C ASP C 154 -12.12 -13.12 -45.90
N VAL C 155 -12.29 -12.92 -44.57
CA VAL C 155 -13.64 -12.61 -44.01
C VAL C 155 -14.17 -11.24 -44.48
N PRO C 156 -15.50 -11.16 -44.71
CA PRO C 156 -16.06 -9.95 -45.36
C PRO C 156 -15.68 -8.80 -44.52
N LEU C 157 -15.38 -7.65 -45.10
CA LEU C 157 -14.92 -6.51 -44.25
C LEU C 157 -15.82 -6.12 -43.03
N GLU C 158 -17.15 -6.13 -43.14
CA GLU C 158 -17.95 -5.67 -42.02
C GLU C 158 -17.93 -6.58 -40.72
N ASP C 159 -17.81 -7.89 -40.90
CA ASP C 159 -17.65 -8.85 -39.80
C ASP C 159 -16.35 -8.79 -39.07
N ARG C 160 -15.39 -8.01 -39.54
CA ARG C 160 -14.06 -7.96 -38.86
C ARG C 160 -14.08 -7.46 -37.50
N PRO C 161 -14.89 -6.45 -37.16
CA PRO C 161 -14.66 -5.97 -35.79
C PRO C 161 -15.34 -6.91 -34.79
N ARG C 162 -16.41 -7.58 -35.23
CA ARG C 162 -17.03 -8.59 -34.36
C ARG C 162 -16.13 -9.82 -34.22
N LEU C 163 -15.60 -10.26 -35.33
CA LEU C 163 -14.66 -11.39 -35.31
C LEU C 163 -13.26 -11.09 -34.64
N ARG C 164 -12.90 -9.80 -34.53
CA ARG C 164 -11.68 -9.38 -33.79
C ARG C 164 -11.90 -9.64 -32.32
N GLN C 165 -13.11 -9.35 -31.80
CA GLN C 165 -13.35 -9.57 -30.37
C GLN C 165 -13.57 -11.00 -29.97
N LEU C 166 -14.42 -11.71 -30.69
CA LEU C 166 -14.57 -13.19 -30.46
C LEU C 166 -13.23 -13.89 -30.42
N GLY C 167 -12.34 -13.41 -31.30
CA GLY C 167 -11.04 -13.92 -31.50
C GLY C 167 -10.07 -13.66 -30.40
N VAL C 168 -10.25 -12.58 -29.59
CA VAL C 168 -9.26 -12.12 -28.56
C VAL C 168 -9.23 -13.00 -27.31
N GLN C 169 -10.35 -13.70 -27.07
CA GLN C 169 -10.44 -14.87 -26.20
C GLN C 169 -9.20 -15.73 -26.30
N LEU C 170 -9.19 -16.47 -27.37
CA LEU C 170 -8.14 -17.36 -27.64
C LEU C 170 -6.87 -16.68 -28.28
N THR C 171 -6.71 -15.39 -28.06
CA THR C 171 -5.38 -14.84 -28.05
C THR C 171 -4.90 -14.70 -26.60
N ARG C 172 -5.78 -15.14 -25.67
CA ARG C 172 -5.50 -16.06 -24.46
C ARG C 172 -4.38 -15.90 -23.36
N PRO C 173 -3.09 -16.41 -23.60
CA PRO C 173 -2.30 -17.50 -22.81
C PRO C 173 -2.73 -17.75 -21.34
N ASP C 174 -3.99 -17.50 -21.01
CA ASP C 174 -4.44 -17.39 -19.60
C ASP C 174 -4.34 -18.71 -18.80
N GLY C 175 -4.95 -18.74 -17.61
CA GLY C 175 -5.16 -19.94 -16.77
C GLY C 175 -6.66 -20.22 -16.66
N SER C 176 -7.02 -21.28 -15.93
CA SER C 176 -8.44 -21.50 -15.64
C SER C 176 -9.41 -22.02 -16.77
N MET C 177 -9.14 -21.66 -18.04
CA MET C 177 -9.79 -22.29 -19.26
C MET C 177 -9.17 -23.67 -19.64
N THR C 178 -9.89 -24.79 -19.35
CA THR C 178 -9.23 -26.13 -19.40
C THR C 178 -8.76 -26.27 -20.82
N VAL C 179 -7.60 -26.92 -21.03
CA VAL C 179 -7.11 -27.23 -22.38
C VAL C 179 -8.23 -27.68 -23.37
N GLU C 180 -9.17 -28.56 -22.94
CA GLU C 180 -10.32 -28.98 -23.76
C GLU C 180 -11.33 -27.84 -24.17
N GLN C 181 -11.55 -26.92 -23.28
CA GLN C 181 -12.37 -25.79 -23.55
C GLN C 181 -11.66 -24.90 -24.51
N LEU C 182 -10.36 -24.93 -24.42
CA LEU C 182 -9.59 -24.04 -25.22
C LEU C 182 -9.70 -24.43 -26.63
N LYS C 183 -9.81 -25.73 -26.89
CA LYS C 183 -9.95 -26.17 -28.26
C LYS C 183 -11.34 -26.02 -28.65
N GLN C 184 -12.25 -26.27 -27.74
CA GLN C 184 -13.68 -26.01 -28.02
C GLN C 184 -13.96 -24.60 -28.60
N ALA C 185 -13.29 -23.61 -28.05
CA ALA C 185 -13.55 -22.25 -28.49
C ALA C 185 -12.86 -21.98 -29.81
N ALA C 186 -11.71 -22.52 -29.96
CA ALA C 186 -11.08 -22.44 -31.26
C ALA C 186 -11.96 -23.03 -32.39
N ASP C 187 -12.53 -24.22 -32.20
CA ASP C 187 -13.39 -24.83 -33.18
C ASP C 187 -14.70 -24.06 -33.26
N ASP C 188 -15.12 -23.44 -32.16
CA ASP C 188 -16.34 -22.67 -32.22
C ASP C 188 -16.18 -21.33 -32.88
N TYR C 189 -15.04 -20.74 -32.61
CA TYR C 189 -14.62 -19.56 -33.40
C TYR C 189 -14.50 -19.84 -34.88
N LEU C 190 -14.14 -21.09 -35.25
CA LEU C 190 -13.57 -21.37 -36.57
C LEU C 190 -14.55 -22.03 -37.47
N TRP C 191 -15.30 -22.95 -36.89
CA TRP C 191 -16.32 -23.71 -37.63
C TRP C 191 -17.02 -22.92 -38.75
N PRO C 192 -17.52 -21.67 -38.43
CA PRO C 192 -18.39 -20.95 -39.42
C PRO C 192 -17.69 -20.63 -40.74
N PHE C 193 -16.39 -20.34 -40.57
CA PHE C 193 -15.50 -20.04 -41.66
C PHE C 193 -15.29 -21.34 -42.42
N ILE C 194 -14.96 -22.40 -41.71
CA ILE C 194 -14.90 -23.69 -42.32
C ILE C 194 -16.15 -24.15 -43.14
N GLU C 195 -17.34 -23.88 -42.63
CA GLU C 195 -18.59 -24.35 -43.22
C GLU C 195 -18.75 -23.71 -44.55
N LYS C 196 -18.48 -22.39 -44.57
CA LYS C 196 -18.69 -21.54 -45.77
C LYS C 196 -17.77 -21.90 -46.87
N ARG C 197 -16.65 -22.45 -46.54
CA ARG C 197 -15.66 -22.51 -47.52
C ARG C 197 -15.51 -23.94 -47.99
N MET C 198 -16.23 -24.85 -47.36
CA MET C 198 -16.08 -26.21 -47.85
C MET C 198 -17.26 -26.27 -48.76
N ALA C 199 -18.32 -25.49 -48.44
CA ALA C 199 -19.45 -25.35 -49.41
C ALA C 199 -19.02 -24.46 -50.59
N GLN C 200 -19.08 -23.14 -50.40
CA GLN C 200 -18.62 -22.12 -51.41
C GLN C 200 -17.11 -21.82 -51.21
N PRO C 201 -16.25 -22.56 -51.85
CA PRO C 201 -14.83 -22.22 -51.69
C PRO C 201 -14.52 -21.01 -52.48
N GLY C 202 -13.87 -19.98 -51.86
CA GLY C 202 -13.21 -18.85 -52.58
C GLY C 202 -11.69 -18.90 -52.80
N ASP C 203 -10.98 -17.78 -52.83
CA ASP C 203 -9.62 -17.71 -53.25
C ASP C 203 -8.75 -17.50 -51.96
N ASP C 204 -9.30 -17.54 -50.78
CA ASP C 204 -8.49 -17.44 -49.53
C ASP C 204 -7.68 -18.68 -49.15
N LEU C 205 -7.03 -18.64 -48.00
CA LEU C 205 -6.12 -19.70 -47.58
C LEU C 205 -6.80 -21.01 -47.26
N PHE C 206 -7.91 -20.93 -46.50
CA PHE C 206 -8.63 -22.11 -46.01
C PHE C 206 -9.32 -22.71 -47.22
N SER C 207 -9.90 -21.92 -48.11
CA SER C 207 -10.51 -22.58 -49.22
C SER C 207 -9.46 -23.20 -50.12
N ARG C 208 -8.32 -22.53 -50.40
CA ARG C 208 -7.33 -23.18 -51.22
C ARG C 208 -6.95 -24.55 -50.63
N ILE C 209 -6.88 -24.68 -49.26
CA ILE C 209 -6.38 -25.97 -48.67
C ILE C 209 -7.41 -27.04 -48.78
N LEU C 210 -8.65 -26.65 -48.54
CA LEU C 210 -9.66 -27.60 -48.36
C LEU C 210 -10.15 -28.20 -49.66
N SER C 211 -9.96 -27.52 -50.76
CA SER C 211 -10.43 -28.13 -51.99
C SER C 211 -9.38 -29.00 -52.61
N GLU C 212 -8.16 -29.04 -52.03
CA GLU C 212 -7.12 -30.03 -52.43
C GLU C 212 -7.51 -31.26 -51.78
N PRO C 213 -7.17 -32.44 -52.38
CA PRO C 213 -7.35 -33.71 -51.69
C PRO C 213 -6.31 -33.90 -50.65
N VAL C 214 -6.46 -34.94 -49.84
CA VAL C 214 -5.39 -35.45 -48.95
C VAL C 214 -5.21 -36.91 -49.39
N GLY C 215 -4.00 -37.25 -49.88
CA GLY C 215 -3.65 -38.58 -50.41
C GLY C 215 -4.70 -39.16 -51.33
N GLY C 216 -5.21 -38.40 -52.30
CA GLY C 216 -6.26 -38.94 -53.15
C GLY C 216 -7.72 -38.79 -52.83
N ARG C 217 -8.07 -38.90 -51.54
CA ARG C 217 -9.45 -38.58 -50.98
C ARG C 217 -9.67 -37.12 -50.51
N PRO C 218 -10.94 -36.71 -50.39
CA PRO C 218 -11.26 -35.43 -49.75
C PRO C 218 -11.02 -35.47 -48.18
N TRP C 219 -10.57 -34.32 -47.64
CA TRP C 219 -10.52 -34.08 -46.18
C TRP C 219 -11.82 -34.53 -45.52
N THR C 220 -11.78 -35.34 -44.45
CA THR C 220 -13.00 -35.52 -43.63
C THR C 220 -13.09 -34.27 -42.82
N VAL C 221 -14.26 -34.09 -42.22
CA VAL C 221 -14.64 -32.88 -41.57
C VAL C 221 -13.82 -32.69 -40.35
N ASP C 222 -13.49 -33.74 -39.60
CA ASP C 222 -12.61 -33.62 -38.35
C ASP C 222 -11.17 -33.20 -38.70
N GLU C 223 -10.65 -33.79 -39.76
CA GLU C 223 -9.37 -33.39 -40.24
C GLU C 223 -9.36 -31.88 -40.39
N ALA C 224 -10.40 -31.32 -41.05
CA ALA C 224 -10.45 -29.87 -41.39
C ALA C 224 -10.43 -28.99 -40.14
N ARG C 225 -11.22 -29.40 -39.16
CA ARG C 225 -11.22 -28.87 -37.83
C ARG C 225 -9.78 -28.82 -37.30
N ARG C 226 -9.10 -29.99 -37.22
CA ARG C 226 -7.75 -30.11 -36.68
C ARG C 226 -6.77 -29.21 -37.40
N MET C 227 -6.91 -29.24 -38.73
CA MET C 227 -5.94 -28.55 -39.62
C MET C 227 -6.15 -27.05 -39.49
N CYS C 228 -7.37 -26.56 -39.64
CA CYS C 228 -7.63 -25.16 -39.35
C CYS C 228 -7.15 -24.59 -37.96
N ARG C 229 -7.54 -25.21 -36.88
CA ARG C 229 -7.07 -24.94 -35.57
C ARG C 229 -5.56 -24.70 -35.60
N ASN C 230 -4.86 -25.57 -36.29
CA ASN C 230 -3.41 -25.57 -36.36
C ASN C 230 -2.88 -24.33 -37.10
N LEU C 231 -3.59 -23.95 -38.18
CA LEU C 231 -3.27 -22.70 -38.88
C LEU C 231 -3.46 -21.47 -38.00
N LEU C 232 -4.57 -21.43 -37.28
CA LEU C 232 -4.93 -20.31 -36.49
C LEU C 232 -3.82 -20.15 -35.52
N PHE C 233 -3.60 -21.14 -34.65
CA PHE C 233 -2.69 -20.97 -33.53
C PHE C 233 -1.26 -20.84 -34.05
N GLY C 234 -0.79 -21.77 -34.90
CA GLY C 234 0.58 -21.71 -35.41
C GLY C 234 1.02 -20.34 -35.92
N GLY C 235 0.05 -19.51 -36.37
CA GLY C 235 0.35 -18.15 -36.88
C GLY C 235 0.20 -16.93 -35.92
N LEU C 236 -0.26 -17.24 -34.71
CA LEU C 236 -0.72 -16.27 -33.70
C LEU C 236 0.40 -15.86 -32.75
N ASP C 237 0.68 -16.74 -31.77
CA ASP C 237 1.64 -16.49 -30.78
C ASP C 237 3.10 -16.53 -31.24
N THR C 238 3.46 -17.36 -32.18
CA THR C 238 4.80 -17.28 -32.75
C THR C 238 5.05 -15.91 -33.42
N VAL C 239 4.10 -15.47 -34.24
CA VAL C 239 4.27 -14.18 -34.90
C VAL C 239 4.34 -12.97 -33.97
N ALA C 240 3.42 -12.88 -33.03
CA ALA C 240 3.40 -11.83 -31.98
C ALA C 240 4.82 -11.82 -31.20
N ALA C 241 5.34 -12.98 -30.88
CA ALA C 241 6.54 -13.00 -30.21
C ALA C 241 7.59 -12.37 -31.13
N MET C 242 7.93 -13.01 -32.21
CA MET C 242 8.73 -12.40 -33.25
C MET C 242 8.52 -10.85 -33.46
N ILE C 243 7.29 -10.41 -33.79
CA ILE C 243 7.07 -8.97 -34.10
C ILE C 243 7.58 -8.15 -32.89
N GLY C 244 7.25 -8.68 -31.69
CA GLY C 244 7.69 -8.16 -30.36
C GLY C 244 9.18 -8.04 -30.29
N MET C 245 9.94 -9.00 -30.75
CA MET C 245 11.31 -9.06 -30.45
C MET C 245 12.03 -8.13 -31.50
N VAL C 246 11.36 -7.87 -32.59
CA VAL C 246 11.94 -7.11 -33.64
C VAL C 246 11.77 -5.66 -33.19
N ALA C 247 10.54 -5.28 -32.74
CA ALA C 247 10.33 -3.96 -32.11
C ALA C 247 11.34 -3.74 -30.96
N LEU C 248 11.44 -4.78 -30.04
CA LEU C 248 12.57 -4.73 -29.04
C LEU C 248 13.90 -4.37 -29.72
N HIS C 249 14.21 -5.06 -30.83
CA HIS C 249 15.49 -4.89 -31.35
C HIS C 249 15.69 -3.49 -31.75
N LEU C 250 14.70 -2.96 -32.40
CA LEU C 250 14.82 -1.63 -32.96
C LEU C 250 14.90 -0.54 -31.92
N ALA C 251 14.25 -0.67 -30.74
CA ALA C 251 14.26 0.32 -29.60
C ALA C 251 15.58 0.40 -28.77
N ARG C 252 16.46 -0.61 -28.86
CA ARG C 252 17.69 -0.71 -28.08
C ARG C 252 18.90 -0.53 -29.04
N HIS C 253 18.60 -0.55 -30.35
CA HIS C 253 19.62 -0.40 -31.36
C HIS C 253 19.10 0.57 -32.33
N PRO C 254 18.90 1.89 -31.91
CA PRO C 254 18.35 2.92 -32.82
C PRO C 254 19.19 3.15 -34.07
N GLU C 255 20.47 2.76 -34.02
CA GLU C 255 21.33 2.92 -35.19
C GLU C 255 20.81 2.09 -36.36
N ASP C 256 20.19 0.96 -36.00
CA ASP C 256 19.53 0.14 -37.00
C ASP C 256 18.21 0.74 -37.34
N GLN C 257 17.63 1.52 -36.45
CA GLN C 257 16.40 2.15 -36.88
C GLN C 257 16.80 3.15 -37.93
N ARG C 258 17.96 3.80 -37.73
CA ARG C 258 18.40 4.81 -38.77
C ARG C 258 18.95 4.08 -40.02
N LEU C 259 19.64 2.94 -39.81
CA LEU C 259 20.15 2.28 -40.91
C LEU C 259 19.00 1.97 -41.85
N LEU C 260 17.90 1.53 -41.27
CA LEU C 260 16.81 1.04 -41.97
C LEU C 260 15.83 2.03 -42.58
N ARG C 261 15.85 3.25 -42.13
CA ARG C 261 14.97 4.32 -42.68
C ARG C 261 15.69 5.02 -43.84
N GLU C 262 17.04 5.08 -43.75
CA GLU C 262 17.86 5.56 -44.89
C GLU C 262 17.90 4.55 -46.02
N ARG C 263 18.16 3.29 -45.68
CA ARG C 263 18.30 2.25 -46.73
C ARG C 263 17.14 1.24 -46.77
N PRO C 264 15.92 1.68 -46.96
CA PRO C 264 14.83 0.71 -46.77
C PRO C 264 14.99 -0.53 -47.61
N ASP C 265 15.90 -0.45 -48.56
CA ASP C 265 16.19 -1.61 -49.45
C ASP C 265 16.99 -2.65 -48.73
N LEU C 266 17.35 -2.36 -47.52
CA LEU C 266 18.04 -3.29 -46.64
C LEU C 266 17.06 -4.01 -45.67
N ILE C 267 15.74 -3.90 -45.87
CA ILE C 267 14.79 -4.54 -44.99
C ILE C 267 14.69 -6.06 -45.18
N PRO C 268 14.58 -6.56 -46.43
CA PRO C 268 14.44 -7.99 -46.55
C PRO C 268 15.54 -8.71 -45.89
N ALA C 269 16.77 -8.18 -46.02
CA ALA C 269 17.97 -8.79 -45.41
C ALA C 269 17.98 -8.82 -43.90
N ALA C 270 17.32 -7.82 -43.29
CA ALA C 270 17.47 -7.60 -41.84
C ALA C 270 16.41 -8.47 -41.22
N ALA C 271 15.23 -8.50 -41.90
CA ALA C 271 14.24 -9.46 -41.45
C ALA C 271 14.88 -10.95 -41.27
N ASP C 272 15.55 -11.49 -42.29
CA ASP C 272 16.06 -12.79 -42.17
C ASP C 272 17.06 -12.90 -41.02
N GLU C 273 17.75 -11.80 -40.72
CA GLU C 273 18.82 -11.84 -39.75
C GLU C 273 18.26 -11.60 -38.38
N LEU C 274 17.19 -10.80 -38.27
CA LEU C 274 16.55 -10.60 -36.98
C LEU C 274 15.86 -11.88 -36.52
N MET C 275 15.00 -12.43 -37.40
CA MET C 275 14.57 -13.83 -37.42
C MET C 275 15.64 -14.91 -37.08
N ARG C 276 16.89 -14.84 -37.58
CA ARG C 276 17.91 -15.80 -37.09
C ARG C 276 18.32 -15.50 -35.64
N ARG C 277 18.46 -14.21 -35.31
CA ARG C 277 18.98 -13.69 -34.05
C ARG C 277 18.02 -13.86 -32.93
N TYR C 278 16.70 -13.85 -33.17
CA TYR C 278 15.78 -13.96 -32.01
C TYR C 278 14.84 -15.20 -31.90
N PRO C 279 15.32 -16.39 -32.08
CA PRO C 279 14.28 -17.41 -32.09
C PRO C 279 13.79 -17.70 -30.66
N THR C 280 12.48 -17.87 -30.44
CA THR C 280 12.02 -18.26 -29.14
C THR C 280 11.09 -19.45 -29.12
N VAL C 281 11.04 -20.27 -30.17
CA VAL C 281 10.19 -21.39 -30.17
C VAL C 281 10.91 -22.67 -29.72
N ALA C 282 10.30 -23.57 -28.97
CA ALA C 282 10.89 -24.87 -28.58
C ALA C 282 9.92 -26.07 -28.76
N VAL C 283 10.35 -27.20 -29.24
CA VAL C 283 9.38 -28.26 -29.36
C VAL C 283 9.65 -29.56 -28.56
N SER C 284 8.62 -30.38 -28.50
CA SER C 284 8.68 -31.69 -27.86
C SER C 284 8.62 -32.85 -28.82
N ARG C 285 9.33 -33.87 -28.48
CA ARG C 285 9.11 -35.15 -29.18
C ARG C 285 9.08 -36.32 -28.18
N ASN C 286 8.31 -37.34 -28.55
CA ASN C 286 8.43 -38.55 -27.76
C ASN C 286 9.19 -39.61 -28.54
N ALA C 287 10.15 -40.23 -27.89
CA ALA C 287 10.89 -41.27 -28.65
C ALA C 287 10.04 -42.55 -28.94
N VAL C 288 9.93 -42.94 -30.20
CA VAL C 288 9.29 -44.20 -30.60
C VAL C 288 10.37 -45.27 -30.75
N ALA C 289 11.67 -44.89 -30.90
CA ALA C 289 12.81 -45.80 -30.95
C ALA C 289 13.92 -45.28 -30.04
N ASP C 290 14.87 -46.14 -29.71
CA ASP C 290 16.09 -45.68 -29.07
C ASP C 290 17.02 -44.88 -29.99
N VAL C 291 17.41 -43.68 -29.53
CA VAL C 291 18.22 -42.74 -30.30
C VAL C 291 19.50 -42.35 -29.67
N ASP C 292 20.62 -42.91 -30.11
CA ASP C 292 21.96 -42.48 -29.64
C ASP C 292 22.25 -41.03 -30.06
N ALA C 293 22.85 -40.24 -29.18
CA ALA C 293 23.20 -38.91 -29.46
C ALA C 293 24.07 -38.47 -28.33
N ASP C 294 24.99 -37.57 -28.61
CA ASP C 294 26.00 -37.08 -27.69
C ASP C 294 26.60 -38.12 -26.79
N GLY C 295 26.73 -39.33 -27.29
CA GLY C 295 27.20 -40.45 -26.50
C GLY C 295 26.26 -40.80 -25.38
N VAL C 296 24.98 -40.68 -25.60
CA VAL C 296 24.09 -41.39 -24.65
C VAL C 296 22.92 -41.88 -25.44
N THR C 297 21.95 -42.50 -24.76
CA THR C 297 20.80 -43.05 -25.51
C THR C 297 19.60 -42.47 -24.94
N ILE C 298 18.76 -41.95 -25.79
CA ILE C 298 17.38 -41.63 -25.39
C ILE C 298 16.56 -42.92 -25.56
N ARG C 299 15.71 -43.31 -24.59
CA ARG C 299 14.97 -44.59 -24.70
C ARG C 299 13.58 -44.41 -25.27
N LYS C 300 13.03 -45.41 -25.95
CA LYS C 300 11.69 -45.23 -26.43
C LYS C 300 10.83 -44.93 -25.26
N GLY C 301 10.03 -43.88 -25.32
CA GLY C 301 9.14 -43.55 -24.19
C GLY C 301 9.50 -42.18 -23.69
N ASP C 302 10.81 -41.88 -23.65
CA ASP C 302 11.38 -40.66 -23.18
C ASP C 302 10.82 -39.52 -23.89
N LEU C 303 10.48 -38.46 -23.19
CA LEU C 303 10.28 -37.16 -23.83
C LEU C 303 11.61 -36.38 -24.04
N VAL C 304 11.67 -35.66 -25.18
CA VAL C 304 12.82 -34.80 -25.53
C VAL C 304 12.34 -33.37 -25.79
N TYR C 305 13.12 -32.39 -25.34
CA TYR C 305 12.83 -30.95 -25.57
C TYR C 305 13.90 -30.23 -26.44
N LEU C 306 13.41 -29.50 -27.43
CA LEU C 306 14.35 -28.95 -28.40
C LEU C 306 14.13 -27.43 -28.48
N PRO C 307 15.01 -26.63 -27.82
CA PRO C 307 14.99 -25.19 -27.96
C PRO C 307 15.80 -24.65 -29.18
N SER C 308 15.10 -24.12 -30.17
CA SER C 308 15.77 -23.49 -31.27
C SER C 308 16.91 -22.53 -30.86
N VAL C 309 16.74 -21.75 -29.79
CA VAL C 309 17.71 -20.69 -29.43
C VAL C 309 19.07 -21.32 -29.14
N LEU C 310 19.07 -22.58 -28.73
CA LEU C 310 20.32 -23.23 -28.38
C LEU C 310 20.99 -23.73 -29.64
N HIS C 311 20.28 -23.61 -30.78
CA HIS C 311 20.98 -23.87 -32.08
C HIS C 311 21.44 -22.55 -32.69
N ASN C 312 20.54 -21.59 -32.89
CA ASN C 312 20.88 -20.31 -33.53
C ASN C 312 21.89 -19.50 -32.79
N LEU C 313 21.97 -19.67 -31.46
CA LEU C 313 22.82 -18.84 -30.66
C LEU C 313 24.01 -19.56 -30.05
N ASP C 314 24.18 -20.81 -30.37
CA ASP C 314 25.34 -21.59 -29.91
C ASP C 314 26.55 -21.06 -30.63
N PRO C 315 27.53 -20.57 -29.88
CA PRO C 315 28.67 -20.00 -30.62
C PRO C 315 29.38 -21.18 -31.27
N ALA C 316 29.12 -22.37 -30.81
CA ALA C 316 29.74 -23.55 -31.46
C ALA C 316 29.15 -23.87 -32.82
N SER C 317 27.95 -23.40 -33.08
CA SER C 317 27.34 -23.63 -34.37
C SER C 317 27.40 -22.45 -35.32
N PHE C 318 27.44 -21.22 -34.79
CA PHE C 318 27.48 -20.01 -35.66
C PHE C 318 28.37 -18.95 -35.12
N GLU C 319 29.31 -18.51 -35.95
CA GLU C 319 30.16 -17.36 -35.63
C GLU C 319 29.43 -16.15 -34.95
N ALA C 320 29.92 -15.71 -33.77
CA ALA C 320 29.40 -14.48 -33.13
C ALA C 320 27.91 -14.34 -33.32
N PRO C 321 27.19 -15.37 -32.86
CA PRO C 321 25.78 -15.44 -33.24
C PRO C 321 24.94 -14.31 -32.73
N GLU C 322 25.32 -13.74 -31.62
CA GLU C 322 24.59 -12.54 -31.10
C GLU C 322 24.78 -11.17 -31.91
N GLU C 323 25.67 -11.17 -32.88
CA GLU C 323 25.81 -9.97 -33.71
C GLU C 323 24.84 -10.03 -34.90
N VAL C 324 24.03 -9.01 -35.06
CA VAL C 324 23.24 -8.92 -36.23
C VAL C 324 24.13 -8.38 -37.35
N ARG C 325 24.64 -9.28 -38.21
CA ARG C 325 25.47 -8.81 -39.27
C ARG C 325 24.99 -9.16 -40.64
N PHE C 326 25.40 -8.39 -41.64
CA PHE C 326 24.77 -8.44 -42.95
C PHE C 326 25.60 -9.21 -43.96
N ASP C 327 26.63 -9.90 -43.46
CA ASP C 327 27.49 -10.63 -44.33
C ASP C 327 27.48 -12.11 -44.07
N ARG C 328 26.41 -12.63 -43.53
CA ARG C 328 26.40 -14.13 -43.27
C ARG C 328 26.25 -15.06 -44.54
N GLY C 329 25.47 -14.61 -45.52
CA GLY C 329 25.08 -15.36 -46.66
C GLY C 329 24.39 -16.60 -46.16
N LEU C 330 23.54 -16.49 -45.13
CA LEU C 330 22.86 -17.65 -44.61
C LEU C 330 21.47 -17.81 -45.21
N ALA C 331 21.21 -18.94 -45.86
CA ALA C 331 19.84 -19.19 -46.22
C ALA C 331 19.13 -19.42 -44.88
N PRO C 332 17.88 -18.92 -44.73
CA PRO C 332 17.15 -19.15 -43.47
C PRO C 332 16.92 -20.62 -43.05
N ILE C 333 16.78 -21.56 -43.98
CA ILE C 333 16.54 -22.98 -43.62
C ILE C 333 17.75 -23.54 -42.94
N ARG C 334 18.83 -22.81 -42.92
CA ARG C 334 20.07 -23.28 -42.32
C ARG C 334 19.98 -23.00 -40.81
N HIS C 335 19.03 -22.19 -40.35
CA HIS C 335 18.92 -22.03 -38.90
C HIS C 335 17.61 -22.62 -38.47
N THR C 336 17.29 -22.57 -37.18
CA THR C 336 16.22 -23.40 -36.64
C THR C 336 14.98 -22.60 -36.07
N THR C 337 14.83 -21.36 -36.50
CA THR C 337 13.80 -20.55 -35.95
C THR C 337 12.49 -21.18 -36.30
N MET C 338 12.38 -21.62 -37.57
CA MET C 338 11.12 -22.24 -38.11
C MET C 338 11.12 -23.80 -38.06
N GLY C 339 12.08 -24.33 -37.29
CA GLY C 339 12.37 -25.77 -37.22
C GLY C 339 13.23 -26.40 -38.26
N VAL C 340 13.14 -27.71 -38.38
CA VAL C 340 14.01 -28.51 -39.28
C VAL C 340 13.39 -29.83 -39.79
N GLY C 341 13.54 -30.12 -41.08
CA GLY C 341 13.16 -31.38 -41.64
C GLY C 341 11.71 -31.43 -42.03
N ALA C 342 11.09 -32.57 -41.88
CA ALA C 342 9.77 -32.71 -42.44
C ALA C 342 8.79 -31.71 -41.83
N HIS C 343 8.97 -31.27 -40.58
CA HIS C 343 7.90 -30.44 -39.92
C HIS C 343 8.15 -28.87 -39.96
N ARG C 344 9.07 -28.44 -40.84
CA ARG C 344 9.56 -27.12 -40.89
C ARG C 344 8.47 -26.11 -41.35
N CYS C 345 8.26 -25.08 -40.54
CA CYS C 345 7.08 -24.32 -40.62
C CYS C 345 6.62 -24.16 -42.03
N VAL C 346 5.42 -24.67 -42.37
CA VAL C 346 4.70 -24.30 -43.68
C VAL C 346 4.63 -22.78 -43.92
N GLY C 347 4.50 -22.03 -42.85
CA GLY C 347 4.28 -20.64 -42.91
C GLY C 347 5.59 -19.84 -42.80
N ALA C 348 6.72 -20.43 -43.15
CA ALA C 348 8.04 -19.72 -43.25
C ALA C 348 7.97 -18.48 -44.19
N GLY C 349 7.73 -18.74 -45.46
CA GLY C 349 7.56 -17.69 -46.42
C GLY C 349 6.64 -16.64 -45.80
N LEU C 350 5.46 -17.04 -45.30
CA LEU C 350 4.46 -16.05 -44.75
C LEU C 350 4.97 -15.17 -43.56
N ALA C 351 5.72 -15.84 -42.68
CA ALA C 351 6.26 -15.16 -41.54
C ALA C 351 7.16 -13.96 -42.05
N ARG C 352 8.07 -14.31 -42.97
CA ARG C 352 9.20 -13.43 -43.27
C ARG C 352 8.65 -12.25 -43.97
N MET C 353 7.72 -12.54 -44.85
CA MET C 353 6.89 -11.50 -45.50
C MET C 353 6.20 -10.67 -44.40
N GLU C 354 5.63 -11.35 -43.40
CA GLU C 354 5.00 -10.61 -42.33
C GLU C 354 5.97 -9.59 -41.75
N VAL C 355 7.21 -10.02 -41.52
CA VAL C 355 8.13 -9.22 -40.67
C VAL C 355 8.53 -7.98 -41.42
N ILE C 356 8.79 -8.24 -42.72
CA ILE C 356 9.17 -7.19 -43.67
C ILE C 356 8.09 -6.03 -43.72
N VAL C 357 6.88 -6.45 -44.05
CA VAL C 357 5.77 -5.57 -44.12
C VAL C 357 5.68 -4.77 -42.83
N PHE C 358 5.90 -5.38 -41.69
CA PHE C 358 5.94 -4.70 -40.44
C PHE C 358 7.05 -3.74 -40.38
N LEU C 359 8.22 -4.18 -40.80
CA LEU C 359 9.37 -3.32 -40.69
C LEU C 359 9.11 -2.15 -41.57
N ARG C 360 8.67 -2.43 -42.80
CA ARG C 360 8.39 -1.39 -43.80
C ARG C 360 7.42 -0.41 -43.20
N GLU C 361 6.20 -0.85 -42.87
CA GLU C 361 5.25 0.10 -42.24
C GLU C 361 5.66 0.72 -40.90
N TRP C 362 6.23 -0.04 -39.97
CA TRP C 362 6.69 0.49 -38.71
C TRP C 362 7.81 1.48 -38.86
N LEU C 363 8.77 1.22 -39.73
CA LEU C 363 9.86 2.24 -39.97
C LEU C 363 9.57 3.51 -40.79
N GLY C 364 8.63 3.37 -41.76
CA GLY C 364 8.24 4.43 -42.65
C GLY C 364 7.18 5.24 -42.01
N GLY C 365 6.25 4.61 -41.28
CA GLY C 365 5.11 5.33 -40.75
C GLY C 365 5.51 6.05 -39.45
N MET C 366 6.56 5.54 -38.79
CA MET C 366 6.73 5.85 -37.37
C MET C 366 7.87 6.84 -37.10
N PRO C 367 7.75 7.64 -36.07
CA PRO C 367 8.91 8.44 -35.71
C PRO C 367 9.95 7.56 -34.98
N GLU C 368 11.11 8.13 -34.59
CA GLU C 368 12.10 7.31 -33.91
C GLU C 368 11.60 7.01 -32.50
N PHE C 369 11.67 5.75 -32.09
CA PHE C 369 11.09 5.36 -30.83
C PHE C 369 12.13 4.84 -29.90
N ALA C 370 11.83 4.62 -28.63
CA ALA C 370 12.89 4.22 -27.69
C ALA C 370 12.23 3.42 -26.60
N LEU C 371 13.01 2.81 -25.70
CA LEU C 371 12.37 2.10 -24.59
C LEU C 371 11.93 3.20 -23.73
N ALA C 372 10.77 3.07 -23.05
CA ALA C 372 10.28 4.03 -22.03
C ALA C 372 11.34 4.13 -20.93
N PRO C 373 11.45 5.35 -20.34
CA PRO C 373 12.53 5.69 -19.42
C PRO C 373 12.39 5.02 -18.11
N ASP C 374 11.20 4.85 -17.63
CA ASP C 374 10.96 4.32 -16.30
C ASP C 374 10.02 3.06 -16.32
N LYS C 375 10.06 2.23 -17.35
CA LYS C 375 9.30 0.95 -17.30
C LYS C 375 10.18 -0.08 -17.90
N ALA C 376 10.02 -1.29 -17.45
CA ALA C 376 10.98 -2.30 -17.88
C ALA C 376 10.42 -3.21 -18.93
N VAL C 377 11.33 -3.81 -19.68
CA VAL C 377 11.00 -4.89 -20.55
C VAL C 377 11.08 -6.19 -19.80
N THR C 378 10.02 -7.00 -19.94
CA THR C 378 9.99 -8.34 -19.29
C THR C 378 9.53 -9.36 -20.23
N MET C 379 10.02 -10.57 -20.03
CA MET C 379 9.73 -11.64 -20.99
C MET C 379 9.13 -12.83 -20.28
N LYS C 380 8.66 -13.85 -20.96
CA LYS C 380 8.19 -15.07 -20.34
C LYS C 380 8.80 -16.26 -21.06
N GLY C 381 8.54 -17.50 -20.58
CA GLY C 381 9.17 -18.72 -21.14
C GLY C 381 8.15 -19.67 -21.73
N GLY C 382 8.25 -20.94 -21.39
CA GLY C 382 7.40 -21.91 -22.08
C GLY C 382 7.79 -22.16 -23.58
N ASN C 383 6.87 -22.66 -24.36
CA ASN C 383 7.19 -23.08 -25.71
C ASN C 383 7.42 -21.93 -26.67
N VAL C 384 6.55 -20.95 -26.64
CA VAL C 384 6.84 -19.77 -27.37
C VAL C 384 7.20 -18.65 -26.38
N GLY C 385 8.49 -18.32 -26.34
CA GLY C 385 8.91 -17.22 -25.49
C GLY C 385 8.61 -15.90 -26.15
N ALA C 386 8.63 -14.81 -25.39
CA ALA C 386 8.05 -13.55 -25.87
C ALA C 386 8.30 -12.46 -24.89
N CYS C 387 8.17 -11.21 -25.36
CA CYS C 387 8.10 -10.14 -24.42
C CYS C 387 6.65 -10.28 -23.86
N THR C 388 6.50 -9.89 -22.60
CA THR C 388 5.17 -9.78 -22.07
C THR C 388 4.88 -8.32 -21.76
N ALA C 389 5.92 -7.47 -21.90
CA ALA C 389 5.71 -5.98 -21.79
C ALA C 389 6.79 -5.22 -22.51
N LEU C 390 6.37 -4.36 -23.43
CA LEU C 390 7.34 -3.56 -24.19
C LEU C 390 6.88 -2.09 -24.32
N PRO C 391 7.22 -1.25 -23.36
CA PRO C 391 6.72 0.15 -23.29
C PRO C 391 7.59 1.05 -24.11
N LEU C 392 6.98 1.72 -25.09
CA LEU C 392 7.77 2.46 -26.18
C LEU C 392 7.27 3.85 -26.31
N VAL C 393 8.18 4.79 -26.47
CA VAL C 393 7.77 6.19 -26.57
C VAL C 393 8.39 6.83 -27.85
N TRP C 394 7.79 7.91 -28.35
CA TRP C 394 8.26 8.60 -29.50
C TRP C 394 7.55 9.91 -29.55
N ARG C 395 8.18 10.96 -30.05
CA ARG C 395 7.50 12.28 -30.25
C ARG C 395 6.47 12.15 -31.41
N ALA C 396 5.17 12.09 -31.01
CA ALA C 396 4.01 12.02 -31.97
C ALA C 396 4.09 12.96 -33.21
N MET D 1 12.62 15.44 9.01
CA MET D 1 13.02 14.10 8.39
C MET D 1 13.10 14.12 6.83
N ILE D 2 14.32 13.90 6.31
CA ILE D 2 14.68 13.95 4.93
C ILE D 2 14.63 12.56 4.32
N PRO D 3 14.19 12.47 3.08
CA PRO D 3 14.21 11.22 2.31
C PRO D 3 15.60 10.61 2.21
N ALA D 4 15.72 9.28 2.14
CA ALA D 4 17.03 8.57 2.13
C ALA D 4 17.91 8.99 1.04
N HIS D 5 17.33 9.47 -0.06
CA HIS D 5 18.05 9.72 -1.34
C HIS D 5 18.38 11.19 -1.51
N VAL D 6 18.07 11.95 -0.48
CA VAL D 6 18.50 13.40 -0.34
C VAL D 6 19.77 13.68 0.60
N PRO D 7 20.97 13.86 0.03
CA PRO D 7 22.10 13.91 0.90
C PRO D 7 21.98 15.09 1.82
N ALA D 8 22.66 15.08 2.95
CA ALA D 8 22.36 16.05 4.03
C ALA D 8 22.72 17.57 3.76
N ASP D 9 23.71 17.78 2.89
CA ASP D 9 24.20 19.11 2.52
C ASP D 9 23.25 19.74 1.48
N ARG D 10 22.67 18.92 0.59
CA ARG D 10 21.62 19.47 -0.21
C ARG D 10 20.41 19.91 0.55
N VAL D 11 20.33 19.78 1.88
CA VAL D 11 19.07 20.22 2.59
C VAL D 11 18.97 21.72 3.07
N VAL D 12 18.00 22.48 2.52
CA VAL D 12 17.75 23.89 2.93
C VAL D 12 16.37 24.01 3.41
N ASP D 13 16.08 25.14 4.04
CA ASP D 13 14.68 25.44 4.36
C ASP D 13 13.99 26.55 3.58
N PHE D 14 14.64 26.99 2.53
CA PHE D 14 14.18 28.08 1.67
C PHE D 14 12.76 27.96 1.28
N ASP D 15 12.00 29.00 1.56
CA ASP D 15 10.55 29.02 1.31
C ASP D 15 10.21 29.83 0.12
N ILE D 16 9.90 29.12 -0.95
CA ILE D 16 9.69 29.77 -2.25
C ILE D 16 8.55 30.77 -2.19
N PHE D 17 7.60 30.58 -1.28
CA PHE D 17 6.47 31.52 -1.20
C PHE D 17 6.94 32.87 -0.62
N ASN D 18 8.04 32.85 0.12
CA ASN D 18 8.67 34.08 0.58
C ASN D 18 10.05 33.82 1.12
N PRO D 19 11.04 33.89 0.21
CA PRO D 19 12.44 33.84 0.52
C PRO D 19 12.97 35.05 1.26
N PRO D 20 14.11 34.85 1.90
CA PRO D 20 14.72 35.87 2.76
C PRO D 20 15.29 37.13 2.07
N GLY D 21 14.72 38.29 2.39
CA GLY D 21 14.98 39.53 1.74
C GLY D 21 14.08 39.72 0.51
N VAL D 22 13.06 38.86 0.34
CA VAL D 22 12.34 39.00 -0.86
C VAL D 22 11.81 40.43 -0.89
N GLU D 23 11.32 40.88 0.26
CA GLU D 23 10.55 42.12 0.25
C GLU D 23 11.29 43.31 -0.21
N GLN D 24 12.59 43.28 -0.05
CA GLN D 24 13.46 44.37 -0.60
C GLN D 24 13.85 44.09 -2.02
N ASP D 25 14.26 42.85 -2.30
CA ASP D 25 14.82 42.51 -3.58
C ASP D 25 14.55 41.07 -3.88
N TYR D 26 13.64 40.85 -4.82
CA TYR D 26 13.36 39.52 -5.32
C TYR D 26 14.61 38.82 -5.87
N PHE D 27 15.48 39.51 -6.56
CA PHE D 27 16.60 38.84 -7.23
C PHE D 27 17.75 38.56 -6.27
N ALA D 28 17.88 39.35 -5.21
CA ALA D 28 18.96 39.03 -4.17
C ALA D 28 18.49 37.82 -3.34
N ALA D 29 17.20 37.84 -3.02
CA ALA D 29 16.57 36.74 -2.25
C ALA D 29 16.87 35.37 -2.90
N TRP D 30 16.79 35.29 -4.20
CA TRP D 30 16.86 34.03 -4.79
C TRP D 30 18.28 33.67 -5.08
N LYS D 31 19.09 34.68 -5.34
CA LYS D 31 20.47 34.48 -5.69
C LYS D 31 21.27 33.92 -4.58
N THR D 32 20.74 33.94 -3.38
CA THR D 32 21.49 33.36 -2.25
C THR D 32 21.79 31.93 -2.56
N LEU D 33 20.82 31.15 -3.00
CA LEU D 33 20.96 29.73 -3.43
C LEU D 33 22.11 29.41 -4.40
N LEU D 34 22.72 30.47 -4.97
CA LEU D 34 23.81 30.29 -5.94
C LEU D 34 25.12 29.83 -5.22
N ASP D 35 25.10 30.03 -3.89
CA ASP D 35 26.22 29.81 -3.01
C ASP D 35 26.19 28.51 -2.18
N GLY D 36 25.29 27.62 -2.64
CA GLY D 36 25.17 26.22 -2.18
C GLY D 36 25.12 25.34 -3.41
N PRO D 37 24.85 24.10 -3.19
CA PRO D 37 24.82 23.06 -4.23
C PRO D 37 23.81 23.35 -5.41
N GLY D 38 24.00 22.75 -6.59
CA GLY D 38 23.36 23.18 -7.78
C GLY D 38 21.92 22.72 -7.80
N LEU D 39 21.56 21.88 -6.85
CA LEU D 39 20.19 21.26 -6.78
C LEU D 39 20.00 20.85 -5.37
N VAL D 40 19.15 21.60 -4.68
CA VAL D 40 18.87 21.42 -3.28
C VAL D 40 17.52 21.01 -2.95
N TRP D 41 17.31 20.54 -1.72
CA TRP D 41 15.98 20.02 -1.22
C TRP D 41 15.49 20.87 -0.06
N SER D 42 14.32 21.50 -0.21
CA SER D 42 13.81 22.36 0.81
C SER D 42 12.84 21.58 1.68
N THR D 43 13.00 21.73 2.96
CA THR D 43 12.01 21.21 3.91
C THR D 43 10.69 22.04 3.91
N ALA D 44 10.64 23.20 3.24
CA ALA D 44 9.43 24.02 3.30
C ALA D 44 8.34 23.36 2.46
N ASN D 45 7.10 23.84 2.54
CA ASN D 45 6.05 23.39 1.59
C ASN D 45 5.92 21.88 1.37
N GLY D 46 6.13 21.02 2.32
CA GLY D 46 5.86 19.63 1.97
C GLY D 46 7.02 19.00 1.29
N GLY D 47 8.12 19.69 1.24
CA GLY D 47 9.41 19.17 0.70
C GLY D 47 9.43 19.06 -0.80
N HIS D 48 10.48 19.54 -1.39
CA HIS D 48 10.63 19.40 -2.85
C HIS D 48 12.04 19.79 -3.21
N TRP D 49 12.51 19.43 -4.39
CA TRP D 49 13.78 19.92 -4.99
C TRP D 49 13.61 21.40 -5.46
N ILE D 50 14.73 22.17 -5.42
CA ILE D 50 14.82 23.48 -6.14
C ILE D 50 16.12 23.52 -6.91
N ALA D 51 16.03 23.60 -8.23
CA ALA D 51 17.19 23.91 -9.08
C ALA D 51 17.72 25.22 -8.75
N ALA D 52 19.03 25.24 -8.73
CA ALA D 52 19.76 26.26 -8.03
C ALA D 52 21.06 26.69 -8.75
N ARG D 53 21.19 26.27 -10.01
CA ARG D 53 22.33 26.66 -10.89
C ARG D 53 21.83 26.68 -12.37
N GLY D 54 22.29 27.71 -13.08
CA GLY D 54 21.72 27.98 -14.36
C GLY D 54 21.59 26.67 -15.18
N ASP D 55 22.63 25.84 -15.15
CA ASP D 55 22.68 24.71 -16.06
C ASP D 55 21.60 23.64 -15.69
N VAL D 56 21.37 23.46 -14.38
CA VAL D 56 20.46 22.52 -13.81
C VAL D 56 19.07 23.03 -14.15
N VAL D 57 18.68 24.25 -13.70
CA VAL D 57 17.40 24.86 -14.03
C VAL D 57 17.12 24.62 -15.49
N ARG D 58 18.13 24.81 -16.33
CA ARG D 58 17.97 24.78 -17.80
C ARG D 58 17.78 23.40 -18.40
N GLU D 59 18.50 22.36 -17.94
CA GLU D 59 18.29 21.03 -18.54
C GLU D 59 17.04 20.38 -18.03
N LEU D 60 16.57 20.73 -16.82
CA LEU D 60 15.44 20.09 -16.23
C LEU D 60 14.17 20.64 -16.83
N TRP D 61 14.16 21.92 -17.04
CA TRP D 61 13.04 22.63 -17.67
C TRP D 61 12.82 22.11 -19.00
N GLY D 62 13.87 21.66 -19.59
CA GLY D 62 13.73 20.98 -20.86
C GLY D 62 13.20 19.59 -20.81
N ASP D 63 13.48 18.83 -19.76
CA ASP D 63 13.00 17.44 -19.64
C ASP D 63 11.50 17.41 -19.44
N ALA D 64 10.79 17.90 -20.42
CA ALA D 64 9.36 17.74 -20.44
C ALA D 64 8.98 16.28 -20.41
N GLU D 65 9.79 15.35 -21.00
CA GLU D 65 9.43 13.92 -20.86
C GLU D 65 9.49 13.24 -19.42
N ARG D 66 10.54 13.45 -18.64
CA ARG D 66 10.70 12.81 -17.30
C ARG D 66 10.18 13.66 -16.10
N LEU D 67 9.84 14.93 -16.39
CA LEU D 67 9.33 15.85 -15.44
C LEU D 67 8.12 16.59 -16.01
N SER D 68 6.93 16.34 -15.42
CA SER D 68 5.68 16.58 -16.05
C SER D 68 5.26 17.88 -15.61
N SER D 69 4.39 18.47 -16.44
CA SER D 69 3.84 19.79 -16.26
C SER D 69 2.55 19.70 -15.50
N GLN D 70 2.26 18.56 -14.94
CA GLN D 70 0.93 18.36 -14.41
C GLN D 70 0.71 19.00 -13.07
N CYS D 71 1.60 18.79 -12.11
CA CYS D 71 1.39 19.27 -10.76
C CYS D 71 1.20 20.84 -10.62
N LEU D 72 1.66 21.65 -11.58
CA LEU D 72 1.42 23.12 -11.58
C LEU D 72 2.16 23.95 -10.53
N ALA D 73 1.96 23.59 -9.27
CA ALA D 73 2.54 24.34 -8.13
C ALA D 73 2.94 23.25 -7.15
N VAL D 74 3.61 23.65 -6.06
CA VAL D 74 4.01 22.75 -4.98
C VAL D 74 2.81 22.61 -3.96
N THR D 75 1.90 23.66 -3.92
CA THR D 75 0.65 23.66 -3.05
C THR D 75 -0.25 22.52 -3.58
N PRO D 76 -0.67 21.61 -2.67
CA PRO D 76 -1.51 20.46 -3.06
C PRO D 76 -2.81 20.93 -3.73
N GLY D 77 -3.17 20.19 -4.80
CA GLY D 77 -4.38 20.44 -5.57
C GLY D 77 -4.68 21.71 -6.42
N LEU D 78 -3.87 22.79 -6.27
CA LEU D 78 -3.93 23.96 -7.23
C LEU D 78 -4.16 23.49 -8.74
N GLY D 79 -3.43 22.43 -9.14
CA GLY D 79 -3.34 21.99 -10.50
C GLY D 79 -4.50 21.11 -10.81
N LYS D 80 -4.81 20.33 -9.80
CA LYS D 80 -5.98 19.49 -9.99
C LYS D 80 -7.13 20.39 -10.41
N VAL D 81 -7.32 21.44 -9.67
CA VAL D 81 -8.39 22.32 -9.88
C VAL D 81 -8.30 23.16 -11.20
N MET D 82 -7.18 23.85 -11.48
CA MET D 82 -6.96 24.73 -12.72
C MET D 82 -6.95 24.06 -14.09
N GLN D 83 -6.44 22.83 -14.21
CA GLN D 83 -6.42 22.09 -15.49
C GLN D 83 -6.05 22.87 -16.77
N PHE D 84 -4.99 23.67 -16.73
CA PHE D 84 -4.77 24.55 -17.81
C PHE D 84 -4.39 23.76 -19.08
N ILE D 85 -4.75 24.33 -20.21
CA ILE D 85 -4.38 23.88 -21.49
C ILE D 85 -3.75 25.11 -22.22
N PRO D 86 -2.59 24.94 -22.86
CA PRO D 86 -1.74 23.72 -22.85
C PRO D 86 -0.84 23.55 -21.63
N LEU D 87 -0.88 24.48 -20.66
CA LEU D 87 0.35 24.66 -19.79
C LEU D 87 0.61 23.44 -18.94
N GLN D 88 -0.50 22.75 -18.61
CA GLN D 88 -0.50 21.64 -17.70
C GLN D 88 -0.51 20.27 -18.34
N GLN D 89 0.07 20.11 -19.51
CA GLN D 89 -0.14 18.92 -20.29
C GLN D 89 1.18 18.29 -20.77
N ASP D 90 1.16 17.01 -21.12
CA ASP D 90 2.36 16.33 -21.57
C ASP D 90 2.35 15.66 -22.98
N GLY D 91 3.51 15.65 -23.62
CA GLY D 91 3.69 14.86 -24.76
C GLY D 91 2.67 15.01 -25.83
N ALA D 92 2.11 13.89 -26.28
CA ALA D 92 1.34 13.91 -27.50
C ALA D 92 0.19 14.86 -27.33
N GLU D 93 -0.44 14.82 -26.17
CA GLU D 93 -1.57 15.69 -25.89
C GLU D 93 -1.13 17.12 -25.92
N HIS D 94 -0.02 17.37 -25.20
CA HIS D 94 0.47 18.68 -25.09
C HIS D 94 0.61 19.34 -26.52
N LYS D 95 1.41 18.66 -27.38
CA LYS D 95 1.57 19.08 -28.81
C LYS D 95 0.25 19.41 -29.54
N ALA D 96 -0.76 18.52 -29.47
CA ALA D 96 -1.95 18.72 -30.27
C ALA D 96 -2.67 20.02 -29.93
N PHE D 97 -2.69 20.41 -28.64
CA PHE D 97 -3.33 21.63 -28.13
C PHE D 97 -2.42 22.80 -28.22
N ARG D 98 -1.08 22.67 -28.10
CA ARG D 98 -0.21 23.83 -28.24
C ARG D 98 -0.35 24.42 -29.64
N THR D 99 -0.45 23.56 -30.65
CA THR D 99 -0.54 23.99 -32.05
C THR D 99 -1.62 25.05 -32.40
N PRO D 100 -2.88 24.75 -32.19
CA PRO D 100 -3.77 25.78 -32.71
C PRO D 100 -3.56 27.01 -31.86
N VAL D 101 -2.99 26.83 -30.68
CA VAL D 101 -2.89 27.95 -29.77
C VAL D 101 -1.76 28.92 -30.20
N MET D 102 -0.61 28.33 -30.56
CA MET D 102 0.56 29.04 -31.01
C MET D 102 0.14 29.75 -32.27
N LYS D 103 -0.57 29.06 -33.14
CA LYS D 103 -0.91 29.60 -34.38
C LYS D 103 -1.92 30.75 -34.14
N GLY D 104 -2.61 30.77 -33.01
CA GLY D 104 -3.41 31.92 -32.69
C GLY D 104 -2.57 33.17 -32.39
N LEU D 105 -1.39 32.97 -31.81
CA LEU D 105 -0.56 34.06 -31.25
C LEU D 105 0.64 34.30 -32.15
N ALA D 106 0.56 33.81 -33.39
CA ALA D 106 1.61 34.01 -34.45
C ALA D 106 2.00 35.53 -34.62
N SER D 107 3.26 35.82 -34.99
CA SER D 107 3.65 37.30 -35.09
C SER D 107 2.81 38.22 -36.03
N ARG D 108 2.43 37.73 -37.21
CA ARG D 108 1.57 38.55 -38.04
C ARG D 108 0.28 38.94 -37.30
N PHE D 109 0.03 38.34 -36.17
CA PHE D 109 -1.11 38.70 -35.42
C PHE D 109 -0.75 39.68 -34.31
N VAL D 110 0.44 39.44 -33.77
CA VAL D 110 1.00 40.30 -32.71
C VAL D 110 1.19 41.71 -33.32
N VAL D 111 1.86 41.71 -34.47
CA VAL D 111 1.97 42.90 -35.30
C VAL D 111 0.62 43.55 -35.62
N ALA D 112 -0.42 42.75 -35.83
CA ALA D 112 -1.70 43.29 -36.11
C ALA D 112 -2.29 43.93 -34.82
N LEU D 113 -1.88 43.45 -33.66
CA LEU D 113 -2.47 44.00 -32.40
C LEU D 113 -1.66 45.13 -31.87
N GLU D 114 -0.46 45.31 -32.41
CA GLU D 114 0.42 46.39 -31.98
C GLU D 114 -0.20 47.76 -31.93
N PRO D 115 -0.93 48.12 -32.98
CA PRO D 115 -1.54 49.44 -32.98
C PRO D 115 -2.57 49.55 -31.89
N LYS D 116 -3.33 48.49 -31.69
CA LYS D 116 -4.45 48.54 -30.78
C LYS D 116 -3.88 48.50 -29.38
N VAL D 117 -2.86 47.71 -29.17
CA VAL D 117 -2.33 47.59 -27.84
C VAL D 117 -1.60 48.88 -27.42
N GLN D 118 -1.19 49.69 -28.37
CA GLN D 118 -0.48 50.87 -28.00
C GLN D 118 -1.52 51.89 -27.44
N ALA D 119 -2.67 51.95 -28.07
CA ALA D 119 -3.61 52.99 -27.77
C ALA D 119 -4.17 52.68 -26.39
N VAL D 120 -4.00 51.42 -25.92
CA VAL D 120 -4.50 51.05 -24.59
C VAL D 120 -3.50 51.49 -23.48
N ALA D 121 -2.24 51.22 -23.75
CA ALA D 121 -1.19 51.76 -23.01
C ALA D 121 -1.25 53.27 -22.92
N ARG D 122 -1.47 53.93 -24.05
CA ARG D 122 -1.39 55.40 -24.07
C ARG D 122 -2.53 55.96 -23.21
N LYS D 123 -3.71 55.38 -23.35
CA LYS D 123 -4.87 55.87 -22.72
C LYS D 123 -4.57 55.87 -21.19
N LEU D 124 -3.98 54.76 -20.78
CA LEU D 124 -3.68 54.48 -19.39
C LEU D 124 -2.65 55.44 -18.89
N MET D 125 -1.56 55.57 -19.64
CA MET D 125 -0.56 56.58 -19.31
C MET D 125 -1.17 58.00 -19.00
N GLU D 126 -1.99 58.49 -19.90
CA GLU D 126 -2.49 59.80 -19.98
C GLU D 126 -3.41 59.99 -18.86
N SER D 127 -3.91 58.93 -18.27
CA SER D 127 -4.87 59.13 -17.22
C SER D 127 -4.18 59.42 -15.96
N LEU D 128 -2.89 59.12 -15.86
CA LEU D 128 -2.09 59.34 -14.62
C LEU D 128 -1.14 60.51 -14.79
N ARG D 129 -0.60 60.72 -15.98
CA ARG D 129 0.35 61.75 -16.13
C ARG D 129 0.03 63.10 -15.49
N PRO D 130 -1.20 63.60 -15.70
CA PRO D 130 -1.59 64.82 -15.00
C PRO D 130 -1.30 64.82 -13.48
N ARG D 131 -1.34 63.65 -12.79
CA ARG D 131 -1.29 63.57 -11.28
C ARG D 131 0.07 63.84 -10.61
N GLY D 132 1.16 63.67 -11.35
CA GLY D 132 2.45 64.01 -10.83
C GLY D 132 3.02 62.89 -10.04
N SER D 133 2.14 61.99 -9.58
CA SER D 133 2.56 60.67 -8.99
C SER D 133 1.59 59.49 -9.29
N CYS D 134 1.98 58.30 -8.77
CA CYS D 134 1.17 57.09 -8.90
C CYS D 134 1.87 55.92 -8.23
N ASP D 135 1.01 54.96 -7.89
CA ASP D 135 1.46 53.71 -7.33
C ASP D 135 1.35 52.74 -8.43
N PHE D 136 2.47 52.61 -9.14
CA PHE D 136 2.50 52.00 -10.42
C PHE D 136 2.02 50.55 -10.51
N VAL D 137 2.18 49.78 -9.41
CA VAL D 137 1.59 48.51 -9.31
C VAL D 137 0.04 48.61 -9.49
N SER D 138 -0.61 49.39 -8.68
CA SER D 138 -2.05 49.29 -8.66
C SER D 138 -2.72 50.21 -9.69
N ASP D 139 -2.08 51.35 -10.02
CA ASP D 139 -2.65 52.27 -11.00
C ASP D 139 -2.27 51.86 -12.42
N PHE D 140 -1.11 51.20 -12.62
CA PHE D 140 -0.74 50.80 -13.95
C PHE D 140 -0.59 49.28 -14.16
N ALA D 141 0.43 48.70 -13.59
CA ALA D 141 0.85 47.36 -13.91
C ALA D 141 -0.33 46.39 -13.91
N GLU D 142 -1.17 46.48 -12.89
CA GLU D 142 -2.25 45.56 -12.71
C GLU D 142 -3.52 45.87 -13.52
N ILE D 143 -3.50 46.87 -14.37
CA ILE D 143 -4.67 47.28 -15.11
C ILE D 143 -4.43 46.96 -16.57
N LEU D 144 -3.21 47.25 -17.02
CA LEU D 144 -2.90 47.17 -18.41
C LEU D 144 -3.11 45.79 -18.93
N PRO D 145 -2.57 44.75 -18.28
CA PRO D 145 -2.69 43.38 -18.84
C PRO D 145 -4.17 43.04 -19.11
N LEU D 146 -5.07 43.50 -18.23
CA LEU D 146 -6.37 43.08 -18.40
C LEU D 146 -6.95 43.88 -19.48
N ASN D 147 -6.68 45.18 -19.55
CA ASN D 147 -7.23 45.95 -20.69
C ASN D 147 -6.73 45.42 -22.03
N ILE D 148 -5.51 44.90 -22.04
CA ILE D 148 -5.03 44.19 -23.19
C ILE D 148 -5.83 42.94 -23.40
N PHE D 149 -6.10 42.21 -22.36
CA PHE D 149 -6.92 41.06 -22.58
C PHE D 149 -8.21 41.48 -23.30
N LEU D 150 -8.90 42.47 -22.77
CA LEU D 150 -10.17 42.82 -23.40
C LEU D 150 -10.03 43.09 -24.87
N THR D 151 -8.81 43.29 -25.37
CA THR D 151 -8.56 43.74 -26.74
C THR D 151 -8.19 42.56 -27.56
N LEU D 152 -7.49 41.64 -26.95
CA LEU D 152 -7.17 40.39 -27.56
C LEU D 152 -8.40 39.69 -28.06
N ILE D 153 -9.43 39.68 -27.20
CA ILE D 153 -10.63 38.87 -27.48
C ILE D 153 -11.70 39.73 -28.14
N ASP D 154 -11.43 41.02 -28.13
CA ASP D 154 -12.13 41.97 -28.96
C ASP D 154 -13.59 42.09 -28.63
N VAL D 155 -13.90 42.14 -27.33
CA VAL D 155 -15.16 42.69 -26.80
C VAL D 155 -15.44 44.07 -27.42
N PRO D 156 -16.68 44.25 -28.00
CA PRO D 156 -17.10 45.58 -28.43
C PRO D 156 -16.80 46.50 -27.27
N LEU D 157 -16.47 47.72 -27.66
CA LEU D 157 -15.92 48.72 -26.76
C LEU D 157 -16.80 49.15 -25.54
N GLU D 158 -18.14 49.26 -25.62
CA GLU D 158 -18.89 49.90 -24.48
C GLU D 158 -18.99 49.00 -23.25
N ASP D 159 -18.60 47.75 -23.41
CA ASP D 159 -18.63 46.85 -22.30
C ASP D 159 -17.43 46.96 -21.39
N ARG D 160 -16.36 47.54 -21.92
CA ARG D 160 -15.10 47.53 -21.24
C ARG D 160 -15.18 48.03 -19.79
N PRO D 161 -15.78 49.24 -19.54
CA PRO D 161 -15.89 49.69 -18.11
C PRO D 161 -16.44 48.62 -17.15
N ARG D 162 -17.39 47.86 -17.68
CA ARG D 162 -18.09 46.82 -16.92
C ARG D 162 -17.24 45.56 -16.68
N LEU D 163 -16.64 45.04 -17.76
CA LEU D 163 -15.77 43.84 -17.72
C LEU D 163 -14.47 44.07 -16.91
N ARG D 164 -13.96 45.30 -17.02
CA ARG D 164 -12.81 45.83 -16.31
C ARG D 164 -13.09 45.75 -14.80
N GLN D 165 -14.36 45.89 -14.42
CA GLN D 165 -14.55 45.89 -12.98
C GLN D 165 -14.85 44.56 -12.40
N LEU D 166 -14.79 43.54 -13.24
CA LEU D 166 -15.26 42.21 -12.88
C LEU D 166 -14.28 41.01 -12.76
N GLY D 167 -13.05 41.00 -13.30
CA GLY D 167 -12.31 42.12 -13.79
C GLY D 167 -11.09 42.02 -12.92
N VAL D 168 -11.01 42.94 -11.96
CA VAL D 168 -9.86 43.10 -11.04
C VAL D 168 -9.85 42.13 -9.87
N GLN D 169 -10.96 41.45 -9.71
CA GLN D 169 -11.07 40.40 -8.70
C GLN D 169 -10.22 39.22 -9.11
N LEU D 170 -10.09 39.11 -10.44
CA LEU D 170 -9.26 38.13 -11.12
C LEU D 170 -7.80 38.43 -10.95
N THR D 171 -7.43 39.70 -10.87
CA THR D 171 -6.02 40.01 -10.63
C THR D 171 -5.68 40.36 -9.13
N ARG D 172 -4.93 39.55 -8.37
CA ARG D 172 -4.39 38.18 -8.66
C ARG D 172 -4.16 37.53 -7.28
N GLY D 175 -6.54 39.97 -3.30
CA GLY D 175 -7.59 39.44 -2.38
C GLY D 175 -7.30 38.00 -1.95
N SER D 176 -8.18 37.44 -1.10
CA SER D 176 -7.92 36.08 -0.55
C SER D 176 -8.96 34.98 -0.91
N MET D 177 -8.76 34.43 -2.12
CA MET D 177 -9.67 33.47 -2.72
C MET D 177 -9.13 32.01 -2.88
N THR D 178 -10.00 31.04 -2.62
CA THR D 178 -9.58 29.65 -2.72
C THR D 178 -9.37 29.28 -4.15
N VAL D 179 -8.34 28.47 -4.39
CA VAL D 179 -8.06 28.03 -5.75
C VAL D 179 -9.40 27.70 -6.57
N GLU D 180 -10.29 26.95 -5.99
CA GLU D 180 -11.53 26.58 -6.60
C GLU D 180 -12.49 27.77 -6.90
N GLN D 181 -12.35 28.81 -6.12
CA GLN D 181 -13.26 29.86 -6.26
C GLN D 181 -12.72 30.71 -7.28
N LEU D 182 -11.41 30.78 -7.34
CA LEU D 182 -10.74 31.62 -8.25
C LEU D 182 -10.94 31.13 -9.65
N LYS D 183 -11.03 29.80 -9.81
CA LYS D 183 -11.16 29.16 -11.09
C LYS D 183 -12.55 29.32 -11.50
N GLN D 184 -13.44 29.22 -10.58
CA GLN D 184 -14.82 29.43 -10.81
C GLN D 184 -15.07 30.82 -11.38
N ALA D 185 -14.37 31.82 -10.88
CA ALA D 185 -14.64 33.22 -11.20
C ALA D 185 -14.09 33.55 -12.57
N ALA D 186 -12.94 32.92 -12.84
CA ALA D 186 -12.39 33.01 -14.15
C ALA D 186 -13.34 32.42 -15.15
N ASP D 187 -13.81 31.21 -14.86
CA ASP D 187 -14.72 30.56 -15.73
C ASP D 187 -16.00 31.44 -16.06
N ASP D 188 -16.60 32.01 -15.02
CA ASP D 188 -17.83 32.77 -15.17
C ASP D 188 -17.70 34.08 -15.91
N TYR D 189 -16.69 34.78 -15.55
CA TYR D 189 -16.20 35.87 -16.35
C TYR D 189 -15.98 35.57 -17.87
N LEU D 190 -15.40 34.38 -18.16
CA LEU D 190 -14.94 34.08 -19.47
C LEU D 190 -16.04 33.51 -20.33
N TRP D 191 -16.86 32.65 -19.75
CA TRP D 191 -17.80 31.89 -20.51
C TRP D 191 -18.48 32.74 -21.60
N PRO D 192 -18.98 33.98 -21.26
CA PRO D 192 -19.88 34.68 -22.26
C PRO D 192 -19.22 34.83 -23.59
N PHE D 193 -17.97 35.25 -23.55
CA PHE D 193 -17.07 35.41 -24.69
C PHE D 193 -16.85 34.13 -25.40
N ILE D 194 -16.61 33.05 -24.66
CA ILE D 194 -16.44 31.77 -25.22
C ILE D 194 -17.70 31.41 -25.97
N GLU D 195 -18.84 31.59 -25.32
CA GLU D 195 -20.08 31.16 -25.93
C GLU D 195 -20.33 31.92 -27.27
N LYS D 196 -20.10 33.26 -27.26
CA LYS D 196 -20.33 34.25 -28.39
C LYS D 196 -19.43 33.84 -29.56
N ARG D 197 -18.21 33.40 -29.25
CA ARG D 197 -17.19 33.24 -30.28
C ARG D 197 -17.09 31.80 -30.86
N MET D 198 -17.70 30.88 -30.15
CA MET D 198 -17.68 29.54 -30.61
C MET D 198 -18.86 29.46 -31.55
N ALA D 199 -19.89 30.28 -31.39
CA ALA D 199 -21.14 30.23 -32.17
C ALA D 199 -21.07 31.14 -33.42
N GLN D 200 -21.04 32.52 -33.21
CA GLN D 200 -20.52 33.49 -34.23
C GLN D 200 -19.08 33.92 -34.04
N PRO D 201 -18.12 33.12 -34.60
CA PRO D 201 -16.69 33.46 -34.57
C PRO D 201 -16.34 34.71 -35.33
N GLY D 202 -15.55 35.59 -34.68
CA GLY D 202 -14.87 36.79 -35.28
C GLY D 202 -13.43 36.53 -35.70
N ASP D 203 -12.58 37.58 -35.69
CA ASP D 203 -11.12 37.32 -35.99
C ASP D 203 -10.19 37.78 -34.83
N ASP D 204 -10.78 37.90 -33.64
CA ASP D 204 -10.06 38.04 -32.41
C ASP D 204 -9.36 36.72 -31.92
N LEU D 205 -8.51 36.86 -30.92
CA LEU D 205 -7.74 35.74 -30.46
C LEU D 205 -8.48 34.34 -30.14
N PHE D 206 -9.66 34.37 -29.45
CA PHE D 206 -10.32 33.12 -29.01
C PHE D 206 -10.96 32.48 -30.22
N SER D 207 -11.58 33.34 -31.05
CA SER D 207 -12.12 32.85 -32.32
C SER D 207 -11.00 32.18 -33.12
N ARG D 208 -9.89 32.85 -33.34
CA ARG D 208 -8.87 32.18 -34.11
C ARG D 208 -8.70 30.78 -33.45
N ILE D 209 -8.26 30.69 -32.22
CA ILE D 209 -7.87 29.39 -31.75
C ILE D 209 -8.98 28.35 -31.77
N LEU D 210 -10.10 28.62 -31.07
CA LEU D 210 -11.28 27.71 -30.95
C LEU D 210 -11.99 27.25 -32.22
N SER D 211 -11.53 27.69 -33.37
CA SER D 211 -12.14 27.29 -34.58
C SER D 211 -11.13 26.53 -35.46
N GLU D 212 -9.91 26.41 -35.04
CA GLU D 212 -8.95 25.49 -35.59
C GLU D 212 -9.25 24.16 -34.97
N PRO D 213 -8.96 23.09 -35.65
CA PRO D 213 -9.12 21.76 -35.03
C PRO D 213 -8.00 21.42 -34.06
N VAL D 214 -8.33 20.58 -33.07
CA VAL D 214 -7.32 19.92 -32.20
C VAL D 214 -7.25 18.45 -32.53
N GLY D 215 -6.08 18.07 -33.01
CA GLY D 215 -5.82 16.65 -33.43
C GLY D 215 -6.82 16.12 -34.43
N GLY D 216 -7.31 16.95 -35.32
CA GLY D 216 -8.29 16.53 -36.28
C GLY D 216 -9.77 16.47 -35.93
N ARG D 217 -10.17 16.99 -34.80
CA ARG D 217 -11.60 17.08 -34.39
C ARG D 217 -11.75 18.39 -33.61
N PRO D 218 -12.98 18.86 -33.49
CA PRO D 218 -13.29 20.18 -32.91
C PRO D 218 -12.92 20.19 -31.43
N TRP D 219 -12.63 21.39 -30.93
CA TRP D 219 -12.51 21.67 -29.49
C TRP D 219 -13.77 21.21 -28.81
N THR D 220 -13.69 20.63 -27.59
CA THR D 220 -14.93 20.37 -26.81
C THR D 220 -15.18 21.67 -26.05
N VAL D 221 -16.32 21.81 -25.38
CA VAL D 221 -16.48 22.91 -24.48
C VAL D 221 -15.58 22.93 -23.28
N ASP D 222 -15.25 21.81 -22.70
CA ASP D 222 -14.42 21.85 -21.47
C ASP D 222 -12.98 22.24 -21.77
N GLU D 223 -12.38 21.65 -22.82
CA GLU D 223 -11.07 22.04 -23.26
C GLU D 223 -11.01 23.60 -23.52
N ALA D 224 -11.98 24.08 -24.28
CA ALA D 224 -12.18 25.49 -24.46
C ALA D 224 -12.02 26.25 -23.10
N ARG D 225 -12.87 25.90 -22.13
CA ARG D 225 -12.88 26.58 -20.84
C ARG D 225 -11.48 26.62 -20.31
N ARG D 226 -10.84 25.49 -20.29
CA ARG D 226 -9.49 25.34 -19.69
C ARG D 226 -8.38 26.16 -20.42
N MET D 227 -8.51 26.34 -21.72
CA MET D 227 -7.49 26.93 -22.55
C MET D 227 -7.67 28.44 -22.41
N CYS D 228 -8.92 28.93 -22.42
CA CYS D 228 -9.16 30.32 -22.28
C CYS D 228 -8.76 30.81 -20.90
N ARG D 229 -9.00 30.00 -19.92
CA ARG D 229 -8.53 30.25 -18.59
C ARG D 229 -7.01 30.43 -18.63
N ASN D 230 -6.34 29.52 -19.32
CA ASN D 230 -4.90 29.51 -19.36
C ASN D 230 -4.36 30.81 -20.02
N LEU D 231 -4.99 31.23 -21.13
CA LEU D 231 -4.63 32.50 -21.71
C LEU D 231 -4.93 33.65 -20.83
N LEU D 232 -6.06 33.65 -20.16
CA LEU D 232 -6.46 34.79 -19.33
C LEU D 232 -5.41 35.05 -18.35
N PHE D 233 -5.21 34.08 -17.43
CA PHE D 233 -4.18 34.15 -16.37
C PHE D 233 -2.79 34.28 -16.91
N GLY D 234 -2.52 33.61 -18.03
CA GLY D 234 -1.17 33.48 -18.60
C GLY D 234 -0.40 34.79 -18.82
N GLY D 235 -1.13 35.76 -19.35
CA GLY D 235 -0.61 37.05 -19.62
C GLY D 235 -1.15 38.17 -18.73
N LEU D 236 -1.71 37.80 -17.60
CA LEU D 236 -2.17 38.71 -16.57
C LEU D 236 -1.04 39.10 -15.56
N ASP D 237 -0.77 38.22 -14.58
CA ASP D 237 0.19 38.57 -13.60
C ASP D 237 1.72 38.61 -13.99
N THR D 238 2.03 37.79 -14.97
CA THR D 238 3.31 37.87 -15.66
C THR D 238 3.52 39.26 -16.24
N VAL D 239 2.67 39.66 -17.18
CA VAL D 239 2.91 40.91 -17.85
C VAL D 239 2.94 42.05 -16.89
N ALA D 240 2.10 42.00 -15.82
CA ALA D 240 2.10 43.09 -14.77
C ALA D 240 3.50 43.18 -14.01
N ALA D 241 4.07 42.01 -13.78
CA ALA D 241 5.22 41.91 -13.02
C ALA D 241 6.34 42.46 -13.79
N MET D 242 6.33 42.14 -15.09
CA MET D 242 7.40 42.53 -15.99
C MET D 242 7.42 44.09 -16.18
N ILE D 243 6.23 44.69 -16.45
CA ILE D 243 6.09 46.16 -16.67
C ILE D 243 6.60 46.89 -15.42
N GLY D 244 6.16 46.33 -14.29
CA GLY D 244 6.71 46.63 -12.95
C GLY D 244 8.22 46.59 -12.95
N MET D 245 8.84 45.49 -13.38
CA MET D 245 10.29 45.44 -13.32
C MET D 245 10.91 46.56 -14.21
N VAL D 246 10.37 46.66 -15.41
CA VAL D 246 10.86 47.59 -16.40
C VAL D 246 10.75 49.03 -15.88
N ALA D 247 9.53 49.37 -15.40
CA ALA D 247 9.34 50.63 -14.73
C ALA D 247 10.48 50.87 -13.63
N LEU D 248 10.55 49.96 -12.63
CA LEU D 248 11.42 50.12 -11.55
C LEU D 248 12.83 50.24 -12.10
N HIS D 249 13.14 49.52 -13.19
CA HIS D 249 14.50 49.76 -13.72
C HIS D 249 14.67 51.26 -14.18
N LEU D 250 13.75 51.73 -15.00
CA LEU D 250 13.86 53.12 -15.54
C LEU D 250 13.86 54.13 -14.44
N ALA D 251 13.28 53.82 -13.26
CA ALA D 251 13.27 54.76 -12.18
C ALA D 251 14.64 54.87 -11.51
N ARG D 252 15.29 53.75 -11.34
CA ARG D 252 16.56 53.74 -10.64
C ARG D 252 17.61 54.21 -11.61
N HIS D 253 17.20 54.48 -12.86
CA HIS D 253 18.13 54.68 -13.98
C HIS D 253 17.66 55.80 -14.89
N PRO D 254 17.52 57.02 -14.31
CA PRO D 254 17.33 58.20 -15.13
C PRO D 254 18.26 58.29 -16.40
N GLU D 255 19.44 57.74 -16.34
CA GLU D 255 20.30 57.70 -17.48
C GLU D 255 19.75 56.77 -18.58
N ASP D 256 19.28 55.58 -18.21
CA ASP D 256 18.51 54.81 -19.21
C ASP D 256 17.32 55.54 -19.81
N GLN D 257 16.58 56.27 -18.93
CA GLN D 257 15.43 57.10 -19.41
C GLN D 257 15.93 58.13 -20.40
N ARG D 258 16.96 58.88 -20.02
CA ARG D 258 17.55 59.84 -20.99
C ARG D 258 17.90 59.03 -22.29
N LEU D 259 18.60 57.90 -22.13
CA LEU D 259 19.00 57.10 -23.29
C LEU D 259 17.88 56.88 -24.25
N LEU D 260 16.82 56.30 -23.77
CA LEU D 260 15.74 55.92 -24.72
C LEU D 260 14.86 57.10 -25.29
N ARG D 261 15.16 58.29 -24.82
CA ARG D 261 14.33 59.36 -25.18
C ARG D 261 14.95 60.03 -26.34
N GLU D 262 16.28 59.98 -26.46
CA GLU D 262 16.87 60.41 -27.72
C GLU D 262 16.96 59.30 -28.70
N ARG D 263 17.11 58.12 -28.17
CA ARG D 263 17.18 56.99 -29.04
C ARG D 263 15.93 56.07 -29.14
N PRO D 264 14.74 56.57 -29.44
CA PRO D 264 13.57 55.66 -29.38
C PRO D 264 13.80 54.29 -30.10
N ASP D 265 14.60 54.31 -31.16
CA ASP D 265 14.99 53.10 -31.98
C ASP D 265 15.88 52.18 -31.20
N LEU D 266 16.15 52.56 -29.94
CA LEU D 266 16.84 51.68 -28.98
C LEU D 266 15.91 50.90 -28.07
N ILE D 267 14.62 51.16 -28.22
CA ILE D 267 13.63 50.55 -27.38
C ILE D 267 13.47 49.05 -27.57
N PRO D 268 13.47 48.59 -28.80
CA PRO D 268 13.23 47.14 -28.90
C PRO D 268 14.41 46.33 -28.38
N ALA D 269 15.65 46.78 -28.49
CA ALA D 269 16.75 45.99 -27.99
C ALA D 269 16.81 46.05 -26.44
N ALA D 270 16.34 47.15 -25.88
CA ALA D 270 16.33 47.30 -24.42
C ALA D 270 15.16 46.46 -23.88
N ALA D 271 14.12 46.37 -24.67
CA ALA D 271 13.05 45.50 -24.23
C ALA D 271 13.67 44.12 -23.90
N ASP D 272 14.36 43.49 -24.89
CA ASP D 272 14.95 42.13 -24.75
C ASP D 272 15.93 42.04 -23.57
N GLU D 273 16.72 43.08 -23.42
CA GLU D 273 17.75 43.12 -22.39
C GLU D 273 17.04 43.26 -21.04
N LEU D 274 16.00 44.06 -20.94
CA LEU D 274 15.40 44.23 -19.67
C LEU D 274 14.57 42.95 -19.30
N MET D 275 14.00 42.26 -20.33
CA MET D 275 13.22 41.08 -20.14
C MET D 275 14.21 39.95 -19.86
N ARG D 276 15.51 40.06 -20.27
CA ARG D 276 16.51 39.13 -19.87
C ARG D 276 17.01 39.36 -18.42
N ARG D 277 16.89 40.56 -17.88
CA ARG D 277 17.53 41.02 -16.65
C ARG D 277 16.62 40.94 -15.42
N TYR D 278 15.28 40.98 -15.61
CA TYR D 278 14.34 40.89 -14.51
C TYR D 278 13.34 39.75 -14.60
N PRO D 279 13.81 38.52 -14.76
CA PRO D 279 12.80 37.47 -14.83
C PRO D 279 12.32 37.06 -13.41
N THR D 280 11.08 36.67 -13.22
CA THR D 280 10.57 36.46 -11.86
C THR D 280 9.57 35.32 -11.98
N VAL D 281 9.60 34.54 -13.08
CA VAL D 281 8.73 33.43 -13.17
C VAL D 281 9.43 32.19 -12.85
N ALA D 282 8.87 31.40 -11.91
CA ALA D 282 9.37 30.03 -11.52
C ALA D 282 8.28 28.90 -11.67
N VAL D 283 8.66 27.68 -12.05
CA VAL D 283 7.65 26.71 -12.36
C VAL D 283 7.88 25.33 -11.69
N SER D 284 6.88 24.47 -11.78
CA SER D 284 6.95 23.24 -11.08
C SER D 284 6.75 22.08 -11.95
N ARG D 285 7.52 21.06 -11.69
CA ARG D 285 7.27 19.82 -12.32
C ARG D 285 7.18 18.70 -11.28
N ASN D 286 6.41 17.70 -11.57
CA ASN D 286 6.55 16.48 -10.80
C ASN D 286 7.35 15.35 -11.57
N ALA D 287 8.27 14.74 -10.89
CA ALA D 287 9.00 13.63 -11.64
C ALA D 287 8.13 12.35 -12.00
N VAL D 288 8.21 11.94 -13.26
CA VAL D 288 7.51 10.72 -13.61
C VAL D 288 8.55 9.71 -14.04
N ALA D 289 9.83 9.99 -13.82
CA ALA D 289 10.90 9.02 -14.09
C ALA D 289 12.06 9.46 -13.22
N ASP D 290 12.88 8.53 -12.68
CA ASP D 290 13.96 9.03 -11.93
C ASP D 290 14.86 9.87 -12.88
N VAL D 291 15.10 11.11 -12.50
CA VAL D 291 16.08 11.94 -13.21
C VAL D 291 17.42 12.12 -12.44
N ASP D 292 18.57 12.00 -13.13
CA ASP D 292 19.90 12.40 -12.44
C ASP D 292 20.25 13.82 -12.78
N ALA D 293 20.60 14.61 -11.83
CA ALA D 293 21.06 15.91 -12.11
C ALA D 293 22.00 16.22 -11.02
N ASP D 294 23.14 16.77 -11.41
CA ASP D 294 24.14 17.35 -10.46
C ASP D 294 24.65 16.27 -9.58
N GLY D 295 24.69 15.04 -10.13
CA GLY D 295 25.09 13.83 -9.31
C GLY D 295 24.22 13.49 -8.10
N VAL D 296 22.90 13.64 -8.24
CA VAL D 296 21.90 13.10 -7.30
C VAL D 296 20.76 12.56 -8.19
N THR D 297 19.80 11.86 -7.57
CA THR D 297 18.68 11.49 -8.30
C THR D 297 17.41 12.13 -7.72
N ILE D 298 16.61 12.76 -8.58
CA ILE D 298 15.22 13.08 -8.36
C ILE D 298 14.45 11.81 -8.62
N ARG D 299 13.52 11.44 -7.71
CA ARG D 299 12.74 10.21 -7.85
C ARG D 299 11.30 10.46 -8.29
N LYS D 300 10.71 9.41 -8.89
CA LYS D 300 9.36 9.48 -9.39
C LYS D 300 8.58 9.95 -8.25
N GLY D 301 7.96 11.11 -8.35
CA GLY D 301 7.00 11.54 -7.35
C GLY D 301 7.43 12.86 -6.72
N ASP D 302 8.74 13.13 -6.75
CA ASP D 302 9.24 14.37 -6.12
C ASP D 302 8.76 15.57 -6.90
N LEU D 303 8.70 16.71 -6.23
CA LEU D 303 8.41 17.87 -6.99
C LEU D 303 9.75 18.62 -7.17
N VAL D 304 9.96 19.16 -8.35
CA VAL D 304 11.11 20.07 -8.64
C VAL D 304 10.63 21.51 -8.95
N TYR D 305 11.31 22.46 -8.37
CA TYR D 305 10.90 23.85 -8.57
C TYR D 305 11.95 24.52 -9.35
N LEU D 306 11.56 25.24 -10.36
CA LEU D 306 12.59 25.79 -11.25
C LEU D 306 12.50 27.32 -11.41
N PRO D 307 13.44 28.12 -10.78
CA PRO D 307 13.50 29.62 -10.88
C PRO D 307 14.23 30.18 -12.17
N SER D 308 13.52 30.81 -13.12
CA SER D 308 14.20 31.27 -14.25
C SER D 308 15.37 32.27 -13.93
N VAL D 309 15.30 32.99 -12.81
CA VAL D 309 16.26 33.98 -12.44
C VAL D 309 17.63 33.37 -12.25
N LEU D 310 17.64 32.12 -11.79
CA LEU D 310 18.93 31.45 -11.49
C LEU D 310 19.49 30.78 -12.75
N HIS D 311 18.86 31.01 -13.91
CA HIS D 311 19.62 30.77 -15.15
C HIS D 311 20.04 32.15 -15.74
N ASN D 312 19.16 33.10 -15.75
CA ASN D 312 19.45 34.40 -16.26
C ASN D 312 20.55 35.09 -15.48
N LEU D 313 20.53 35.03 -14.15
CA LEU D 313 21.40 35.94 -13.41
C LEU D 313 22.49 35.10 -12.75
N ASP D 314 22.75 33.90 -13.30
CA ASP D 314 23.80 33.02 -12.78
C ASP D 314 25.00 33.36 -13.60
N PRO D 315 26.11 33.81 -12.91
CA PRO D 315 27.29 34.44 -13.50
C PRO D 315 27.94 33.42 -14.29
N ALA D 316 27.59 32.14 -14.06
CA ALA D 316 28.29 30.98 -14.79
C ALA D 316 27.65 30.55 -16.06
N SER D 317 26.43 30.98 -16.30
CA SER D 317 25.76 30.81 -17.61
C SER D 317 25.84 32.13 -18.51
N PHE D 318 25.95 33.31 -17.85
CA PHE D 318 26.00 34.55 -18.62
C PHE D 318 26.96 35.48 -17.99
N GLU D 319 27.75 36.14 -18.82
CA GLU D 319 28.65 37.22 -18.33
C GLU D 319 27.90 38.37 -17.65
N ALA D 320 28.38 38.82 -16.51
CA ALA D 320 27.91 40.06 -15.92
C ALA D 320 26.47 40.27 -16.27
N PRO D 321 25.64 39.31 -15.85
CA PRO D 321 24.19 39.37 -16.23
C PRO D 321 23.40 40.47 -15.54
N GLU D 322 23.94 41.10 -14.51
CA GLU D 322 23.21 42.20 -13.83
C GLU D 322 23.47 43.47 -14.56
N GLU D 323 24.31 43.43 -15.61
CA GLU D 323 24.53 44.63 -16.48
C GLU D 323 23.53 44.58 -17.62
N VAL D 324 22.80 45.67 -17.76
CA VAL D 324 21.87 45.79 -18.85
C VAL D 324 22.76 46.32 -19.92
N ARG D 325 23.08 45.50 -20.93
CA ARG D 325 24.04 45.94 -21.95
C ARG D 325 23.67 45.55 -23.42
N PHE D 326 24.03 46.34 -24.42
CA PHE D 326 23.54 46.07 -25.80
C PHE D 326 24.50 45.32 -26.74
N ASP D 327 25.44 44.62 -26.16
CA ASP D 327 26.48 43.97 -26.97
C ASP D 327 26.41 42.46 -26.83
N ARG D 328 25.26 41.96 -26.43
CA ARG D 328 25.22 40.56 -26.05
C ARG D 328 24.94 39.67 -27.30
N GLY D 329 24.13 40.20 -28.22
CA GLY D 329 23.70 39.40 -29.32
C GLY D 329 23.02 38.13 -28.86
N LEU D 330 22.19 38.18 -27.81
CA LEU D 330 21.41 37.01 -27.41
C LEU D 330 20.04 36.99 -27.96
N ALA D 331 19.77 35.97 -28.77
CA ALA D 331 18.40 35.67 -29.14
C ALA D 331 17.71 35.39 -27.81
N PRO D 332 16.44 35.83 -27.67
CA PRO D 332 15.63 35.56 -26.46
C PRO D 332 15.46 34.10 -26.02
N ILE D 333 15.18 33.17 -26.95
CA ILE D 333 15.15 31.71 -26.70
C ILE D 333 16.31 31.15 -25.89
N ARG D 334 17.46 31.79 -25.88
CA ARG D 334 18.69 31.32 -25.19
C ARG D 334 18.64 31.49 -23.69
N HIS D 335 17.92 32.51 -23.24
CA HIS D 335 17.69 32.77 -21.86
C HIS D 335 16.25 32.24 -21.55
N THR D 336 15.74 32.57 -20.35
CA THR D 336 14.75 31.72 -19.76
C THR D 336 13.47 32.46 -19.27
N THR D 337 13.48 33.78 -19.35
CA THR D 337 12.28 34.52 -18.95
C THR D 337 10.99 33.86 -19.36
N MET D 338 10.98 33.28 -20.59
CA MET D 338 9.70 32.70 -21.09
C MET D 338 9.75 31.16 -21.02
N GLY D 339 10.83 30.60 -20.44
CA GLY D 339 10.95 29.18 -20.33
C GLY D 339 11.83 28.55 -21.35
N VAL D 340 11.81 27.21 -21.34
CA VAL D 340 12.65 26.41 -22.26
C VAL D 340 11.99 25.11 -22.78
N GLY D 341 12.08 24.88 -24.08
CA GLY D 341 11.61 23.59 -24.73
C GLY D 341 10.14 23.53 -25.15
N ALA D 342 9.46 22.42 -24.87
CA ALA D 342 8.13 22.27 -25.33
C ALA D 342 7.09 23.35 -24.71
N HIS D 343 7.19 23.72 -23.46
CA HIS D 343 6.19 24.66 -22.98
C HIS D 343 6.62 26.15 -23.07
N ARG D 344 7.54 26.58 -23.93
CA ARG D 344 7.96 27.97 -23.98
C ARG D 344 6.83 28.96 -24.29
N CYS D 345 6.72 29.99 -23.47
CA CYS D 345 5.53 30.80 -23.50
C CYS D 345 5.01 30.94 -24.95
N VAL D 346 3.84 30.35 -25.25
CA VAL D 346 3.18 30.74 -26.50
C VAL D 346 3.12 32.25 -26.67
N GLY D 347 2.92 32.99 -25.56
CA GLY D 347 2.81 34.44 -25.65
C GLY D 347 4.12 35.24 -25.71
N ALA D 348 5.23 34.59 -26.00
CA ALA D 348 6.57 35.27 -26.11
C ALA D 348 6.48 36.53 -26.92
N GLY D 349 6.19 36.37 -28.19
CA GLY D 349 6.13 37.45 -29.11
C GLY D 349 5.23 38.50 -28.61
N LEU D 350 4.03 38.16 -28.18
CA LEU D 350 3.09 39.12 -27.63
C LEU D 350 3.64 39.91 -26.44
N ALA D 351 4.11 39.17 -25.44
CA ALA D 351 4.77 39.82 -24.30
C ALA D 351 5.83 40.88 -24.76
N ARG D 352 6.65 40.55 -25.75
CA ARG D 352 7.72 41.45 -26.17
C ARG D 352 7.14 42.66 -26.75
N MET D 353 6.12 42.50 -27.58
CA MET D 353 5.29 43.64 -28.07
C MET D 353 4.68 44.51 -26.93
N GLU D 354 4.05 43.89 -25.90
CA GLU D 354 3.47 44.64 -24.75
C GLU D 354 4.53 45.45 -24.06
N VAL D 355 5.74 44.86 -23.93
CA VAL D 355 6.82 45.61 -23.27
C VAL D 355 7.28 46.86 -24.12
N ILE D 356 7.45 46.63 -25.41
CA ILE D 356 8.02 47.67 -26.27
C ILE D 356 7.06 48.82 -26.29
N VAL D 357 5.78 48.46 -26.44
CA VAL D 357 4.72 49.47 -26.60
C VAL D 357 4.58 50.29 -25.29
N PHE D 358 4.68 49.63 -24.15
CA PHE D 358 4.79 50.29 -22.89
C PHE D 358 5.93 51.29 -22.96
N LEU D 359 7.12 50.78 -23.24
CA LEU D 359 8.35 51.65 -23.25
C LEU D 359 8.12 52.80 -24.22
N ARG D 360 7.63 52.53 -25.44
CA ARG D 360 7.35 53.63 -26.38
C ARG D 360 6.47 54.65 -25.71
N GLU D 361 5.34 54.25 -25.16
CA GLU D 361 4.36 55.25 -24.71
C GLU D 361 4.74 55.86 -23.35
N TRP D 362 5.27 55.06 -22.45
CA TRP D 362 5.69 55.58 -21.18
C TRP D 362 6.76 56.63 -21.37
N LEU D 363 7.78 56.34 -22.12
CA LEU D 363 8.87 57.27 -22.27
C LEU D 363 8.52 58.43 -23.16
N GLY D 364 7.58 58.24 -24.08
CA GLY D 364 7.19 59.28 -24.99
C GLY D 364 6.32 60.38 -24.44
N GLY D 365 5.44 60.06 -23.49
CA GLY D 365 4.45 60.94 -23.01
C GLY D 365 4.90 61.46 -21.67
N MET D 366 5.34 60.56 -20.87
CA MET D 366 5.66 60.90 -19.50
C MET D 366 6.86 61.78 -19.49
N PRO D 367 7.05 62.64 -18.49
CA PRO D 367 8.39 63.33 -18.32
C PRO D 367 9.26 62.48 -17.45
N GLU D 368 10.48 62.94 -17.14
CA GLU D 368 11.44 62.16 -16.32
C GLU D 368 10.88 61.90 -14.88
N PHE D 369 10.86 60.64 -14.48
CA PHE D 369 10.33 60.25 -13.21
C PHE D 369 11.32 59.61 -12.27
N ALA D 370 10.87 59.31 -11.05
CA ALA D 370 11.79 58.80 -10.02
C ALA D 370 11.00 58.04 -8.96
N LEU D 371 11.67 57.54 -7.93
CA LEU D 371 11.03 56.80 -6.94
C LEU D 371 10.72 57.75 -5.85
N ALA D 372 9.46 58.00 -5.51
CA ALA D 372 9.09 58.91 -4.34
C ALA D 372 10.09 58.85 -3.26
N PRO D 373 10.35 59.99 -2.65
CA PRO D 373 11.34 60.07 -1.58
C PRO D 373 10.95 59.22 -0.30
N ASP D 374 9.70 59.28 0.23
CA ASP D 374 9.44 58.66 1.60
C ASP D 374 8.33 57.61 1.52
N LYS D 375 8.46 56.76 0.50
CA LYS D 375 7.60 55.55 0.30
C LYS D 375 8.54 54.50 -0.25
N ALA D 376 8.38 53.30 0.29
CA ALA D 376 9.29 52.19 0.04
C ALA D 376 8.94 51.50 -1.29
N VAL D 377 9.92 50.89 -1.98
CA VAL D 377 9.61 49.94 -2.98
C VAL D 377 9.67 48.58 -2.29
N THR D 378 8.59 47.82 -2.34
CA THR D 378 8.59 46.39 -1.80
C THR D 378 8.27 45.28 -2.85
N MET D 379 8.78 44.09 -2.61
CA MET D 379 8.41 43.00 -3.54
C MET D 379 7.67 41.81 -2.85
N LYS D 380 7.20 40.84 -3.61
CA LYS D 380 6.71 39.58 -3.11
C LYS D 380 7.33 38.52 -3.87
N GLY D 381 7.17 37.27 -3.43
CA GLY D 381 7.85 36.09 -4.10
C GLY D 381 6.82 35.30 -4.79
N GLY D 382 6.83 34.01 -4.44
CA GLY D 382 5.93 33.06 -5.07
C GLY D 382 6.28 32.72 -6.56
N ASN D 383 5.39 32.07 -7.25
CA ASN D 383 5.61 31.77 -8.64
C ASN D 383 5.92 33.05 -9.48
N VAL D 384 5.02 34.00 -9.61
CA VAL D 384 5.35 35.13 -10.39
C VAL D 384 5.76 36.30 -9.45
N GLY D 385 7.04 36.46 -9.22
CA GLY D 385 7.57 37.50 -8.36
C GLY D 385 7.16 38.82 -8.93
N ALA D 386 7.24 39.91 -8.13
CA ALA D 386 6.61 41.20 -8.49
C ALA D 386 6.90 42.23 -7.51
N CYS D 387 6.63 43.45 -7.96
CA CYS D 387 6.68 44.57 -7.06
C CYS D 387 5.29 44.52 -6.58
N THR D 388 5.07 44.80 -5.32
CA THR D 388 3.73 45.01 -4.84
C THR D 388 3.51 46.48 -4.50
N ALA D 389 4.57 47.27 -4.60
CA ALA D 389 4.51 48.66 -4.33
C ALA D 389 5.63 49.40 -5.10
N LEU D 390 5.24 50.16 -6.12
CA LEU D 390 6.19 51.04 -6.80
C LEU D 390 5.72 52.54 -6.93
N PRO D 391 5.96 53.40 -5.90
CA PRO D 391 5.48 54.79 -5.91
C PRO D 391 6.43 55.70 -6.64
N LEU D 392 5.83 56.52 -7.51
CA LEU D 392 6.67 57.22 -8.51
C LEU D 392 6.25 58.60 -8.70
N VAL D 393 7.20 59.51 -8.94
CA VAL D 393 6.89 60.95 -9.04
C VAL D 393 7.50 61.56 -10.30
N TRP D 394 6.80 62.59 -10.80
CA TRP D 394 7.25 63.36 -11.94
C TRP D 394 6.68 64.76 -11.94
N ARG D 395 7.25 65.66 -12.73
CA ARG D 395 6.83 67.00 -12.74
C ARG D 395 5.77 66.99 -13.75
N ALA D 396 4.52 67.04 -13.28
CA ALA D 396 3.31 67.02 -14.19
C ALA D 396 3.18 68.13 -15.28
N MET E 1 62.84 -11.17 7.89
CA MET E 1 63.73 -10.39 8.80
C MET E 1 64.34 -9.19 8.06
N ILE E 2 64.82 -8.22 8.83
CA ILE E 2 65.39 -7.03 8.23
C ILE E 2 66.78 -7.38 7.75
N PRO E 3 67.42 -6.47 6.99
CA PRO E 3 68.91 -6.47 6.94
C PRO E 3 69.49 -5.13 7.56
N ALA E 4 70.61 -5.25 8.30
CA ALA E 4 70.98 -4.26 9.36
C ALA E 4 70.89 -2.85 8.91
N HIS E 5 70.97 -2.65 7.56
CA HIS E 5 71.06 -1.32 6.92
C HIS E 5 69.75 -0.56 6.67
N VAL E 6 68.63 -1.10 7.13
CA VAL E 6 67.40 -0.34 7.04
C VAL E 6 67.11 0.35 8.40
N PRO E 7 67.19 1.68 8.47
CA PRO E 7 66.95 2.29 9.82
C PRO E 7 65.58 1.86 10.42
N ALA E 8 65.29 2.37 11.64
CA ALA E 8 64.07 1.97 12.37
C ALA E 8 62.92 2.54 11.64
N ASP E 9 62.86 3.86 11.73
CA ASP E 9 61.75 4.64 11.24
C ASP E 9 61.29 4.43 9.78
N ARG E 10 61.85 3.42 9.11
CA ARG E 10 61.65 3.25 7.70
C ARG E 10 60.76 2.09 7.38
N VAL E 11 60.71 1.16 8.32
CA VAL E 11 60.13 -0.18 8.05
C VAL E 11 58.59 -0.22 8.07
N VAL E 12 58.01 -0.96 7.11
CA VAL E 12 56.56 -1.24 7.10
C VAL E 12 56.42 -2.68 6.64
N ASP E 13 55.21 -3.17 6.61
CA ASP E 13 55.02 -4.55 6.20
C ASP E 13 54.11 -4.50 4.96
N PHE E 14 53.86 -3.28 4.46
CA PHE E 14 53.13 -3.01 3.17
C PHE E 14 53.16 -4.12 2.00
N ASP E 15 51.96 -4.69 1.73
CA ASP E 15 51.78 -5.73 0.69
C ASP E 15 51.42 -4.99 -0.62
N ILE E 16 52.36 -5.04 -1.58
CA ILE E 16 52.17 -4.34 -2.83
C ILE E 16 50.97 -4.94 -3.49
N PHE E 17 50.82 -6.24 -3.35
CA PHE E 17 49.80 -6.99 -4.12
C PHE E 17 48.42 -6.74 -3.63
N ASN E 18 48.30 -6.56 -2.31
CA ASN E 18 47.07 -5.96 -1.77
C ASN E 18 47.31 -4.97 -0.67
N PRO E 19 47.49 -3.69 -1.02
CA PRO E 19 47.69 -2.58 -0.03
C PRO E 19 46.49 -2.45 0.89
N PRO E 20 46.64 -1.69 2.01
CA PRO E 20 45.54 -1.49 2.98
C PRO E 20 44.33 -0.80 2.37
N GLY E 21 43.27 -1.60 2.11
CA GLY E 21 41.98 -1.12 1.58
C GLY E 21 41.83 -0.78 0.08
N VAL E 22 42.79 -1.23 -0.75
CA VAL E 22 42.79 -1.10 -2.22
C VAL E 22 41.38 -1.41 -2.91
N GLU E 23 40.53 -2.26 -2.26
CA GLU E 23 39.28 -2.75 -2.85
C GLU E 23 38.34 -1.59 -2.94
N GLN E 24 38.24 -0.73 -1.90
CA GLN E 24 37.35 0.49 -2.02
C GLN E 24 38.01 1.64 -2.82
N ASP E 25 39.37 1.73 -2.90
CA ASP E 25 40.06 2.84 -3.56
C ASP E 25 41.56 2.62 -3.70
N TYR E 26 42.01 2.54 -4.96
CA TYR E 26 43.43 2.27 -5.32
C TYR E 26 44.46 3.39 -4.94
N PHE E 27 43.96 4.63 -4.90
CA PHE E 27 44.76 5.86 -4.75
C PHE E 27 44.98 6.19 -3.28
N ALA E 28 43.90 6.39 -2.55
CA ALA E 28 43.98 6.57 -1.15
C ALA E 28 44.93 5.49 -0.59
N ALA E 29 44.77 4.23 -1.03
CA ALA E 29 45.59 3.08 -0.56
C ALA E 29 47.14 3.24 -0.65
N TRP E 30 47.61 3.72 -1.80
CA TRP E 30 49.02 4.00 -2.01
C TRP E 30 49.36 5.34 -1.36
N LYS E 31 48.42 6.28 -1.37
CA LYS E 31 48.72 7.65 -0.92
C LYS E 31 49.05 7.63 0.59
N THR E 32 48.71 6.53 1.23
CA THR E 32 48.91 6.45 2.65
C THR E 32 50.43 6.45 2.95
N LEU E 33 51.29 5.98 2.01
CA LEU E 33 52.75 6.00 2.18
C LEU E 33 53.37 7.44 2.13
N LEU E 34 52.58 8.49 1.85
CA LEU E 34 53.09 9.88 1.77
C LEU E 34 53.22 10.31 3.16
N ASP E 35 52.65 9.49 3.98
CA ASP E 35 52.61 9.69 5.44
C ASP E 35 53.77 9.02 6.24
N GLY E 36 54.96 8.91 5.60
CA GLY E 36 56.13 8.21 6.15
C GLY E 36 57.36 8.87 5.58
N PRO E 37 58.50 8.19 5.68
CA PRO E 37 59.74 8.62 4.94
C PRO E 37 59.65 8.23 3.42
N GLY E 38 60.31 9.01 2.58
CA GLY E 38 60.07 8.93 1.16
C GLY E 38 60.60 7.63 0.60
N LEU E 39 61.33 6.87 1.40
CA LEU E 39 61.92 5.55 1.01
C LEU E 39 61.80 4.61 2.24
N VAL E 40 61.12 3.51 2.01
CA VAL E 40 60.69 2.62 3.13
C VAL E 40 61.17 1.18 2.85
N TRP E 41 61.40 0.44 3.94
CA TRP E 41 61.57 -0.98 3.79
C TRP E 41 60.29 -1.78 4.32
N SER E 42 59.78 -2.68 3.46
CA SER E 42 58.62 -3.49 3.72
C SER E 42 58.98 -4.99 3.73
N THR E 43 58.71 -5.63 4.86
CA THR E 43 58.91 -7.07 5.18
C THR E 43 58.00 -7.97 4.40
N ALA E 44 57.05 -7.37 3.67
CA ALA E 44 56.16 -8.14 2.76
C ALA E 44 56.95 -8.80 1.62
N ASN E 45 56.48 -9.95 1.12
CA ASN E 45 56.91 -10.40 -0.23
C ASN E 45 58.42 -10.49 -0.37
N GLY E 46 59.15 -10.73 0.69
CA GLY E 46 60.48 -11.21 0.51
C GLY E 46 61.47 -10.17 0.82
N GLY E 47 60.97 -9.04 1.35
CA GLY E 47 61.86 -7.91 1.81
C GLY E 47 62.32 -7.12 0.58
N HIS E 48 61.59 -6.03 0.28
CA HIS E 48 62.07 -5.06 -0.73
C HIS E 48 61.95 -3.57 -0.29
N TRP E 49 62.55 -2.65 -1.08
CA TRP E 49 62.29 -1.18 -0.88
C TRP E 49 61.01 -0.59 -1.56
N ILE E 50 60.46 0.47 -0.99
CA ILE E 50 59.37 1.19 -1.63
C ILE E 50 59.68 2.67 -1.66
N ALA E 51 59.62 3.19 -2.88
CA ALA E 51 59.79 4.60 -3.07
C ALA E 51 58.46 5.33 -2.66
N ALA E 52 58.53 6.28 -1.74
CA ALA E 52 57.31 6.76 -1.14
C ALA E 52 57.08 8.30 -1.15
N ARG E 53 57.39 8.95 -2.29
CA ARG E 53 57.33 10.42 -2.43
C ARG E 53 57.83 10.84 -3.88
N GLY E 54 57.10 11.78 -4.54
CA GLY E 54 57.32 12.17 -5.92
C GLY E 54 58.79 12.23 -6.34
N ASP E 55 59.55 13.09 -5.71
CA ASP E 55 60.97 13.18 -6.00
C ASP E 55 61.74 11.81 -6.00
N VAL E 56 61.50 10.93 -5.05
CA VAL E 56 62.32 9.66 -4.93
C VAL E 56 61.88 8.59 -5.93
N VAL E 57 60.57 8.53 -6.22
CA VAL E 57 60.00 7.61 -7.25
C VAL E 57 60.39 8.08 -8.63
N ARG E 58 60.20 9.35 -8.90
CA ARG E 58 60.78 9.93 -10.10
C ARG E 58 62.33 9.70 -10.36
N GLU E 59 63.21 9.92 -9.39
CA GLU E 59 64.64 10.11 -9.66
C GLU E 59 65.33 8.77 -9.64
N LEU E 60 64.78 7.83 -8.87
CA LEU E 60 65.23 6.41 -8.89
C LEU E 60 64.72 5.50 -10.10
N TRP E 61 63.53 5.85 -10.62
CA TRP E 61 62.96 5.33 -11.84
C TRP E 61 63.91 5.69 -13.02
N GLY E 62 64.52 6.87 -12.94
CA GLY E 62 65.35 7.42 -13.95
C GLY E 62 66.65 6.68 -14.00
N ASP E 63 67.20 6.25 -12.83
CA ASP E 63 68.51 5.57 -12.67
C ASP E 63 68.63 4.16 -13.29
N ALA E 64 68.67 4.11 -14.64
CA ALA E 64 68.55 2.90 -15.44
C ALA E 64 69.86 2.15 -15.40
N GLU E 65 70.87 2.82 -14.86
CA GLU E 65 72.27 2.34 -14.86
C GLU E 65 72.52 1.61 -13.52
N ARG E 66 71.78 2.01 -12.48
CA ARG E 66 72.11 1.52 -11.09
C ARG E 66 71.03 0.57 -10.57
N LEU E 67 69.81 0.79 -11.10
CA LEU E 67 68.71 -0.06 -10.84
C LEU E 67 68.33 -0.71 -12.16
N SER E 68 68.66 -2.00 -12.31
CA SER E 68 68.45 -2.81 -13.52
C SER E 68 66.99 -3.08 -13.62
N SER E 69 66.50 -3.44 -14.82
CA SER E 69 65.05 -3.75 -15.05
C SER E 69 64.94 -5.16 -15.30
N GLN E 70 66.01 -5.94 -15.06
CA GLN E 70 65.99 -7.42 -15.33
C GLN E 70 64.86 -8.29 -14.60
N CYS E 71 64.80 -8.25 -13.28
CA CYS E 71 63.83 -9.09 -12.47
C CYS E 71 62.26 -8.75 -12.66
N LEU E 72 61.93 -7.61 -13.29
CA LEU E 72 60.59 -7.34 -13.78
C LEU E 72 59.63 -7.08 -12.70
N ALA E 73 59.34 -8.06 -11.82
CA ALA E 73 58.40 -7.93 -10.63
C ALA E 73 59.03 -8.39 -9.30
N VAL E 74 58.23 -8.50 -8.22
CA VAL E 74 58.84 -9.01 -6.92
C VAL E 74 58.74 -10.57 -6.67
N THR E 75 57.76 -11.23 -7.32
CA THR E 75 57.60 -12.66 -7.29
C THR E 75 58.91 -13.16 -7.82
N PRO E 76 59.60 -14.02 -7.06
CA PRO E 76 61.01 -14.18 -7.52
C PRO E 76 61.29 -15.32 -8.55
N GLY E 77 61.35 -15.00 -9.83
CA GLY E 77 61.45 -16.00 -10.89
C GLY E 77 60.57 -15.67 -12.10
N LEU E 78 59.58 -14.80 -11.94
CA LEU E 78 58.78 -14.33 -13.06
C LEU E 78 59.63 -13.62 -14.16
N GLY E 79 60.62 -12.83 -13.76
CA GLY E 79 61.48 -12.11 -14.71
C GLY E 79 62.19 -13.07 -15.66
N LYS E 80 62.51 -14.31 -15.17
CA LYS E 80 63.31 -15.32 -15.92
C LYS E 80 62.40 -16.31 -16.64
N VAL E 81 61.11 -16.11 -16.50
CA VAL E 81 60.15 -16.87 -17.33
C VAL E 81 59.53 -15.98 -18.46
N MET E 82 59.19 -14.72 -18.13
CA MET E 82 58.66 -13.71 -19.05
C MET E 82 59.67 -13.18 -20.01
N GLN E 83 60.72 -12.54 -19.47
CA GLN E 83 61.88 -12.09 -20.30
C GLN E 83 61.52 -11.02 -21.40
N PHE E 84 60.47 -10.25 -21.11
CA PHE E 84 59.94 -9.25 -21.99
C PHE E 84 61.02 -8.36 -22.60
N ILE E 85 60.91 -8.07 -23.88
CA ILE E 85 61.94 -7.33 -24.58
C ILE E 85 61.14 -6.18 -25.20
N PRO E 86 61.59 -4.94 -24.94
CA PRO E 86 62.75 -4.52 -24.09
C PRO E 86 62.42 -4.10 -22.59
N LEU E 87 61.23 -4.39 -22.05
CA LEU E 87 60.98 -4.22 -20.58
C LEU E 87 62.16 -4.59 -19.69
N GLN E 88 62.75 -5.74 -20.03
CA GLN E 88 63.70 -6.40 -19.16
C GLN E 88 65.24 -6.18 -19.45
N GLN E 89 65.53 -5.48 -20.51
CA GLN E 89 66.87 -5.31 -20.95
C GLN E 89 67.55 -4.01 -20.48
N ASP E 90 68.89 -4.06 -20.34
CA ASP E 90 69.67 -2.85 -19.89
C ASP E 90 70.75 -2.47 -20.93
N GLY E 91 71.38 -1.30 -20.70
CA GLY E 91 72.49 -0.86 -21.50
C GLY E 91 72.31 -0.86 -23.00
N ALA E 92 73.43 -1.13 -23.69
CA ALA E 92 73.50 -1.17 -25.15
C ALA E 92 72.44 -2.13 -25.79
N GLU E 93 72.32 -3.32 -25.21
CA GLU E 93 71.30 -4.26 -25.56
C GLU E 93 69.87 -3.66 -25.57
N HIS E 94 69.48 -2.97 -24.46
CA HIS E 94 68.21 -2.27 -24.35
C HIS E 94 68.03 -1.43 -25.57
N LYS E 95 69.00 -0.53 -25.84
CA LYS E 95 68.89 0.54 -26.84
C LYS E 95 68.81 -0.06 -28.23
N ALA E 96 69.45 -1.20 -28.40
CA ALA E 96 69.39 -1.93 -29.64
C ALA E 96 67.97 -2.38 -30.00
N PHE E 97 67.32 -3.03 -29.03
CA PHE E 97 66.00 -3.56 -29.20
C PHE E 97 64.93 -2.51 -29.12
N ARG E 98 65.22 -1.34 -28.52
CA ARG E 98 64.16 -0.29 -28.38
C ARG E 98 63.90 0.39 -29.72
N THR E 99 64.97 0.83 -30.39
CA THR E 99 64.80 1.47 -31.70
C THR E 99 63.74 0.80 -32.63
N PRO E 100 63.97 -0.49 -33.00
CA PRO E 100 63.00 -1.19 -33.83
C PRO E 100 61.54 -1.13 -33.33
N VAL E 101 61.33 -1.18 -32.00
CA VAL E 101 59.95 -1.13 -31.44
C VAL E 101 59.38 0.30 -31.52
N MET E 102 60.25 1.25 -31.12
CA MET E 102 60.01 2.65 -31.21
C MET E 102 59.67 2.98 -32.66
N LYS E 103 60.53 2.49 -33.58
CA LYS E 103 60.37 2.75 -35.02
C LYS E 103 59.06 2.22 -35.60
N GLY E 104 58.53 1.19 -34.96
CA GLY E 104 57.39 0.55 -35.49
C GLY E 104 56.20 1.01 -34.69
N LEU E 105 56.39 1.90 -33.70
CA LEU E 105 55.22 2.47 -33.02
C LEU E 105 55.02 4.00 -33.23
N ALA E 106 55.83 4.59 -34.12
CA ALA E 106 55.81 6.04 -34.46
C ALA E 106 54.45 6.70 -34.87
N SER E 107 54.39 8.02 -34.71
CA SER E 107 53.21 8.86 -35.03
C SER E 107 52.48 8.54 -36.28
N ARG E 108 53.20 8.37 -37.40
CA ARG E 108 52.56 8.02 -38.67
C ARG E 108 51.77 6.70 -38.57
N PHE E 109 52.12 5.74 -37.70
CA PHE E 109 51.21 4.57 -37.49
C PHE E 109 50.06 4.79 -36.55
N VAL E 110 50.34 5.55 -35.51
CA VAL E 110 49.37 5.88 -34.54
C VAL E 110 48.27 6.51 -35.31
N VAL E 111 48.51 7.40 -36.24
CA VAL E 111 47.45 8.18 -36.88
C VAL E 111 46.64 7.33 -37.85
N ALA E 112 47.38 6.47 -38.50
CA ALA E 112 46.82 5.51 -39.49
C ALA E 112 45.79 4.61 -38.87
N LEU E 113 46.20 3.95 -37.76
CA LEU E 113 45.35 3.05 -36.95
C LEU E 113 44.18 3.74 -36.37
N GLU E 114 44.22 5.07 -36.30
CA GLU E 114 43.20 5.89 -35.61
C GLU E 114 41.73 5.63 -35.97
N PRO E 115 41.34 5.68 -37.27
CA PRO E 115 39.95 5.27 -37.59
C PRO E 115 39.63 3.77 -37.31
N LYS E 116 40.52 2.85 -37.70
CA LYS E 116 40.38 1.39 -37.45
C LYS E 116 40.47 0.90 -35.97
N VAL E 117 40.77 1.82 -35.07
CA VAL E 117 40.73 1.56 -33.63
C VAL E 117 39.43 2.25 -33.06
N GLN E 118 38.90 3.23 -33.79
CA GLN E 118 37.62 3.89 -33.44
C GLN E 118 36.48 3.04 -33.92
N ALA E 119 36.68 2.34 -35.06
CA ALA E 119 35.75 1.30 -35.49
C ALA E 119 35.39 0.28 -34.35
N VAL E 120 36.44 -0.46 -33.85
CA VAL E 120 36.34 -1.40 -32.66
C VAL E 120 35.68 -0.75 -31.38
N ALA E 121 36.28 0.36 -30.94
CA ALA E 121 35.70 1.08 -29.82
C ALA E 121 34.25 1.11 -30.11
N ARG E 122 33.88 1.59 -31.29
CA ARG E 122 32.47 1.80 -31.62
C ARG E 122 31.61 0.52 -31.51
N LYS E 123 32.04 -0.53 -32.22
CA LYS E 123 31.28 -1.78 -32.25
C LYS E 123 30.96 -2.32 -30.86
N LEU E 124 32.01 -2.58 -30.11
CA LEU E 124 31.84 -2.80 -28.66
C LEU E 124 30.84 -1.85 -27.93
N MET E 125 31.08 -0.51 -28.07
CA MET E 125 30.23 0.54 -27.53
C MET E 125 28.78 0.32 -27.90
N GLU E 126 28.45 0.20 -29.19
CA GLU E 126 27.09 -0.27 -29.60
C GLU E 126 26.64 -1.67 -29.11
N SER E 127 27.62 -2.61 -29.07
CA SER E 127 27.47 -3.88 -28.40
C SER E 127 26.76 -3.71 -27.03
N LEU E 128 27.12 -2.71 -26.27
CA LEU E 128 26.54 -2.67 -24.95
C LEU E 128 25.37 -1.73 -24.74
N ARG E 129 25.34 -0.60 -25.46
CA ARG E 129 24.43 0.53 -25.16
C ARG E 129 22.98 0.11 -24.98
N PRO E 130 22.49 -0.83 -25.83
CA PRO E 130 21.25 -1.60 -25.68
C PRO E 130 20.77 -2.03 -24.24
N ARG E 131 21.70 -2.40 -23.33
CA ARG E 131 21.32 -3.14 -22.10
C ARG E 131 20.84 -2.24 -20.93
N GLY E 132 21.16 -0.96 -21.08
CA GLY E 132 20.85 0.08 -20.09
C GLY E 132 21.55 -0.03 -18.77
N SER E 133 22.54 -0.93 -18.71
CA SER E 133 23.41 -1.12 -17.53
C SER E 133 24.50 -2.13 -17.91
N CYS E 134 25.46 -2.25 -17.02
CA CYS E 134 26.57 -3.09 -17.33
C CYS E 134 27.68 -3.09 -16.31
N ASP E 135 28.68 -3.93 -16.63
CA ASP E 135 29.90 -4.17 -15.79
C ASP E 135 31.14 -3.82 -16.59
N PHE E 136 31.59 -2.60 -16.37
CA PHE E 136 32.52 -1.96 -17.26
C PHE E 136 33.82 -2.79 -17.40
N VAL E 137 34.21 -3.52 -16.38
CA VAL E 137 35.40 -4.27 -16.54
C VAL E 137 35.20 -5.48 -17.44
N SER E 138 34.42 -6.45 -16.98
CA SER E 138 34.19 -7.62 -17.79
C SER E 138 33.70 -7.33 -19.23
N ASP E 139 32.87 -6.32 -19.43
CA ASP E 139 32.14 -6.22 -20.72
C ASP E 139 32.67 -5.22 -21.73
N PHE E 140 33.71 -4.49 -21.40
CA PHE E 140 34.21 -3.37 -22.23
C PHE E 140 35.76 -3.28 -22.15
N ALA E 141 36.23 -2.63 -21.08
CA ALA E 141 37.65 -2.56 -20.71
C ALA E 141 38.56 -3.79 -20.99
N GLU E 142 38.15 -5.01 -20.55
CA GLU E 142 38.95 -6.26 -20.82
C GLU E 142 38.54 -6.89 -22.21
N ILE E 143 37.70 -6.21 -22.98
CA ILE E 143 37.41 -6.72 -24.28
C ILE E 143 38.21 -5.89 -25.35
N LEU E 144 38.20 -4.56 -25.18
CA LEU E 144 38.68 -3.61 -26.18
C LEU E 144 40.16 -3.69 -26.52
N PRO E 145 41.05 -3.66 -25.53
CA PRO E 145 42.45 -3.70 -25.94
C PRO E 145 42.85 -4.98 -26.69
N LEU E 146 42.07 -6.04 -26.47
CA LEU E 146 42.19 -7.32 -27.20
C LEU E 146 41.62 -7.15 -28.62
N ASN E 147 40.44 -6.57 -28.71
CA ASN E 147 39.87 -6.25 -29.97
C ASN E 147 40.73 -5.28 -30.77
N ILE E 148 41.38 -4.35 -30.08
CA ILE E 148 42.33 -3.48 -30.71
C ILE E 148 43.54 -4.28 -31.12
N PHE E 149 44.11 -5.04 -30.18
CA PHE E 149 45.28 -5.83 -30.51
C PHE E 149 45.10 -6.86 -31.65
N LEU E 150 43.94 -7.52 -31.71
CA LEU E 150 43.54 -8.33 -32.90
C LEU E 150 43.62 -7.55 -34.25
N THR E 151 43.24 -6.25 -34.21
CA THR E 151 43.24 -5.36 -35.42
C THR E 151 44.68 -5.03 -35.72
N LEU E 152 45.34 -4.39 -34.71
CA LEU E 152 46.77 -4.00 -34.74
C LEU E 152 47.69 -4.91 -35.56
N ILE E 153 47.43 -6.21 -35.58
CA ILE E 153 48.33 -7.20 -36.19
C ILE E 153 47.68 -7.84 -37.42
N ASP E 154 46.54 -7.26 -37.86
CA ASP E 154 45.68 -7.72 -39.01
C ASP E 154 45.37 -9.21 -39.22
N VAL E 155 44.95 -9.90 -38.16
CA VAL E 155 44.43 -11.25 -38.26
C VAL E 155 43.32 -11.20 -39.27
N PRO E 156 43.12 -12.30 -40.00
CA PRO E 156 41.93 -12.34 -40.86
C PRO E 156 40.63 -11.83 -40.13
N LEU E 157 39.85 -10.96 -40.85
CA LEU E 157 38.52 -10.45 -40.37
C LEU E 157 37.42 -11.57 -40.30
N GLU E 158 37.79 -12.72 -39.69
CA GLU E 158 36.96 -13.98 -39.54
C GLU E 158 37.52 -15.00 -38.46
N ASP E 159 38.83 -14.91 -38.18
CA ASP E 159 39.43 -15.79 -37.23
C ASP E 159 38.97 -15.25 -35.96
N ARG E 160 39.08 -13.91 -35.87
CA ARG E 160 38.82 -13.07 -34.65
C ARG E 160 37.75 -13.43 -33.59
N PRO E 161 36.51 -13.88 -33.99
CA PRO E 161 35.56 -14.46 -32.97
C PRO E 161 36.16 -15.61 -32.09
N ARG E 162 36.86 -16.55 -32.75
CA ARG E 162 37.53 -17.73 -32.17
C ARG E 162 38.72 -17.36 -31.30
N LEU E 163 39.59 -16.54 -31.84
CA LEU E 163 40.72 -15.99 -31.11
C LEU E 163 40.33 -15.13 -29.86
N ARG E 164 39.15 -14.47 -29.95
CA ARG E 164 38.55 -13.65 -28.87
C ARG E 164 38.10 -14.43 -27.65
N GLN E 165 37.37 -15.52 -27.89
CA GLN E 165 36.92 -16.41 -26.80
C GLN E 165 38.15 -17.14 -26.32
N LEU E 166 38.94 -17.63 -27.27
CA LEU E 166 40.09 -18.46 -26.95
C LEU E 166 41.21 -17.58 -26.34
N GLY E 167 41.10 -16.26 -26.48
CA GLY E 167 42.05 -15.38 -25.80
C GLY E 167 41.60 -14.68 -24.52
N VAL E 168 40.33 -14.84 -24.12
CA VAL E 168 39.83 -14.19 -22.88
C VAL E 168 40.67 -14.55 -21.63
N GLN E 169 41.25 -15.74 -21.62
CA GLN E 169 42.12 -16.16 -20.54
C GLN E 169 43.20 -15.11 -20.19
N LEU E 170 43.32 -14.07 -21.00
CA LEU E 170 44.26 -12.99 -20.75
C LEU E 170 43.64 -11.55 -20.53
N MET E 177 45.85 -21.34 -13.26
CA MET E 177 46.96 -21.04 -14.18
C MET E 177 48.34 -20.59 -13.59
N THR E 178 49.43 -21.22 -14.02
CA THR E 178 50.74 -20.69 -13.60
C THR E 178 51.22 -19.58 -14.52
N VAL E 179 52.35 -19.00 -14.08
CA VAL E 179 53.29 -18.11 -14.87
C VAL E 179 53.80 -18.75 -16.23
N GLU E 180 54.27 -20.01 -16.20
CA GLU E 180 54.67 -20.77 -17.39
C GLU E 180 53.49 -21.10 -18.26
N GLN E 181 52.32 -21.35 -17.66
CA GLN E 181 51.12 -21.75 -18.43
C GLN E 181 50.53 -20.51 -18.98
N LEU E 182 50.71 -19.39 -18.25
CA LEU E 182 50.52 -17.96 -18.76
C LEU E 182 51.28 -17.62 -20.11
N LYS E 183 52.63 -17.71 -20.11
CA LYS E 183 53.41 -17.50 -21.35
C LYS E 183 53.31 -18.64 -22.38
N GLN E 184 53.12 -19.86 -21.94
CA GLN E 184 52.74 -20.86 -22.84
C GLN E 184 51.52 -20.43 -23.61
N ALA E 185 50.50 -19.98 -22.92
CA ALA E 185 49.32 -19.59 -23.65
C ALA E 185 49.72 -18.49 -24.61
N ALA E 186 50.25 -17.35 -24.07
CA ALA E 186 50.69 -16.10 -24.83
C ALA E 186 51.51 -16.25 -26.17
N ASP E 187 52.44 -17.23 -26.16
CA ASP E 187 53.22 -17.64 -27.31
C ASP E 187 52.35 -18.45 -28.31
N ASP E 188 51.63 -19.50 -27.83
CA ASP E 188 50.64 -20.33 -28.64
C ASP E 188 49.62 -19.48 -29.40
N TYR E 189 49.13 -18.48 -28.71
CA TYR E 189 48.28 -17.45 -29.25
C TYR E 189 49.00 -16.89 -30.46
N LEU E 190 50.14 -16.29 -30.17
CA LEU E 190 50.83 -15.45 -31.09
C LEU E 190 51.59 -16.21 -32.12
N TRP E 191 51.81 -17.51 -31.93
CA TRP E 191 52.80 -18.19 -32.78
C TRP E 191 52.33 -18.26 -34.23
N PRO E 192 51.08 -18.71 -34.47
CA PRO E 192 50.80 -18.77 -35.97
C PRO E 192 51.08 -17.36 -36.62
N PHE E 193 50.68 -16.27 -35.91
CA PHE E 193 50.81 -14.80 -36.29
C PHE E 193 52.25 -14.34 -36.46
N ILE E 194 53.03 -14.40 -35.39
CA ILE E 194 54.48 -14.33 -35.51
C ILE E 194 54.91 -15.17 -36.77
N GLU E 195 54.88 -16.52 -36.72
CA GLU E 195 55.46 -17.35 -37.84
C GLU E 195 55.30 -16.78 -39.28
N LYS E 196 54.32 -15.89 -39.50
CA LYS E 196 54.07 -15.39 -40.83
C LYS E 196 54.94 -14.23 -41.19
N ARG E 197 55.11 -13.31 -40.24
CA ARG E 197 55.57 -11.93 -40.55
C ARG E 197 57.10 -11.73 -40.51
N MET E 198 57.73 -12.87 -40.58
CA MET E 198 59.07 -12.94 -41.02
C MET E 198 58.89 -13.64 -42.39
N ALA E 199 58.17 -14.78 -42.37
CA ALA E 199 57.82 -15.55 -43.61
C ALA E 199 56.98 -14.77 -44.68
N GLN E 200 55.74 -14.38 -44.38
CA GLN E 200 55.00 -13.53 -45.31
C GLN E 200 54.78 -12.15 -44.68
N PRO E 201 55.78 -11.23 -44.73
CA PRO E 201 55.60 -9.93 -44.05
C PRO E 201 54.63 -9.02 -44.79
N GLY E 202 53.68 -8.44 -44.02
CA GLY E 202 52.74 -7.42 -44.50
C GLY E 202 53.26 -6.07 -44.02
N ASP E 203 52.34 -5.13 -43.74
CA ASP E 203 52.69 -3.86 -42.98
C ASP E 203 51.72 -3.65 -41.79
N ASP E 204 52.17 -4.07 -40.61
CA ASP E 204 51.41 -3.90 -39.38
C ASP E 204 52.44 -3.77 -38.30
N LEU E 205 51.99 -3.99 -37.08
CA LEU E 205 52.83 -3.74 -35.93
C LEU E 205 54.01 -4.72 -35.86
N PHE E 206 53.73 -6.04 -35.97
CA PHE E 206 54.79 -7.04 -35.89
C PHE E 206 55.68 -7.06 -37.12
N SER E 207 55.11 -6.80 -38.29
CA SER E 207 55.86 -6.91 -39.53
C SER E 207 56.88 -5.80 -39.70
N ARG E 208 56.55 -4.63 -39.19
CA ARG E 208 57.41 -3.44 -39.40
C ARG E 208 58.51 -3.25 -38.34
N ILE E 209 58.24 -3.79 -37.14
CA ILE E 209 59.22 -3.91 -36.06
C ILE E 209 60.24 -5.00 -36.52
N LEU E 210 59.71 -6.19 -36.87
CA LEU E 210 60.56 -7.38 -37.17
C LEU E 210 61.39 -7.33 -38.48
N SER E 211 61.09 -6.31 -39.33
CA SER E 211 61.89 -6.02 -40.57
C SER E 211 63.12 -5.14 -40.34
N GLU E 212 63.20 -4.58 -39.17
CA GLU E 212 64.27 -3.69 -38.88
C GLU E 212 65.27 -4.64 -38.40
N PRO E 213 66.53 -4.35 -38.64
CA PRO E 213 67.69 -4.89 -37.86
C PRO E 213 67.61 -4.64 -36.35
N VAL E 214 68.42 -5.38 -35.60
CA VAL E 214 68.61 -5.18 -34.22
C VAL E 214 70.12 -4.96 -34.10
N GLY E 215 70.58 -3.82 -34.63
CA GLY E 215 72.03 -3.52 -34.64
C GLY E 215 72.86 -4.17 -35.77
N GLY E 216 72.24 -4.35 -36.94
CA GLY E 216 72.96 -4.98 -38.05
C GLY E 216 72.64 -6.45 -38.42
N ARG E 217 72.07 -7.19 -37.45
CA ARG E 217 71.59 -8.52 -37.76
C ARG E 217 70.09 -8.55 -37.55
N PRO E 218 69.37 -9.49 -38.19
CA PRO E 218 67.86 -9.51 -38.01
C PRO E 218 67.42 -10.16 -36.64
N TRP E 219 66.13 -10.12 -36.30
CA TRP E 219 65.59 -10.67 -35.07
C TRP E 219 65.77 -12.15 -35.16
N THR E 220 66.28 -12.82 -34.08
CA THR E 220 66.15 -14.26 -33.97
C THR E 220 64.76 -14.40 -33.51
N VAL E 221 64.16 -15.52 -33.93
CA VAL E 221 62.81 -15.87 -33.61
C VAL E 221 62.58 -15.83 -32.10
N ASP E 222 63.50 -16.30 -31.29
CA ASP E 222 63.26 -16.15 -29.84
C ASP E 222 63.30 -14.65 -29.39
N GLU E 223 64.05 -13.81 -30.07
CA GLU E 223 64.00 -12.44 -29.70
C GLU E 223 62.62 -11.86 -30.09
N ALA E 224 61.97 -12.40 -31.11
CA ALA E 224 60.73 -11.84 -31.55
C ALA E 224 59.63 -12.38 -30.73
N ARG E 225 59.81 -13.55 -30.11
CA ARG E 225 58.75 -14.04 -29.22
C ARG E 225 58.61 -13.21 -27.95
N ARG E 226 59.73 -12.91 -27.31
CA ARG E 226 59.80 -12.06 -26.17
C ARG E 226 59.25 -10.62 -26.37
N MET E 227 59.54 -10.10 -27.55
CA MET E 227 58.98 -8.83 -28.01
C MET E 227 57.44 -8.89 -28.16
N CYS E 228 56.96 -9.80 -28.99
CA CYS E 228 55.53 -9.78 -29.21
C CYS E 228 54.84 -9.97 -27.88
N ARG E 229 55.40 -10.88 -27.07
CA ARG E 229 54.92 -11.19 -25.73
C ARG E 229 54.82 -9.90 -24.88
N ASN E 230 55.80 -9.00 -25.08
CA ASN E 230 55.88 -7.73 -24.37
C ASN E 230 54.66 -6.85 -24.72
N LEU E 231 54.55 -6.50 -25.98
CA LEU E 231 53.49 -5.70 -26.53
C LEU E 231 52.10 -6.18 -26.25
N LEU E 232 51.91 -7.47 -26.07
CA LEU E 232 50.58 -8.01 -25.81
C LEU E 232 50.19 -7.77 -24.31
N PHE E 233 51.03 -8.22 -23.41
CA PHE E 233 50.80 -8.04 -22.00
C PHE E 233 51.02 -6.66 -21.59
N GLY E 234 52.09 -6.07 -22.12
CA GLY E 234 52.41 -4.65 -21.98
C GLY E 234 51.24 -3.77 -22.33
N GLY E 235 50.40 -4.25 -23.22
CA GLY E 235 49.36 -3.44 -23.74
C GLY E 235 48.01 -3.78 -23.25
N LEU E 236 47.81 -4.98 -22.72
CA LEU E 236 46.41 -5.36 -22.31
C LEU E 236 46.06 -4.86 -20.90
N ASP E 237 46.60 -5.46 -19.88
CA ASP E 237 46.08 -5.20 -18.57
C ASP E 237 46.20 -3.68 -18.28
N THR E 238 47.12 -3.00 -18.91
CA THR E 238 47.43 -1.54 -18.73
C THR E 238 46.37 -0.60 -19.34
N VAL E 239 45.95 -0.88 -20.57
CA VAL E 239 45.02 -0.04 -21.25
C VAL E 239 43.66 -0.36 -20.68
N ALA E 240 43.38 -1.64 -20.41
CA ALA E 240 42.13 -1.99 -19.59
C ALA E 240 41.95 -1.11 -18.33
N ALA E 241 42.98 -1.03 -17.47
CA ALA E 241 42.84 -0.34 -16.26
C ALA E 241 42.61 1.13 -16.51
N MET E 242 43.24 1.73 -17.49
CA MET E 242 43.06 3.16 -17.66
C MET E 242 41.66 3.42 -18.22
N ILE E 243 41.25 2.66 -19.23
CA ILE E 243 39.94 2.80 -19.80
C ILE E 243 38.87 2.86 -18.73
N GLY E 244 38.89 1.82 -17.84
CA GLY E 244 38.03 1.72 -16.71
C GLY E 244 38.06 3.03 -15.94
N MET E 245 39.26 3.60 -15.71
CA MET E 245 39.37 4.65 -14.69
C MET E 245 38.74 5.91 -15.15
N VAL E 246 38.89 6.10 -16.46
CA VAL E 246 38.33 7.23 -17.23
C VAL E 246 36.80 7.04 -17.24
N ALA E 247 36.35 5.78 -17.44
CA ALA E 247 34.96 5.46 -17.30
C ALA E 247 34.55 5.81 -15.85
N LEU E 248 35.28 5.28 -14.84
CA LEU E 248 35.03 5.62 -13.40
C LEU E 248 34.94 7.09 -13.07
N HIS E 249 35.96 7.84 -13.43
CA HIS E 249 35.87 9.24 -13.21
C HIS E 249 34.63 9.86 -13.88
N LEU E 250 34.48 9.64 -15.18
CA LEU E 250 33.36 10.24 -15.94
C LEU E 250 31.97 10.12 -15.28
N ALA E 251 31.74 8.87 -14.84
CA ALA E 251 30.59 8.40 -14.15
C ALA E 251 30.46 9.20 -12.85
N ARG E 252 31.55 9.30 -12.08
CA ARG E 252 31.54 10.08 -10.85
C ARG E 252 31.27 11.62 -11.14
N HIS E 253 31.50 12.09 -12.37
CA HIS E 253 31.59 13.48 -12.69
C HIS E 253 30.75 13.70 -13.95
N PRO E 254 29.40 13.77 -13.77
CA PRO E 254 28.50 14.12 -14.91
C PRO E 254 28.87 15.43 -15.52
N GLU E 255 29.31 16.40 -14.70
CA GLU E 255 29.57 17.74 -15.25
C GLU E 255 30.62 17.66 -16.40
N ASP E 256 31.44 16.59 -16.33
CA ASP E 256 32.52 16.26 -17.30
C ASP E 256 32.09 15.52 -18.57
N GLN E 257 31.03 14.74 -18.47
CA GLN E 257 30.44 14.18 -19.64
C GLN E 257 29.77 15.33 -20.47
N ARG E 258 29.17 16.30 -19.79
CA ARG E 258 28.51 17.35 -20.46
C ARG E 258 29.55 18.22 -21.23
N LEU E 259 30.63 18.64 -20.53
CA LEU E 259 31.64 19.53 -21.13
C LEU E 259 32.26 18.89 -22.33
N LEU E 260 32.50 17.60 -22.24
CA LEU E 260 33.07 16.98 -23.36
C LEU E 260 32.05 16.59 -24.49
N ARG E 261 30.77 16.41 -24.15
CA ARG E 261 29.66 16.27 -25.19
C ARG E 261 29.46 17.64 -25.97
N GLU E 262 29.04 18.69 -25.26
CA GLU E 262 28.90 20.05 -25.85
C GLU E 262 30.22 20.69 -26.32
N ARG E 263 31.37 20.25 -25.74
CA ARG E 263 32.76 20.66 -26.17
C ARG E 263 33.77 19.52 -26.66
N PRO E 264 33.48 18.86 -27.83
CA PRO E 264 34.28 17.68 -28.25
C PRO E 264 35.71 17.98 -28.57
N ASP E 265 36.11 19.24 -28.51
CA ASP E 265 37.51 19.60 -28.87
C ASP E 265 38.40 19.49 -27.64
N LEU E 266 37.78 19.51 -26.46
CA LEU E 266 38.47 19.36 -25.19
C LEU E 266 39.01 17.94 -24.85
N ILE E 267 38.48 16.94 -25.56
CA ILE E 267 38.80 15.49 -25.40
C ILE E 267 40.26 15.09 -25.53
N PRO E 268 41.05 15.60 -26.49
CA PRO E 268 42.50 15.23 -26.41
C PRO E 268 43.19 15.77 -25.17
N ALA E 269 43.05 17.04 -24.81
CA ALA E 269 43.60 17.47 -23.52
C ALA E 269 42.94 16.83 -22.25
N ALA E 270 41.62 16.51 -22.27
CA ALA E 270 40.98 15.71 -21.17
C ALA E 270 41.63 14.34 -21.07
N ALA E 271 41.95 13.73 -22.21
CA ALA E 271 42.76 12.46 -22.16
C ALA E 271 44.08 12.61 -21.44
N ASP E 272 44.91 13.58 -21.82
CA ASP E 272 46.18 13.84 -21.10
C ASP E 272 45.90 14.00 -19.58
N GLU E 273 44.84 14.72 -19.22
CA GLU E 273 44.68 15.05 -17.82
C GLU E 273 44.13 13.88 -16.99
N LEU E 274 43.31 13.04 -17.61
CA LEU E 274 42.82 11.86 -16.89
C LEU E 274 43.98 10.90 -16.70
N MET E 275 44.82 10.75 -17.74
CA MET E 275 45.95 9.85 -17.65
C MET E 275 46.98 10.36 -16.53
N ARG E 276 46.96 11.66 -16.25
CA ARG E 276 47.84 12.25 -15.20
C ARG E 276 47.19 12.00 -13.89
N ARG E 277 45.87 12.16 -13.88
CA ARG E 277 45.07 11.98 -12.62
C ARG E 277 45.08 10.56 -12.07
N TYR E 278 45.11 9.55 -12.95
CA TYR E 278 44.91 8.16 -12.57
C TYR E 278 45.95 7.11 -13.04
N PRO E 279 47.21 7.26 -12.59
CA PRO E 279 48.23 6.25 -12.96
C PRO E 279 48.00 5.05 -12.07
N THR E 280 48.42 3.88 -12.55
CA THR E 280 48.09 2.57 -11.90
C THR E 280 49.19 1.56 -11.92
N VAL E 281 50.38 1.97 -12.35
CA VAL E 281 51.47 1.04 -12.73
C VAL E 281 52.53 1.20 -11.74
N ALA E 282 53.18 0.11 -11.51
CA ALA E 282 54.28 0.11 -10.63
C ALA E 282 55.26 -1.03 -11.04
N VAL E 283 56.54 -0.71 -10.90
CA VAL E 283 57.64 -1.45 -11.55
C VAL E 283 58.65 -1.90 -10.47
N SER E 284 59.46 -2.88 -10.85
CA SER E 284 60.48 -3.43 -10.01
C SER E 284 61.82 -3.33 -10.66
N ARG E 285 62.79 -2.86 -9.87
CA ARG E 285 64.18 -2.98 -10.15
C ARG E 285 64.85 -3.77 -9.01
N ASN E 286 65.93 -4.43 -9.42
CA ASN E 286 67.07 -4.89 -8.52
C ASN E 286 68.35 -4.01 -8.71
N ALA E 287 69.05 -3.71 -7.58
CA ALA E 287 70.19 -2.82 -7.54
C ALA E 287 71.36 -3.64 -8.12
N VAL E 288 72.10 -3.05 -9.04
CA VAL E 288 73.31 -3.67 -9.57
C VAL E 288 74.45 -2.80 -9.06
N ALA E 289 74.10 -1.91 -8.16
CA ALA E 289 75.07 -1.02 -7.55
C ALA E 289 74.36 -0.40 -6.36
N ASP E 290 75.13 0.08 -5.36
CA ASP E 290 74.63 0.82 -4.16
C ASP E 290 74.02 2.10 -4.64
N VAL E 291 72.88 2.47 -4.10
CA VAL E 291 72.24 3.75 -4.47
C VAL E 291 71.83 4.60 -3.22
N ASP E 292 72.38 5.80 -3.06
CA ASP E 292 71.99 6.57 -1.93
C ASP E 292 70.79 7.27 -2.31
N ALA E 293 69.74 7.14 -1.52
CA ALA E 293 68.48 7.90 -1.68
C ALA E 293 67.79 8.17 -0.32
N ASP E 294 67.26 9.38 -0.21
CA ASP E 294 66.50 9.84 0.97
C ASP E 294 67.30 9.82 2.28
N GLY E 295 68.64 9.61 2.18
CA GLY E 295 69.56 9.77 3.29
C GLY E 295 69.86 8.44 3.92
N VAL E 296 69.36 7.37 3.30
CA VAL E 296 69.71 5.99 3.66
C VAL E 296 70.37 5.54 2.43
N THR E 297 70.58 4.23 2.27
CA THR E 297 71.28 3.75 1.12
C THR E 297 70.71 2.40 0.68
N ILE E 298 70.31 2.30 -0.57
CA ILE E 298 69.97 1.00 -1.14
C ILE E 298 71.27 0.17 -1.38
N ARG E 299 71.21 -1.12 -1.21
CA ARG E 299 72.36 -1.93 -1.43
C ARG E 299 72.23 -2.85 -2.65
N LYS E 300 73.36 -3.05 -3.30
CA LYS E 300 73.42 -3.96 -4.44
C LYS E 300 72.79 -5.28 -4.06
N GLY E 301 71.81 -5.69 -4.85
CA GLY E 301 71.02 -6.91 -4.55
C GLY E 301 69.65 -6.70 -3.91
N ASP E 302 69.52 -5.55 -3.19
CA ASP E 302 68.22 -5.05 -2.71
C ASP E 302 67.19 -4.85 -3.85
N LEU E 303 65.87 -5.00 -3.57
CA LEU E 303 64.92 -4.73 -4.66
C LEU E 303 64.23 -3.48 -4.32
N VAL E 304 63.88 -2.70 -5.36
CA VAL E 304 63.11 -1.47 -5.13
C VAL E 304 61.87 -1.57 -5.93
N TYR E 305 60.79 -1.10 -5.31
CA TYR E 305 59.45 -1.03 -5.95
C TYR E 305 59.01 0.43 -6.13
N LEU E 306 58.62 0.76 -7.38
CA LEU E 306 58.34 2.19 -7.75
C LEU E 306 56.90 2.31 -8.31
N PRO E 307 56.05 3.14 -7.61
CA PRO E 307 54.64 3.43 -7.97
C PRO E 307 54.43 4.85 -8.51
N SER E 308 54.12 4.93 -9.85
CA SER E 308 53.87 6.20 -10.60
C SER E 308 52.96 7.06 -9.85
N VAL E 309 52.09 6.38 -9.14
CA VAL E 309 50.96 7.07 -8.60
C VAL E 309 51.43 8.01 -7.48
N LEU E 310 52.46 7.54 -6.75
CA LEU E 310 53.10 8.32 -5.73
C LEU E 310 54.05 9.32 -6.31
N HIS E 311 53.93 9.68 -7.62
CA HIS E 311 54.63 10.86 -8.21
C HIS E 311 53.62 11.80 -8.79
N ASN E 312 52.77 11.25 -9.69
CA ASN E 312 51.69 12.06 -10.25
C ASN E 312 50.88 12.75 -9.15
N LEU E 313 50.66 12.08 -8.00
CA LEU E 313 49.62 12.47 -7.05
C LEU E 313 50.24 12.87 -5.76
N ASP E 314 51.57 12.93 -5.70
CA ASP E 314 52.25 13.55 -4.51
C ASP E 314 51.99 15.03 -4.48
N PRO E 315 51.21 15.53 -3.51
CA PRO E 315 51.00 16.99 -3.51
C PRO E 315 52.27 17.79 -3.32
N ALA E 316 53.46 17.17 -3.07
CA ALA E 316 54.82 17.89 -3.03
C ALA E 316 55.49 18.09 -4.42
N SER E 317 55.03 17.26 -5.36
CA SER E 317 55.59 17.12 -6.66
C SER E 317 54.76 17.81 -7.69
N PHE E 318 53.48 18.10 -7.41
CA PHE E 318 52.55 18.73 -8.43
C PHE E 318 51.44 19.46 -7.71
N GLU E 319 50.83 20.38 -8.43
CA GLU E 319 49.90 21.35 -7.80
C GLU E 319 48.52 20.79 -7.86
N ALA E 320 47.88 20.69 -6.68
CA ALA E 320 46.50 20.35 -6.58
C ALA E 320 46.28 19.13 -7.45
N PRO E 321 47.08 18.11 -7.21
CA PRO E 321 47.17 16.91 -8.04
C PRO E 321 45.88 16.03 -8.16
N GLU E 322 45.07 15.92 -7.09
CA GLU E 322 43.74 15.24 -7.27
C GLU E 322 42.75 16.10 -8.17
N GLU E 323 43.03 17.39 -8.36
CA GLU E 323 42.25 18.28 -9.25
C GLU E 323 42.34 18.03 -10.76
N VAL E 324 41.24 17.49 -11.33
CA VAL E 324 41.10 17.28 -12.80
C VAL E 324 40.87 18.61 -13.49
N ARG E 325 41.93 19.18 -14.10
CA ARG E 325 41.84 20.47 -14.70
C ARG E 325 42.19 20.30 -16.14
N PHE E 326 41.20 20.50 -16.99
CA PHE E 326 41.31 20.31 -18.43
C PHE E 326 42.18 21.32 -19.21
N ASP E 327 42.44 22.47 -18.58
CA ASP E 327 43.24 23.49 -19.19
C ASP E 327 44.66 23.51 -18.65
N ARG E 328 45.05 22.49 -17.89
CA ARG E 328 46.38 22.43 -17.20
C ARG E 328 47.46 22.57 -18.19
N GLY E 329 47.38 21.82 -19.29
CA GLY E 329 48.38 21.95 -20.32
C GLY E 329 49.76 21.61 -19.79
N LEU E 330 49.82 20.45 -19.12
CA LEU E 330 51.07 20.01 -18.45
C LEU E 330 51.75 18.91 -19.33
N ALA E 331 52.90 19.20 -19.95
CA ALA E 331 53.56 18.24 -20.79
C ALA E 331 53.47 16.80 -20.23
N PRO E 332 53.03 15.77 -21.09
CA PRO E 332 52.85 14.41 -20.57
C PRO E 332 54.14 13.87 -20.11
N ILE E 333 55.24 14.10 -20.83
CA ILE E 333 56.59 13.71 -20.36
C ILE E 333 56.99 14.02 -18.91
N ARG E 334 56.27 14.93 -18.22
CA ARG E 334 56.65 15.49 -16.87
C ARG E 334 56.18 14.65 -15.66
N HIS E 335 55.04 14.01 -15.83
CA HIS E 335 54.52 13.04 -14.85
C HIS E 335 54.97 11.64 -15.34
N THR E 336 54.52 10.60 -14.64
CA THR E 336 55.21 9.29 -14.60
C THR E 336 54.22 8.18 -14.93
N THR E 337 53.17 8.50 -15.67
CA THR E 337 52.22 7.44 -16.05
C THR E 337 52.89 6.48 -16.97
N MET E 338 53.62 7.01 -17.93
CA MET E 338 54.26 6.15 -18.96
C MET E 338 55.64 5.73 -18.61
N GLY E 339 56.06 6.03 -17.40
CA GLY E 339 57.47 5.88 -16.96
C GLY E 339 58.35 7.10 -16.99
N VAL E 340 59.64 6.89 -16.85
CA VAL E 340 60.53 7.99 -17.03
C VAL E 340 61.79 7.43 -17.67
N GLY E 341 62.50 8.32 -18.42
CA GLY E 341 63.81 8.09 -19.00
C GLY E 341 63.76 7.02 -20.09
N ALA E 342 64.81 6.18 -20.13
CA ALA E 342 65.06 5.33 -21.25
C ALA E 342 64.06 4.22 -21.40
N HIS E 343 63.28 3.90 -20.38
CA HIS E 343 62.28 2.80 -20.53
C HIS E 343 60.82 3.36 -20.70
N ARG E 344 60.64 4.69 -20.82
CA ARG E 344 59.27 5.30 -20.95
C ARG E 344 58.49 4.65 -22.06
N CYS E 345 57.28 4.23 -21.72
CA CYS E 345 56.39 3.57 -22.67
C CYS E 345 56.56 3.98 -24.12
N VAL E 346 57.26 3.09 -24.90
CA VAL E 346 57.07 3.04 -26.39
C VAL E 346 55.60 3.14 -26.88
N GLY E 347 54.60 2.79 -26.07
CA GLY E 347 53.21 2.82 -26.49
C GLY E 347 52.57 4.00 -25.87
N ALA E 348 53.40 4.99 -25.47
CA ALA E 348 52.87 6.34 -24.92
C ALA E 348 51.85 6.90 -25.89
N GLY E 349 52.31 7.01 -27.16
CA GLY E 349 51.58 7.48 -28.31
C GLY E 349 50.29 6.71 -28.55
N LEU E 350 50.46 5.38 -28.81
CA LEU E 350 49.32 4.49 -28.99
C LEU E 350 48.16 4.61 -28.03
N ALA E 351 48.48 4.55 -26.77
CA ALA E 351 47.54 4.66 -25.70
C ALA E 351 46.78 5.94 -25.68
N ARG E 352 47.48 7.08 -25.73
CA ARG E 352 46.87 8.43 -25.90
C ARG E 352 45.74 8.42 -26.96
N MET E 353 46.08 8.11 -28.20
CA MET E 353 45.10 7.84 -29.17
C MET E 353 44.00 6.90 -28.57
N GLU E 354 44.35 5.70 -28.07
CA GLU E 354 43.30 4.75 -27.61
C GLU E 354 42.33 5.45 -26.70
N VAL E 355 42.81 6.01 -25.65
CA VAL E 355 41.94 6.65 -24.73
C VAL E 355 41.14 7.80 -25.42
N ILE E 356 41.82 8.54 -26.29
CA ILE E 356 41.12 9.59 -27.03
C ILE E 356 39.96 9.03 -27.90
N VAL E 357 40.18 7.84 -28.50
CA VAL E 357 39.17 7.31 -29.41
C VAL E 357 38.09 6.63 -28.55
N PHE E 358 38.45 6.22 -27.31
CA PHE E 358 37.45 5.78 -26.30
C PHE E 358 36.60 6.99 -25.80
N LEU E 359 37.26 8.12 -25.65
CA LEU E 359 36.46 9.30 -25.34
C LEU E 359 35.52 9.78 -26.49
N ARG E 360 35.97 9.86 -27.74
CA ARG E 360 35.07 10.28 -28.83
C ARG E 360 33.80 9.33 -28.98
N GLU E 361 34.08 8.03 -28.96
CA GLU E 361 33.08 6.95 -29.12
C GLU E 361 32.17 6.73 -27.84
N TRP E 362 32.77 6.46 -26.68
CA TRP E 362 31.99 6.42 -25.48
C TRP E 362 31.04 7.57 -25.33
N LEU E 363 31.57 8.76 -25.18
CA LEU E 363 30.69 9.93 -25.19
C LEU E 363 29.86 10.17 -26.49
N GLY E 364 30.49 10.13 -27.69
CA GLY E 364 29.74 10.26 -28.97
C GLY E 364 28.37 9.52 -28.96
N GLY E 365 28.31 8.28 -28.41
CA GLY E 365 27.16 7.33 -28.62
C GLY E 365 26.40 6.95 -27.35
N MET E 366 27.00 7.20 -26.22
CA MET E 366 26.43 6.73 -25.04
C MET E 366 25.46 7.84 -24.60
N PRO E 367 24.49 7.54 -23.72
CA PRO E 367 23.72 8.62 -23.09
C PRO E 367 24.38 8.92 -21.81
N GLU E 368 23.59 9.52 -20.92
CA GLU E 368 24.03 9.96 -19.66
C GLU E 368 24.26 8.69 -18.87
N PHE E 369 25.42 8.62 -18.20
CA PHE E 369 25.75 7.40 -17.42
C PHE E 369 26.35 7.58 -15.97
N ALA E 370 26.00 6.71 -15.03
CA ALA E 370 26.38 6.94 -13.72
C ALA E 370 26.80 5.62 -13.10
N LEU E 371 27.23 5.66 -11.85
CA LEU E 371 27.37 4.40 -11.14
C LEU E 371 25.97 3.86 -10.79
N ALA E 372 25.86 2.52 -10.77
CA ALA E 372 24.64 1.80 -10.44
C ALA E 372 24.32 2.21 -9.05
N PRO E 373 23.02 2.48 -8.78
CA PRO E 373 22.55 2.75 -7.33
C PRO E 373 22.84 1.66 -6.24
N ASP E 374 23.00 0.42 -6.66
CA ASP E 374 23.07 -0.71 -5.70
C ASP E 374 24.39 -1.57 -5.72
N LYS E 375 25.02 -1.85 -6.88
CA LYS E 375 26.20 -2.72 -6.87
C LYS E 375 27.41 -1.89 -6.45
N ALA E 376 28.49 -2.57 -6.05
CA ALA E 376 29.83 -1.93 -5.69
C ALA E 376 30.85 -1.72 -6.83
N VAL E 377 31.58 -0.59 -6.78
CA VAL E 377 32.92 -0.34 -7.47
C VAL E 377 34.14 -0.86 -6.61
N THR E 378 34.82 -1.90 -7.12
CA THR E 378 35.94 -2.54 -6.40
C THR E 378 37.24 -2.53 -7.24
N MET E 379 38.36 -2.24 -6.55
CA MET E 379 39.68 -2.17 -7.19
C MET E 379 40.67 -3.28 -6.71
N LYS E 380 41.86 -3.34 -7.26
CA LYS E 380 42.80 -4.38 -6.96
C LYS E 380 44.19 -3.73 -6.98
N GLY E 381 45.13 -4.30 -6.21
CA GLY E 381 46.54 -3.85 -6.27
C GLY E 381 47.39 -4.58 -7.30
N GLY E 382 48.70 -4.44 -7.21
CA GLY E 382 49.55 -5.33 -8.03
C GLY E 382 50.41 -4.45 -8.92
N ASN E 383 51.15 -5.05 -9.87
CA ASN E 383 51.97 -4.22 -10.75
C ASN E 383 51.12 -3.26 -11.57
N VAL E 384 50.00 -3.75 -12.11
CA VAL E 384 48.99 -2.90 -12.76
C VAL E 384 47.68 -2.89 -11.91
N GLY E 385 47.45 -1.79 -11.17
CA GLY E 385 46.14 -1.63 -10.50
C GLY E 385 44.96 -1.40 -11.46
N ALA E 386 43.76 -1.76 -11.05
CA ALA E 386 42.55 -1.78 -11.89
C ALA E 386 41.27 -1.91 -11.09
N CYS E 387 40.20 -1.54 -11.72
CA CYS E 387 38.94 -1.84 -11.22
C CYS E 387 38.73 -3.34 -11.59
N THR E 388 37.86 -4.03 -10.86
CA THR E 388 37.66 -5.45 -11.04
C THR E 388 36.15 -5.61 -11.04
N ALA E 389 35.42 -4.55 -10.60
CA ALA E 389 33.97 -4.50 -10.83
C ALA E 389 33.62 -3.05 -10.98
N LEU E 390 32.96 -2.70 -12.08
CA LEU E 390 32.54 -1.36 -12.28
C LEU E 390 31.10 -1.27 -12.72
N PRO E 391 30.08 -1.34 -11.80
CA PRO E 391 28.69 -1.41 -12.41
C PRO E 391 28.21 -0.01 -12.92
N LEU E 392 27.79 0.01 -14.20
CA LEU E 392 27.37 1.28 -14.88
C LEU E 392 25.94 1.21 -15.31
N VAL E 393 25.30 2.37 -15.33
CA VAL E 393 23.87 2.44 -15.68
C VAL E 393 23.54 3.70 -16.50
N TRP E 394 22.60 3.55 -17.44
CA TRP E 394 22.13 4.62 -18.40
C TRP E 394 20.78 4.28 -19.05
N ARG E 395 20.04 5.32 -19.48
CA ARG E 395 18.72 5.06 -20.01
C ARG E 395 18.70 4.46 -21.38
N ALA E 396 18.69 3.13 -21.45
CA ALA E 396 18.48 2.44 -22.77
C ALA E 396 17.04 2.50 -23.31
N MET F 1 -4.00 6.63 35.90
CA MET F 1 -3.96 6.08 34.53
C MET F 1 -5.10 5.03 34.26
N ILE F 2 -4.80 3.75 34.47
CA ILE F 2 -5.83 2.68 34.35
C ILE F 2 -6.39 2.27 35.74
N PRO F 3 -7.56 1.55 35.78
CA PRO F 3 -7.93 0.88 37.04
C PRO F 3 -7.87 -0.67 36.85
N ALA F 4 -7.09 -1.33 37.70
CA ALA F 4 -6.66 -2.73 37.47
C ALA F 4 -7.72 -3.56 36.79
N HIS F 5 -8.97 -3.06 36.96
CA HIS F 5 -10.25 -3.79 36.67
C HIS F 5 -10.92 -3.64 35.28
N VAL F 6 -10.11 -3.42 34.25
CA VAL F 6 -10.59 -3.41 32.89
C VAL F 6 -9.63 -4.21 32.03
N PRO F 7 -10.08 -5.33 31.41
CA PRO F 7 -9.24 -6.17 30.47
C PRO F 7 -8.36 -5.38 29.41
N ALA F 8 -7.42 -6.10 28.75
CA ALA F 8 -6.43 -5.45 27.84
C ALA F 8 -7.09 -4.90 26.65
N ASP F 9 -7.93 -5.76 26.10
CA ASP F 9 -8.65 -5.53 24.86
C ASP F 9 -9.82 -4.55 24.91
N ARG F 10 -10.04 -3.87 26.05
CA ARG F 10 -11.21 -3.06 26.26
C ARG F 10 -10.78 -1.65 26.23
N VAL F 11 -9.46 -1.52 26.16
CA VAL F 11 -8.77 -0.22 26.19
C VAL F 11 -8.73 0.56 24.86
N VAL F 12 -8.96 1.87 24.99
CA VAL F 12 -8.74 2.82 23.90
C VAL F 12 -8.54 4.15 24.58
N ASP F 13 -8.17 5.14 23.80
CA ASP F 13 -7.74 6.39 24.36
C ASP F 13 -8.73 7.41 23.79
N PHE F 14 -9.68 6.89 23.00
CA PHE F 14 -10.82 7.65 22.39
C PHE F 14 -11.34 8.91 23.16
N ASP F 15 -11.18 10.06 22.51
CA ASP F 15 -11.60 11.37 23.04
C ASP F 15 -13.07 11.59 22.62
N ILE F 16 -13.96 11.81 23.60
CA ILE F 16 -15.31 12.06 23.24
C ILE F 16 -15.46 13.46 22.67
N PHE F 17 -14.55 14.37 22.97
CA PHE F 17 -14.72 15.80 22.49
C PHE F 17 -14.25 16.04 21.10
N ASN F 18 -13.25 15.25 20.74
CA ASN F 18 -12.57 15.35 19.46
C ASN F 18 -12.36 13.95 18.89
N PRO F 19 -13.44 13.21 18.57
CA PRO F 19 -13.27 11.79 18.00
C PRO F 19 -12.53 11.81 16.73
N PRO F 20 -11.82 10.73 16.39
CA PRO F 20 -10.98 10.71 15.11
C PRO F 20 -11.78 10.94 13.77
N GLY F 21 -11.52 12.07 13.11
CA GLY F 21 -12.21 12.38 11.87
C GLY F 21 -13.55 13.14 12.00
N VAL F 22 -13.97 13.43 13.24
CA VAL F 22 -15.13 14.28 13.52
C VAL F 22 -15.32 15.60 12.58
N GLU F 23 -14.27 16.42 12.29
CA GLU F 23 -14.36 17.52 11.30
C GLU F 23 -15.18 17.11 10.07
N GLN F 24 -14.73 16.07 9.35
CA GLN F 24 -15.41 15.69 8.10
C GLN F 24 -16.67 14.86 8.30
N ASP F 25 -16.84 14.09 9.39
CA ASP F 25 -18.10 13.36 9.55
C ASP F 25 -18.35 12.81 10.93
N TYR F 26 -19.41 13.29 11.58
CA TYR F 26 -19.77 12.87 13.01
C TYR F 26 -20.03 11.36 13.25
N PHE F 27 -20.80 10.75 12.32
CA PHE F 27 -21.35 9.34 12.37
C PHE F 27 -20.26 8.30 12.13
N ALA F 28 -19.51 8.45 11.05
CA ALA F 28 -18.51 7.53 10.75
C ALA F 28 -17.58 7.41 11.97
N ALA F 29 -17.33 8.53 12.66
CA ALA F 29 -16.30 8.66 13.74
C ALA F 29 -16.66 8.01 15.05
N TRP F 30 -17.93 8.07 15.39
CA TRP F 30 -18.42 7.27 16.49
C TRP F 30 -18.50 5.84 16.01
N LYS F 31 -19.00 5.64 14.82
CA LYS F 31 -19.21 4.24 14.37
C LYS F 31 -17.93 3.41 14.34
N THR F 32 -16.78 4.04 14.61
CA THR F 32 -15.52 3.24 14.58
C THR F 32 -15.35 2.32 15.79
N LEU F 33 -16.12 2.62 16.88
CA LEU F 33 -16.22 1.82 18.06
C LEU F 33 -17.12 0.55 17.84
N LEU F 34 -17.94 0.53 16.77
CA LEU F 34 -18.72 -0.68 16.40
C LEU F 34 -17.75 -1.80 16.11
N ASP F 35 -16.51 -1.34 16.09
CA ASP F 35 -15.35 -2.08 15.62
C ASP F 35 -14.44 -2.45 16.82
N GLY F 36 -15.03 -3.05 17.86
CA GLY F 36 -14.32 -3.22 19.12
C GLY F 36 -15.16 -4.06 20.05
N PRO F 37 -14.86 -3.98 21.35
CA PRO F 37 -15.82 -4.53 22.29
C PRO F 37 -16.94 -3.51 22.60
N GLY F 38 -18.12 -4.02 22.96
CA GLY F 38 -19.26 -3.21 23.14
C GLY F 38 -19.14 -2.38 24.40
N LEU F 39 -18.03 -2.46 25.11
CA LEU F 39 -17.82 -1.62 26.32
C LEU F 39 -16.33 -1.41 26.41
N VAL F 40 -15.98 -0.13 26.41
CA VAL F 40 -14.57 0.26 26.29
C VAL F 40 -14.18 1.16 27.43
N TRP F 41 -12.94 0.95 27.93
CA TRP F 41 -12.32 1.93 28.82
C TRP F 41 -11.33 2.86 28.03
N SER F 42 -11.62 4.18 28.02
CA SER F 42 -10.82 5.19 27.34
C SER F 42 -10.06 6.04 28.35
N THR F 43 -8.75 6.12 28.18
CA THR F 43 -7.85 7.00 28.97
C THR F 43 -7.99 8.48 28.71
N ALA F 44 -8.72 8.88 27.66
CA ALA F 44 -8.93 10.34 27.35
C ALA F 44 -9.79 10.95 28.44
N ASN F 45 -9.59 12.22 28.75
CA ASN F 45 -10.55 12.98 29.61
C ASN F 45 -10.70 12.41 30.98
N GLY F 46 -9.75 11.63 31.45
CA GLY F 46 -9.76 11.34 32.88
C GLY F 46 -10.13 9.92 33.20
N GLY F 47 -10.17 9.06 32.16
CA GLY F 47 -10.50 7.66 32.31
C GLY F 47 -11.97 7.48 32.60
N HIS F 48 -12.77 7.25 31.56
CA HIS F 48 -14.15 6.79 31.78
C HIS F 48 -14.49 5.58 30.88
N TRP F 49 -15.66 4.96 31.09
CA TRP F 49 -16.14 3.98 30.11
C TRP F 49 -16.92 4.63 28.90
N ILE F 50 -16.87 3.91 27.76
CA ILE F 50 -17.79 4.16 26.66
C ILE F 50 -18.43 2.91 26.17
N ALA F 51 -19.77 2.98 26.18
CA ALA F 51 -20.65 1.98 25.60
C ALA F 51 -20.58 1.96 24.03
N ALA F 52 -20.34 0.80 23.44
CA ALA F 52 -20.07 0.78 22.03
C ALA F 52 -20.74 -0.32 21.21
N ARG F 53 -22.08 -0.34 21.22
CA ARG F 53 -22.86 -1.35 20.55
C ARG F 53 -24.36 -1.16 20.97
N GLY F 54 -25.23 -1.18 19.96
CA GLY F 54 -26.67 -1.02 20.11
C GLY F 54 -27.12 -1.46 21.44
N ASP F 55 -26.82 -2.65 21.85
CA ASP F 55 -27.51 -3.25 23.01
C ASP F 55 -27.07 -2.63 24.30
N VAL F 56 -25.76 -2.57 24.53
CA VAL F 56 -25.24 -1.97 25.79
C VAL F 56 -25.57 -0.45 26.04
N VAL F 57 -25.48 0.32 24.97
CA VAL F 57 -25.87 1.72 25.01
C VAL F 57 -27.36 1.80 25.41
N ARG F 58 -28.17 0.92 24.81
CA ARG F 58 -29.61 0.92 25.01
C ARG F 58 -30.03 0.46 26.45
N GLU F 59 -29.37 -0.54 26.96
CA GLU F 59 -29.82 -1.04 28.19
C GLU F 59 -29.23 -0.25 29.33
N LEU F 60 -27.91 -0.03 29.35
CA LEU F 60 -27.29 0.85 30.34
C LEU F 60 -27.87 2.35 30.51
N TRP F 61 -28.40 2.89 29.42
CA TRP F 61 -29.19 4.10 29.42
C TRP F 61 -30.56 3.82 30.19
N GLY F 62 -31.17 2.63 30.01
CA GLY F 62 -32.39 2.29 30.70
C GLY F 62 -32.18 2.29 32.22
N ASP F 63 -31.01 1.74 32.70
CA ASP F 63 -30.64 1.51 34.13
C ASP F 63 -30.46 2.80 34.92
N ALA F 64 -31.61 3.34 35.38
CA ALA F 64 -31.70 4.67 36.01
C ALA F 64 -31.12 4.58 37.44
N GLU F 65 -31.37 3.47 38.18
CA GLU F 65 -31.02 3.34 39.65
C GLU F 65 -29.55 3.08 39.94
N ARG F 66 -28.86 2.42 38.98
CA ARG F 66 -27.46 2.01 39.19
C ARG F 66 -26.54 3.01 38.55
N LEU F 67 -26.98 3.61 37.44
CA LEU F 67 -26.21 4.63 36.78
C LEU F 67 -26.86 6.01 36.92
N SER F 68 -26.32 6.81 37.84
CA SER F 68 -26.95 8.08 38.29
C SER F 68 -26.77 9.14 37.19
N SER F 69 -27.71 10.09 37.07
CA SER F 69 -27.68 11.26 36.11
C SER F 69 -27.19 12.46 36.82
N GLN F 70 -26.65 12.25 38.03
CA GLN F 70 -26.27 13.28 39.01
C GLN F 70 -25.04 14.09 38.63
N CYS F 71 -24.40 13.73 37.50
CA CYS F 71 -23.08 14.35 37.08
C CYS F 71 -23.05 14.90 35.63
N LEU F 72 -24.07 14.59 34.85
CA LEU F 72 -24.34 15.35 33.61
C LEU F 72 -23.24 15.31 32.60
N ALA F 73 -22.01 15.72 32.95
CA ALA F 73 -20.84 15.74 32.00
C ALA F 73 -19.57 14.90 32.35
N VAL F 74 -18.59 14.83 31.43
CA VAL F 74 -17.35 14.13 31.79
C VAL F 74 -16.31 15.12 32.32
N THR F 75 -16.61 16.41 32.18
CA THR F 75 -15.71 17.46 32.60
C THR F 75 -16.01 17.57 34.05
N PRO F 76 -15.01 17.40 34.93
CA PRO F 76 -15.19 17.41 36.40
C PRO F 76 -15.91 18.67 36.95
N GLY F 77 -16.79 18.56 37.93
CA GLY F 77 -17.41 19.75 38.50
C GLY F 77 -18.40 20.60 37.71
N LEU F 78 -18.75 20.19 36.50
CA LEU F 78 -19.77 20.90 35.71
C LEU F 78 -21.21 20.43 36.03
N GLY F 79 -21.34 19.28 36.71
CA GLY F 79 -22.62 18.86 37.33
C GLY F 79 -23.06 19.83 38.48
N LYS F 80 -22.08 20.25 39.33
CA LYS F 80 -22.29 21.08 40.55
C LYS F 80 -22.59 22.57 40.28
N VAL F 81 -22.39 22.98 39.04
CA VAL F 81 -22.65 24.37 38.60
C VAL F 81 -24.02 24.50 37.85
N MET F 82 -24.44 23.44 37.12
CA MET F 82 -25.64 23.50 36.26
C MET F 82 -26.81 23.04 36.99
N GLN F 83 -26.78 21.77 37.45
CA GLN F 83 -27.85 21.25 38.29
C GLN F 83 -29.25 21.41 37.64
N PHE F 84 -29.25 21.16 36.36
CA PHE F 84 -30.43 21.11 35.59
C PHE F 84 -31.51 20.21 36.25
N ILE F 85 -32.76 20.68 36.15
CA ILE F 85 -33.88 20.02 36.72
C ILE F 85 -34.91 19.84 35.56
N PRO F 86 -35.30 18.56 35.24
CA PRO F 86 -34.95 17.27 35.92
C PRO F 86 -33.69 16.46 35.38
N LEU F 87 -32.99 16.94 34.34
CA LEU F 87 -31.80 16.27 33.74
C LEU F 87 -30.93 15.53 34.69
N GLN F 88 -30.64 16.18 35.83
CA GLN F 88 -29.63 15.74 36.80
C GLN F 88 -30.05 14.95 38.06
N GLN F 89 -31.33 14.73 38.19
CA GLN F 89 -31.86 14.03 39.35
C GLN F 89 -32.30 12.54 39.14
N ASP F 90 -32.33 11.84 40.29
CA ASP F 90 -32.62 10.40 40.33
C ASP F 90 -33.74 10.15 41.29
N GLY F 91 -34.31 8.94 41.15
CA GLY F 91 -35.26 8.41 42.06
C GLY F 91 -36.49 9.24 42.23
N ALA F 92 -37.03 9.17 43.46
CA ALA F 92 -38.32 9.75 43.89
C ALA F 92 -38.44 11.28 43.53
N GLU F 93 -37.38 12.02 43.87
CA GLU F 93 -37.20 13.38 43.51
C GLU F 93 -37.29 13.70 41.97
N HIS F 94 -36.57 12.90 41.15
CA HIS F 94 -36.59 13.09 39.73
C HIS F 94 -37.99 13.09 39.29
N LYS F 95 -38.67 11.99 39.69
CA LYS F 95 -40.05 11.68 39.31
C LYS F 95 -40.98 12.84 39.80
N ALA F 96 -40.77 13.34 41.03
CA ALA F 96 -41.51 14.53 41.50
C ALA F 96 -41.42 15.73 40.55
N PHE F 97 -40.19 16.14 40.15
CA PHE F 97 -39.96 17.22 39.21
C PHE F 97 -40.32 16.99 37.76
N ARG F 98 -40.19 15.77 37.22
CA ARG F 98 -40.56 15.48 35.81
C ARG F 98 -42.03 15.71 35.52
N THR F 99 -42.90 15.13 36.36
CA THR F 99 -44.37 15.27 36.18
C THR F 99 -44.90 16.68 35.83
N PRO F 100 -44.57 17.74 36.66
CA PRO F 100 -44.99 19.12 36.24
C PRO F 100 -44.33 19.70 34.96
N VAL F 101 -43.13 19.22 34.59
CA VAL F 101 -42.50 19.60 33.31
C VAL F 101 -43.20 18.94 32.14
N MET F 102 -43.48 17.64 32.27
CA MET F 102 -44.21 16.88 31.28
C MET F 102 -45.59 17.49 31.06
N LYS F 103 -46.20 17.88 32.20
CA LYS F 103 -47.57 18.40 32.27
C LYS F 103 -47.63 19.65 31.40
N GLY F 104 -46.58 20.45 31.45
CA GLY F 104 -46.58 21.69 30.75
C GLY F 104 -45.94 21.52 29.40
N LEU F 105 -45.60 20.27 29.05
CA LEU F 105 -45.10 20.03 27.75
C LEU F 105 -46.00 19.07 26.98
N ALA F 106 -47.25 18.89 27.45
CA ALA F 106 -48.25 18.01 26.78
C ALA F 106 -48.56 18.27 25.29
N SER F 107 -49.24 17.33 24.66
CA SER F 107 -49.57 17.37 23.23
C SER F 107 -50.34 18.62 22.85
N ARG F 108 -51.47 18.88 23.53
CA ARG F 108 -52.32 20.05 23.24
C ARG F 108 -51.53 21.34 23.23
N PHE F 109 -50.54 21.54 24.11
CA PHE F 109 -49.67 22.75 23.94
C PHE F 109 -48.72 22.71 22.74
N VAL F 110 -48.25 21.51 22.43
CA VAL F 110 -47.47 21.35 21.25
C VAL F 110 -48.23 21.91 20.04
N VAL F 111 -49.50 21.53 19.84
CA VAL F 111 -50.33 21.93 18.67
C VAL F 111 -50.64 23.38 18.60
N ALA F 112 -50.91 24.00 19.75
CA ALA F 112 -51.14 25.48 19.91
C ALA F 112 -49.93 26.34 19.59
N LEU F 113 -48.75 25.88 20.03
CA LEU F 113 -47.48 26.45 19.57
C LEU F 113 -47.23 26.23 18.11
N GLU F 114 -47.84 25.15 17.51
CA GLU F 114 -47.57 24.77 16.05
C GLU F 114 -47.67 25.95 15.05
N PRO F 115 -48.89 26.61 14.94
CA PRO F 115 -49.03 27.76 14.01
C PRO F 115 -48.00 28.92 14.24
N LYS F 116 -47.74 29.23 15.51
CA LYS F 116 -46.77 30.25 15.90
C LYS F 116 -45.23 29.94 15.66
N VAL F 117 -44.83 28.68 15.74
CA VAL F 117 -43.45 28.26 15.54
C VAL F 117 -43.22 28.14 14.01
N GLN F 118 -44.33 28.06 13.26
CA GLN F 118 -44.28 28.01 11.79
C GLN F 118 -44.17 29.43 11.35
N ALA F 119 -44.79 30.35 12.06
CA ALA F 119 -44.47 31.80 11.89
C ALA F 119 -42.91 32.07 11.90
N VAL F 120 -42.27 31.85 13.09
CA VAL F 120 -40.81 32.05 13.27
C VAL F 120 -39.95 31.35 12.22
N ALA F 121 -40.14 30.07 12.05
CA ALA F 121 -39.40 29.32 11.10
C ALA F 121 -39.60 29.96 9.78
N ARG F 122 -40.80 30.37 9.49
CA ARG F 122 -41.02 30.98 8.18
C ARG F 122 -40.21 32.27 7.96
N LYS F 123 -40.32 33.18 8.95
CA LYS F 123 -39.69 34.53 8.91
C LYS F 123 -38.20 34.43 8.61
N LEU F 124 -37.50 33.66 9.45
CA LEU F 124 -36.11 33.29 9.15
C LEU F 124 -35.82 32.68 7.75
N MET F 125 -36.68 31.75 7.28
CA MET F 125 -36.54 31.18 5.96
C MET F 125 -36.62 32.28 4.89
N GLU F 126 -37.70 33.06 4.93
CA GLU F 126 -37.73 34.38 4.22
C GLU F 126 -36.59 35.44 4.50
N SER F 127 -36.10 35.47 5.75
CA SER F 127 -34.90 36.15 6.13
C SER F 127 -33.77 35.73 5.19
N LEU F 128 -33.60 34.46 4.94
CA LEU F 128 -32.46 34.07 4.11
C LEU F 128 -32.68 34.07 2.62
N ARG F 129 -33.79 33.45 2.14
CA ARG F 129 -34.01 33.06 0.71
C ARG F 129 -33.39 33.99 -0.34
N PRO F 130 -33.64 35.33 -0.24
CA PRO F 130 -33.03 36.35 -1.11
C PRO F 130 -31.50 36.21 -1.46
N ARG F 131 -30.73 35.40 -0.70
CA ARG F 131 -29.25 35.48 -0.80
C ARG F 131 -28.61 34.59 -1.88
N GLY F 132 -29.28 33.53 -2.25
CA GLY F 132 -28.71 32.54 -3.24
C GLY F 132 -27.59 31.64 -2.69
N SER F 133 -27.47 31.59 -1.35
CA SER F 133 -26.39 30.92 -0.55
C SER F 133 -26.43 31.38 0.93
N CYS F 134 -25.80 30.61 1.79
CA CYS F 134 -25.87 30.91 3.23
C CYS F 134 -25.11 29.85 3.95
N ASP F 135 -24.89 30.14 5.23
CA ASP F 135 -24.21 29.24 6.17
C ASP F 135 -25.22 28.64 7.18
N PHE F 136 -25.65 27.43 6.86
CA PHE F 136 -26.81 26.93 7.47
C PHE F 136 -26.69 27.02 8.99
N VAL F 137 -25.48 26.87 9.52
CA VAL F 137 -25.28 26.82 10.93
C VAL F 137 -25.47 28.19 11.60
N SER F 138 -24.58 29.10 11.29
CA SER F 138 -24.58 30.40 11.91
C SER F 138 -25.82 31.26 11.62
N ASP F 139 -26.46 31.08 10.47
CA ASP F 139 -27.51 32.03 10.05
C ASP F 139 -28.91 31.56 10.38
N PHE F 140 -29.24 30.28 10.15
CA PHE F 140 -30.56 29.65 10.42
C PHE F 140 -30.62 28.84 11.73
N ALA F 141 -30.00 27.64 11.70
CA ALA F 141 -29.92 26.68 12.81
C ALA F 141 -29.78 27.20 14.25
N GLU F 142 -28.68 27.92 14.53
CA GLU F 142 -28.42 28.47 15.89
C GLU F 142 -29.13 29.84 16.22
N ILE F 143 -30.09 30.23 15.37
CA ILE F 143 -30.95 31.41 15.55
C ILE F 143 -32.45 30.95 15.85
N LEU F 144 -32.88 29.88 15.19
CA LEU F 144 -34.26 29.60 15.19
C LEU F 144 -34.79 29.04 16.52
N PRO F 145 -34.07 28.10 17.15
CA PRO F 145 -34.60 27.60 18.44
C PRO F 145 -34.65 28.68 19.48
N LEU F 146 -33.86 29.75 19.25
CA LEU F 146 -33.87 30.92 20.11
C LEU F 146 -35.13 31.80 19.85
N ASN F 147 -35.43 31.97 18.57
CA ASN F 147 -36.59 32.66 18.15
C ASN F 147 -37.83 31.90 18.53
N ILE F 148 -37.73 30.58 18.60
CA ILE F 148 -38.83 29.75 19.10
C ILE F 148 -38.88 29.93 20.60
N PHE F 149 -37.73 29.86 21.25
CA PHE F 149 -37.76 29.93 22.66
C PHE F 149 -38.28 31.29 23.14
N LEU F 150 -38.09 32.32 22.30
CA LEU F 150 -38.50 33.69 22.66
C LEU F 150 -40.05 33.81 22.68
N THR F 151 -40.67 32.99 21.81
CA THR F 151 -42.14 32.94 21.64
C THR F 151 -42.65 32.15 22.82
N LEU F 152 -42.28 30.86 22.84
CA LEU F 152 -42.61 29.90 23.88
C LEU F 152 -42.87 30.60 25.19
N ILE F 153 -42.00 31.54 25.56
CA ILE F 153 -42.01 32.21 26.88
C ILE F 153 -42.68 33.57 26.86
N ASP F 154 -43.27 33.93 25.72
CA ASP F 154 -44.04 35.23 25.46
C ASP F 154 -43.43 36.61 25.70
N VAL F 155 -42.13 36.76 25.45
CA VAL F 155 -41.46 38.03 25.59
C VAL F 155 -42.26 38.99 24.74
N PRO F 156 -42.55 40.18 25.30
CA PRO F 156 -43.16 41.27 24.51
C PRO F 156 -42.64 41.32 23.01
N LEU F 157 -43.51 41.68 22.04
CA LEU F 157 -43.09 41.81 20.60
C LEU F 157 -41.97 42.86 20.37
N GLU F 158 -42.02 44.01 21.12
CA GLU F 158 -40.92 45.07 21.12
C GLU F 158 -39.62 44.72 21.90
N ASP F 159 -39.51 43.44 22.31
CA ASP F 159 -38.43 42.93 23.16
C ASP F 159 -37.51 42.05 22.32
N ARG F 160 -38.11 41.16 21.54
CA ARG F 160 -37.39 40.11 20.76
C ARG F 160 -36.07 40.57 20.06
N PRO F 161 -36.06 41.76 19.30
CA PRO F 161 -34.78 42.18 18.63
C PRO F 161 -33.53 42.38 19.57
N ARG F 162 -33.78 42.95 20.78
CA ARG F 162 -32.81 43.11 21.91
C ARG F 162 -32.32 41.82 22.59
N LEU F 163 -33.27 41.01 23.04
CA LEU F 163 -32.92 39.69 23.57
C LEU F 163 -32.25 38.72 22.57
N ARG F 164 -32.66 38.78 21.29
CA ARG F 164 -31.95 38.04 20.21
C ARG F 164 -30.44 38.28 20.15
N GLN F 165 -30.04 39.50 20.49
CA GLN F 165 -28.66 39.94 20.41
C GLN F 165 -27.97 39.52 21.63
N LEU F 166 -28.67 39.67 22.74
CA LEU F 166 -28.20 39.16 24.01
C LEU F 166 -27.92 37.66 23.90
N GLY F 167 -28.77 36.99 23.12
CA GLY F 167 -28.82 35.54 23.08
C GLY F 167 -27.63 34.94 22.36
N VAL F 168 -27.27 35.60 21.23
CA VAL F 168 -26.16 35.21 20.34
C VAL F 168 -25.05 34.40 21.10
N GLN F 169 -24.54 34.92 22.22
CA GLN F 169 -23.62 34.13 23.11
C GLN F 169 -23.89 32.57 23.30
N LEU F 170 -25.16 32.29 23.58
CA LEU F 170 -25.73 30.97 23.60
C LEU F 170 -26.32 30.45 22.23
N MET F 177 -14.71 32.59 28.14
CA MET F 177 -16.08 32.34 28.58
C MET F 177 -16.22 31.12 29.58
N THR F 178 -16.21 31.36 30.90
CA THR F 178 -16.33 30.22 31.90
C THR F 178 -17.72 29.58 31.92
N VAL F 179 -17.73 28.36 32.49
CA VAL F 179 -18.97 27.64 32.86
C VAL F 179 -19.96 28.51 33.75
N GLU F 180 -19.48 29.12 34.86
CA GLU F 180 -20.26 30.05 35.72
C GLU F 180 -20.74 31.29 35.01
N GLN F 181 -19.90 31.84 34.11
CA GLN F 181 -20.28 33.00 33.30
C GLN F 181 -21.36 32.57 32.35
N LEU F 182 -21.15 31.36 31.75
CA LEU F 182 -22.21 30.62 31.00
C LEU F 182 -23.61 30.57 31.74
N LYS F 183 -23.68 29.97 32.93
CA LYS F 183 -24.96 29.95 33.67
C LYS F 183 -25.38 31.32 34.22
N GLN F 184 -24.41 32.19 34.49
CA GLN F 184 -24.75 33.49 34.92
C GLN F 184 -25.41 34.22 33.75
N ALA F 185 -24.76 34.25 32.60
CA ALA F 185 -25.38 34.92 31.44
C ALA F 185 -26.73 34.38 31.35
N ALA F 186 -26.81 33.04 31.21
CA ALA F 186 -28.09 32.29 31.10
C ALA F 186 -29.27 32.58 32.11
N ASP F 187 -28.96 32.73 33.42
CA ASP F 187 -29.94 33.10 34.45
C ASP F 187 -30.30 34.58 34.32
N ASP F 188 -29.30 35.46 34.08
CA ASP F 188 -29.52 36.94 33.86
C ASP F 188 -30.49 37.17 32.69
N TYR F 189 -30.18 36.50 31.60
CA TYR F 189 -31.08 36.39 30.47
C TYR F 189 -32.47 36.07 30.96
N LEU F 190 -32.56 35.14 31.90
CA LEU F 190 -33.80 34.46 32.17
C LEU F 190 -34.55 35.15 33.20
N TRP F 191 -33.84 35.89 34.04
CA TRP F 191 -34.39 36.39 35.32
C TRP F 191 -35.68 37.25 35.19
N PRO F 192 -35.63 38.37 34.42
CA PRO F 192 -36.96 39.10 34.59
C PRO F 192 -38.18 38.25 34.05
N PHE F 193 -37.95 37.33 33.09
CA PHE F 193 -38.98 36.42 32.54
C PHE F 193 -39.53 35.55 33.64
N ILE F 194 -38.71 34.57 34.05
CA ILE F 194 -38.97 33.78 35.25
C ILE F 194 -39.70 34.62 36.35
N GLU F 195 -39.15 35.75 36.80
CA GLU F 195 -39.82 36.50 37.89
C GLU F 195 -41.32 36.83 37.61
N LYS F 196 -41.68 37.07 36.34
CA LYS F 196 -43.07 37.51 36.08
C LYS F 196 -44.17 36.46 36.40
N ARG F 197 -43.86 35.16 36.30
CA ARG F 197 -44.87 34.07 36.17
C ARG F 197 -44.84 33.02 37.26
N MET F 198 -44.13 33.38 38.31
CA MET F 198 -44.58 33.04 39.63
C MET F 198 -45.48 34.24 40.05
N ALA F 199 -44.94 35.47 39.89
CA ALA F 199 -45.68 36.73 40.24
C ALA F 199 -46.99 37.07 39.40
N GLN F 200 -46.85 37.28 38.08
CA GLN F 200 -48.00 37.50 37.18
C GLN F 200 -48.14 36.33 36.23
N PRO F 201 -48.68 35.20 36.69
CA PRO F 201 -48.77 34.06 35.77
C PRO F 201 -49.73 34.28 34.60
N GLY F 202 -49.38 33.72 33.44
CA GLY F 202 -50.31 33.53 32.29
C GLY F 202 -50.58 32.04 32.04
N ASP F 203 -50.29 31.60 30.81
CA ASP F 203 -50.44 30.17 30.36
C ASP F 203 -49.47 29.92 29.12
N ASP F 204 -48.19 30.31 29.30
CA ASP F 204 -47.07 29.91 28.40
C ASP F 204 -46.31 28.71 28.98
N LEU F 205 -45.21 28.35 28.32
CA LEU F 205 -44.38 27.19 28.72
C LEU F 205 -43.95 27.18 30.20
N PHE F 206 -43.25 28.25 30.61
CA PHE F 206 -42.80 28.39 31.99
C PHE F 206 -44.00 28.43 32.96
N SER F 207 -44.90 29.38 32.73
CA SER F 207 -46.00 29.60 33.65
C SER F 207 -46.67 28.32 34.05
N ARG F 208 -46.95 27.48 33.05
CA ARG F 208 -47.78 26.27 33.25
C ARG F 208 -47.11 25.18 34.10
N ILE F 209 -45.79 25.17 34.06
CA ILE F 209 -45.00 24.23 34.84
C ILE F 209 -44.94 24.87 36.23
N LEU F 210 -44.53 26.16 36.33
CA LEU F 210 -44.30 26.85 37.66
C LEU F 210 -45.56 27.15 38.50
N SER F 211 -46.73 26.99 37.82
CA SER F 211 -48.10 26.97 38.45
C SER F 211 -48.51 25.57 39.02
N GLU F 212 -47.81 24.54 38.60
CA GLU F 212 -48.02 23.19 39.09
C GLU F 212 -47.43 23.16 40.44
N PRO F 213 -47.88 22.18 41.28
CA PRO F 213 -47.13 21.77 42.51
C PRO F 213 -45.85 21.00 42.18
N VAL F 214 -45.09 20.62 43.21
CA VAL F 214 -43.97 19.79 43.06
C VAL F 214 -44.09 18.87 44.23
N GLY F 215 -45.20 18.15 44.27
CA GLY F 215 -45.41 17.21 45.42
C GLY F 215 -46.14 17.77 46.67
N GLY F 216 -46.95 18.81 46.47
CA GLY F 216 -47.73 19.30 47.58
C GLY F 216 -47.36 20.70 47.94
N ARG F 217 -46.23 21.18 47.38
CA ARG F 217 -45.78 22.56 47.63
C ARG F 217 -45.36 23.24 46.35
N PRO F 218 -45.45 24.57 46.30
CA PRO F 218 -45.05 25.32 45.06
C PRO F 218 -43.52 25.25 44.73
N TRP F 219 -43.11 25.74 43.55
CA TRP F 219 -41.72 25.76 43.08
C TRP F 219 -40.93 26.70 44.01
N THR F 220 -39.69 26.39 44.43
CA THR F 220 -38.81 27.43 44.92
C THR F 220 -38.09 28.06 43.76
N VAL F 221 -37.88 29.38 43.79
CA VAL F 221 -37.16 30.15 42.74
C VAL F 221 -35.81 29.49 42.36
N ASP F 222 -35.06 28.95 43.29
CA ASP F 222 -33.91 28.21 42.86
C ASP F 222 -34.32 26.97 42.04
N GLU F 223 -35.41 26.31 42.38
CA GLU F 223 -35.72 25.11 41.64
C GLU F 223 -36.19 25.49 40.25
N ALA F 224 -36.91 26.62 40.17
CA ALA F 224 -37.41 27.18 38.91
C ALA F 224 -36.28 27.54 38.03
N ARG F 225 -35.20 28.10 38.62
CA ARG F 225 -34.06 28.56 37.88
C ARG F 225 -33.49 27.38 37.14
N ARG F 226 -33.01 26.38 37.86
CA ARG F 226 -32.48 25.15 37.36
C ARG F 226 -33.30 24.45 36.26
N MET F 227 -34.62 24.57 36.37
CA MET F 227 -35.54 24.02 35.36
C MET F 227 -35.52 24.90 34.14
N CYS F 228 -35.66 26.21 34.30
CA CYS F 228 -35.63 27.04 33.09
C CYS F 228 -34.31 26.97 32.34
N ARG F 229 -33.20 26.96 33.09
CA ARG F 229 -31.86 26.69 32.62
C ARG F 229 -31.85 25.37 31.81
N ASN F 230 -32.64 24.38 32.25
CA ASN F 230 -32.69 23.05 31.59
C ASN F 230 -33.42 23.16 30.27
N LEU F 231 -34.63 23.69 30.29
CA LEU F 231 -35.43 23.85 29.10
C LEU F 231 -34.75 24.66 28.02
N LEU F 232 -33.89 25.58 28.43
CA LEU F 232 -33.24 26.44 27.50
C LEU F 232 -32.08 25.70 26.77
N PHE F 233 -31.14 25.17 27.52
CA PHE F 233 -29.92 24.67 26.98
C PHE F 233 -30.21 23.31 26.39
N GLY F 234 -31.12 22.63 27.08
CA GLY F 234 -31.52 21.31 26.72
C GLY F 234 -32.23 21.36 25.41
N GLY F 235 -32.57 22.53 24.92
CA GLY F 235 -33.40 22.61 23.77
C GLY F 235 -32.77 23.48 22.72
N LEU F 236 -31.84 24.38 23.13
CA LEU F 236 -31.12 25.19 22.12
C LEU F 236 -30.15 24.34 21.29
N ASP F 237 -29.11 23.87 21.91
CA ASP F 237 -28.10 23.42 21.04
C ASP F 237 -28.48 22.03 20.43
N THR F 238 -29.49 21.38 20.98
CA THR F 238 -30.00 20.07 20.45
C THR F 238 -30.75 20.17 19.13
N VAL F 239 -31.75 21.02 19.11
CA VAL F 239 -32.57 21.19 17.99
C VAL F 239 -31.73 21.83 16.88
N ALA F 240 -30.92 22.84 17.24
CA ALA F 240 -29.95 23.41 16.28
C ALA F 240 -29.09 22.34 15.55
N ALA F 241 -28.58 21.33 16.27
CA ALA F 241 -27.81 20.28 15.63
C ALA F 241 -28.64 19.61 14.64
N MET F 242 -29.85 19.23 15.05
CA MET F 242 -30.67 18.28 14.33
C MET F 242 -31.24 18.91 13.05
N ILE F 243 -31.70 20.16 13.15
CA ILE F 243 -32.23 20.90 12.02
C ILE F 243 -31.09 21.06 11.03
N GLY F 244 -29.88 21.43 11.53
CA GLY F 244 -28.70 21.35 10.74
C GLY F 244 -28.64 20.05 9.95
N MET F 245 -28.82 18.93 10.66
CA MET F 245 -28.57 17.59 10.05
C MET F 245 -29.51 17.25 8.96
N VAL F 246 -30.76 17.61 9.21
CA VAL F 246 -31.94 17.50 8.27
C VAL F 246 -31.67 18.35 7.06
N ALA F 247 -31.11 19.57 7.28
CA ALA F 247 -30.72 20.44 6.20
C ALA F 247 -29.54 19.83 5.41
N LEU F 248 -28.58 19.26 6.14
CA LEU F 248 -27.43 18.54 5.52
C LEU F 248 -27.88 17.41 4.64
N HIS F 249 -28.83 16.65 5.16
CA HIS F 249 -29.29 15.53 4.41
C HIS F 249 -29.95 15.98 3.11
N LEU F 250 -31.04 16.69 3.22
CA LEU F 250 -31.80 17.19 2.04
C LEU F 250 -30.93 17.67 0.88
N ALA F 251 -30.08 18.66 1.17
CA ALA F 251 -28.97 19.05 0.33
C ALA F 251 -28.28 17.80 -0.27
N ARG F 252 -27.67 16.92 0.55
CA ARG F 252 -27.10 15.65 0.02
C ARG F 252 -28.12 14.75 -0.87
N HIS F 253 -29.45 14.90 -0.70
CA HIS F 253 -30.41 14.04 -1.28
C HIS F 253 -31.54 14.90 -1.88
N PRO F 254 -31.29 15.53 -3.05
CA PRO F 254 -32.35 16.30 -3.76
C PRO F 254 -33.56 15.46 -4.23
N GLU F 255 -33.41 14.14 -4.32
CA GLU F 255 -34.56 13.31 -4.69
C GLU F 255 -35.52 13.23 -3.45
N ASP F 256 -35.03 13.72 -2.31
CA ASP F 256 -35.80 13.77 -1.04
C ASP F 256 -36.50 15.10 -0.87
N GLN F 257 -35.82 16.18 -1.22
CA GLN F 257 -36.49 17.44 -1.49
C GLN F 257 -37.62 17.26 -2.57
N ARG F 258 -37.27 16.53 -3.65
CA ARG F 258 -38.13 16.26 -4.76
C ARG F 258 -39.38 15.78 -4.16
N LEU F 259 -39.23 14.63 -3.44
CA LEU F 259 -40.33 13.73 -3.09
C LEU F 259 -41.23 14.44 -2.16
N LEU F 260 -40.62 15.03 -1.16
CA LEU F 260 -41.42 15.70 -0.17
C LEU F 260 -42.08 17.04 -0.65
N ARG F 261 -41.55 17.65 -1.73
CA ARG F 261 -42.16 18.86 -2.39
C ARG F 261 -43.52 18.44 -3.04
N GLU F 262 -43.43 17.47 -3.98
CA GLU F 262 -44.60 16.89 -4.66
C GLU F 262 -45.43 15.95 -3.74
N ARG F 263 -44.91 15.55 -2.56
CA ARG F 263 -45.61 14.68 -1.53
C ARG F 263 -45.68 15.15 -0.03
N PRO F 264 -46.27 16.34 0.22
CA PRO F 264 -46.07 16.97 1.55
C PRO F 264 -46.85 16.25 2.65
N ASP F 265 -47.58 15.19 2.29
CA ASP F 265 -48.32 14.45 3.29
C ASP F 265 -47.27 13.60 4.04
N LEU F 266 -46.14 13.42 3.39
CA LEU F 266 -45.11 12.49 3.80
C LEU F 266 -44.00 13.01 4.77
N ILE F 267 -44.15 14.25 5.19
CA ILE F 267 -43.18 15.01 6.01
C ILE F 267 -43.19 14.55 7.48
N PRO F 268 -44.39 14.38 8.12
CA PRO F 268 -44.29 13.86 9.50
C PRO F 268 -43.53 12.53 9.65
N ALA F 269 -43.95 11.42 9.07
CA ALA F 269 -43.04 10.25 9.08
C ALA F 269 -41.58 10.45 8.48
N ALA F 270 -41.37 11.43 7.60
CA ALA F 270 -39.97 11.73 7.15
C ALA F 270 -39.21 12.47 8.24
N ALA F 271 -39.89 13.37 8.96
CA ALA F 271 -39.29 13.87 10.25
C ALA F 271 -38.95 12.76 11.31
N ASP F 272 -39.78 11.69 11.44
CA ASP F 272 -39.50 10.65 12.43
C ASP F 272 -38.22 10.00 11.87
N GLU F 273 -38.10 9.92 10.57
CA GLU F 273 -37.12 9.00 10.02
C GLU F 273 -35.79 9.66 9.97
N LEU F 274 -35.79 10.95 9.68
CA LEU F 274 -34.53 11.73 9.71
C LEU F 274 -33.95 11.85 11.12
N MET F 275 -34.82 12.14 12.10
CA MET F 275 -34.47 12.15 13.53
C MET F 275 -33.87 10.79 14.04
N ARG F 276 -34.21 9.67 13.36
CA ARG F 276 -33.68 8.31 13.67
C ARG F 276 -32.33 8.15 13.03
N ARG F 277 -32.18 8.70 11.81
CA ARG F 277 -30.95 8.56 10.96
C ARG F 277 -29.81 9.48 11.43
N TYR F 278 -30.11 10.62 12.07
CA TYR F 278 -29.10 11.55 12.47
C TYR F 278 -29.14 11.99 13.91
N PRO F 279 -28.94 11.03 14.85
CA PRO F 279 -28.85 11.43 16.27
C PRO F 279 -27.41 11.85 16.65
N THR F 280 -27.28 12.83 17.55
CA THR F 280 -25.99 13.41 17.90
C THR F 280 -25.67 13.56 19.38
N VAL F 281 -26.64 13.20 20.23
CA VAL F 281 -26.63 13.45 21.73
C VAL F 281 -25.94 12.31 22.29
N ALA F 282 -25.23 12.61 23.33
CA ALA F 282 -24.62 11.62 24.12
C ALA F 282 -24.54 12.14 25.57
N VAL F 283 -24.71 11.19 26.50
CA VAL F 283 -24.97 11.46 27.98
C VAL F 283 -23.90 10.75 28.87
N SER F 284 -23.72 11.31 30.06
CA SER F 284 -22.82 10.87 31.10
C SER F 284 -23.58 10.47 32.26
N ARG F 285 -23.14 9.32 32.77
CA ARG F 285 -23.64 8.79 34.04
C ARG F 285 -22.44 8.48 34.85
N ASN F 286 -22.64 8.58 36.17
CA ASN F 286 -21.72 7.93 37.17
C ASN F 286 -22.45 6.74 37.87
N ALA F 287 -21.69 5.64 38.09
CA ALA F 287 -22.17 4.38 38.66
C ALA F 287 -22.25 4.68 40.17
N VAL F 288 -23.40 4.26 40.78
CA VAL F 288 -23.62 4.31 42.22
C VAL F 288 -23.85 2.89 42.64
N ALA F 289 -23.43 2.01 41.74
CA ALA F 289 -23.62 0.61 41.92
C ALA F 289 -22.73 -0.08 40.91
N ASP F 290 -22.14 -1.22 41.28
CA ASP F 290 -21.50 -2.14 40.35
C ASP F 290 -22.54 -2.55 39.34
N VAL F 291 -22.19 -2.42 38.06
CA VAL F 291 -23.09 -2.82 36.95
C VAL F 291 -22.37 -3.75 35.97
N ASP F 292 -22.80 -5.01 35.89
CA ASP F 292 -22.18 -5.91 35.00
C ASP F 292 -22.70 -5.53 33.69
N ALA F 293 -21.86 -5.65 32.67
CA ALA F 293 -22.21 -5.24 31.31
C ALA F 293 -21.20 -5.74 30.25
N ASP F 294 -21.74 -6.43 29.26
CA ASP F 294 -20.90 -7.01 28.21
C ASP F 294 -19.76 -7.89 28.77
N GLY F 295 -19.91 -8.37 30.02
CA GLY F 295 -19.08 -9.46 30.55
C GLY F 295 -17.82 -8.98 31.20
N VAL F 296 -17.68 -7.65 31.38
CA VAL F 296 -16.71 -7.01 32.27
C VAL F 296 -17.58 -6.46 33.27
N THR F 297 -17.13 -5.49 34.07
CA THR F 297 -17.99 -5.01 35.16
C THR F 297 -17.67 -3.57 35.50
N ILE F 298 -18.58 -2.65 35.26
CA ILE F 298 -18.44 -1.29 35.72
C ILE F 298 -18.45 -1.24 37.26
N ARG F 299 -17.67 -0.38 37.86
CA ARG F 299 -17.70 -0.30 39.31
C ARG F 299 -18.31 0.96 39.80
N LYS F 300 -18.94 0.87 40.97
CA LYS F 300 -19.28 2.08 41.72
C LYS F 300 -18.24 3.16 41.58
N GLY F 301 -18.63 4.31 41.03
CA GLY F 301 -17.73 5.50 40.85
C GLY F 301 -17.06 5.65 39.44
N ASP F 302 -17.13 4.56 38.67
CA ASP F 302 -16.69 4.58 37.30
C ASP F 302 -17.69 5.40 36.47
N LEU F 303 -17.22 6.29 35.59
CA LEU F 303 -18.19 7.09 34.86
C LEU F 303 -18.41 6.38 33.54
N VAL F 304 -19.65 6.47 33.06
CA VAL F 304 -19.97 5.85 31.79
C VAL F 304 -20.48 6.91 30.86
N TYR F 305 -19.99 6.82 29.63
CA TYR F 305 -20.45 7.70 28.54
C TYR F 305 -21.32 6.97 27.48
N LEU F 306 -22.57 7.45 27.30
CA LEU F 306 -23.55 6.74 26.38
C LEU F 306 -23.93 7.48 25.02
N PRO F 307 -23.39 6.98 23.85
CA PRO F 307 -23.68 7.59 22.54
C PRO F 307 -24.85 6.92 21.78
N SER F 308 -25.97 7.71 21.66
CA SER F 308 -27.29 7.28 21.01
C SER F 308 -27.08 6.76 19.68
N VAL F 309 -26.14 7.39 19.00
CA VAL F 309 -25.90 7.16 17.63
C VAL F 309 -25.43 5.75 17.51
N LEU F 310 -24.61 5.27 18.45
CA LEU F 310 -24.14 3.87 18.46
C LEU F 310 -25.23 2.82 18.81
N HIS F 311 -26.50 3.25 18.96
CA HIS F 311 -27.63 2.32 19.12
C HIS F 311 -28.38 2.40 17.86
N ASN F 312 -28.81 3.63 17.50
CA ASN F 312 -29.52 3.88 16.25
C ASN F 312 -28.78 3.36 15.00
N LEU F 313 -27.49 3.59 14.91
CA LEU F 313 -26.79 3.29 13.66
C LEU F 313 -26.16 1.93 13.78
N ASP F 314 -26.37 1.23 14.90
CA ASP F 314 -25.78 -0.12 15.03
C ASP F 314 -26.44 -1.09 14.08
N PRO F 315 -25.75 -1.58 13.05
CA PRO F 315 -26.36 -2.53 12.09
C PRO F 315 -26.87 -3.79 12.76
N ALA F 316 -26.35 -4.09 13.99
CA ALA F 316 -26.83 -5.22 14.91
C ALA F 316 -28.10 -4.85 15.70
N SER F 317 -28.40 -3.56 15.86
CA SER F 317 -29.55 -3.19 16.58
C SER F 317 -30.70 -2.83 15.63
N PHE F 318 -30.35 -2.49 14.39
CA PHE F 318 -31.41 -2.07 13.42
C PHE F 318 -31.15 -2.55 12.05
N GLU F 319 -32.21 -2.72 11.32
CA GLU F 319 -32.11 -3.35 9.94
C GLU F 319 -31.76 -2.29 8.89
N ALA F 320 -30.48 -2.29 8.49
CA ALA F 320 -30.01 -1.41 7.45
C ALA F 320 -30.28 0.02 7.91
N PRO F 321 -29.62 0.40 8.96
CA PRO F 321 -29.83 1.60 9.71
C PRO F 321 -29.44 2.90 9.04
N GLU F 322 -28.57 2.84 8.00
CA GLU F 322 -28.20 4.12 7.34
C GLU F 322 -29.15 4.39 6.21
N GLU F 323 -29.94 3.42 5.79
CA GLU F 323 -31.04 3.66 4.85
C GLU F 323 -32.15 4.59 5.35
N VAL F 324 -32.37 5.69 4.63
CA VAL F 324 -33.47 6.62 4.91
C VAL F 324 -34.66 6.08 4.14
N ARG F 325 -35.60 5.51 4.89
CA ARG F 325 -36.73 4.89 4.31
C ARG F 325 -37.91 5.58 4.89
N PHE F 326 -38.69 6.20 4.02
CA PHE F 326 -39.81 7.01 4.47
C PHE F 326 -41.08 6.27 4.91
N ASP F 327 -41.13 5.02 4.47
CA ASP F 327 -42.19 4.12 4.82
C ASP F 327 -41.78 3.09 5.93
N ARG F 328 -40.71 3.38 6.68
CA ARG F 328 -40.18 2.51 7.74
C ARG F 328 -41.16 2.27 8.84
N GLY F 329 -42.00 3.25 9.23
CA GLY F 329 -42.91 3.16 10.37
C GLY F 329 -42.28 2.59 11.68
N LEU F 330 -41.15 3.17 12.12
CA LEU F 330 -40.46 2.66 13.31
C LEU F 330 -40.98 3.51 14.51
N ALA F 331 -41.81 2.93 15.43
CA ALA F 331 -42.20 3.62 16.62
C ALA F 331 -41.00 4.43 17.15
N PRO F 332 -41.19 5.82 17.42
CA PRO F 332 -40.02 6.65 17.86
C PRO F 332 -39.45 6.22 19.21
N ILE F 333 -40.28 5.79 20.16
CA ILE F 333 -39.85 5.16 21.46
C ILE F 333 -38.77 4.12 21.31
N ARG F 334 -38.64 3.51 20.11
CA ARG F 334 -37.78 2.31 19.90
C ARG F 334 -36.30 2.60 19.68
N HIS F 335 -35.95 3.81 19.23
CA HIS F 335 -34.52 4.17 18.98
C HIS F 335 -34.26 5.19 20.08
N THR F 336 -33.11 5.88 20.06
CA THR F 336 -32.53 6.43 21.28
C THR F 336 -32.18 7.90 21.02
N THR F 337 -32.95 8.54 20.16
CA THR F 337 -32.64 9.93 19.85
C THR F 337 -33.00 10.85 20.99
N MET F 338 -34.27 10.71 21.42
CA MET F 338 -34.77 11.39 22.64
C MET F 338 -34.32 10.75 23.95
N GLY F 339 -33.34 9.86 23.90
CA GLY F 339 -32.94 8.99 25.04
C GLY F 339 -33.75 7.71 25.23
N VAL F 340 -33.94 7.29 26.45
CA VAL F 340 -34.64 6.07 26.69
C VAL F 340 -35.07 5.96 28.17
N GLY F 341 -36.31 5.47 28.40
CA GLY F 341 -36.79 5.06 29.71
C GLY F 341 -37.22 6.30 30.49
N ALA F 342 -36.78 6.38 31.76
CA ALA F 342 -37.28 7.42 32.71
C ALA F 342 -36.87 8.86 32.36
N HIS F 343 -35.71 9.02 31.73
CA HIS F 343 -35.17 10.39 31.39
C HIS F 343 -35.47 10.82 29.86
N ARG F 344 -36.32 10.05 29.15
CA ARG F 344 -36.62 10.34 27.70
C ARG F 344 -37.15 11.77 27.46
N CYS F 345 -36.58 12.43 26.48
CA CYS F 345 -36.88 13.78 26.24
C CYS F 345 -38.31 14.10 26.48
N VAL F 346 -38.52 14.88 27.55
CA VAL F 346 -39.81 15.60 27.76
C VAL F 346 -40.26 16.53 26.56
N GLY F 347 -39.28 17.01 25.77
CA GLY F 347 -39.49 17.90 24.65
C GLY F 347 -39.46 17.03 23.43
N ALA F 348 -39.64 15.71 23.61
CA ALA F 348 -39.62 14.69 22.43
C ALA F 348 -40.66 15.05 21.48
N GLY F 349 -41.85 15.31 22.04
CA GLY F 349 -43.01 15.83 21.31
C GLY F 349 -42.77 17.14 20.57
N LEU F 350 -42.40 18.19 21.38
CA LEU F 350 -42.07 19.51 20.88
C LEU F 350 -41.17 19.61 19.66
N ALA F 351 -39.98 19.03 19.76
CA ALA F 351 -38.97 19.02 18.69
C ALA F 351 -39.46 18.42 17.37
N ARG F 352 -40.12 17.25 17.44
CA ARG F 352 -40.93 16.64 16.28
C ARG F 352 -41.69 17.69 15.48
N MET F 353 -42.55 18.41 16.21
CA MET F 353 -43.21 19.54 15.72
C MET F 353 -42.15 20.46 15.12
N GLU F 354 -41.21 20.91 15.92
CA GLU F 354 -40.23 21.85 15.40
C GLU F 354 -39.62 21.38 14.08
N VAL F 355 -39.14 20.20 14.01
CA VAL F 355 -38.62 19.71 12.76
C VAL F 355 -39.69 19.54 11.64
N ILE F 356 -40.89 19.05 11.98
CA ILE F 356 -41.97 19.04 10.96
C ILE F 356 -42.39 20.48 10.47
N VAL F 357 -42.34 21.46 11.34
CA VAL F 357 -42.66 22.83 10.99
C VAL F 357 -41.48 23.45 10.22
N PHE F 358 -40.23 22.97 10.43
CA PHE F 358 -39.10 23.38 9.58
C PHE F 358 -39.09 22.71 8.16
N LEU F 359 -39.35 21.40 8.13
CA LEU F 359 -39.64 20.78 6.84
C LEU F 359 -40.81 21.50 5.97
N ARG F 360 -41.92 21.89 6.60
CA ARG F 360 -43.00 22.55 5.82
C ARG F 360 -42.58 23.93 5.10
N GLU F 361 -41.96 24.83 5.89
CA GLU F 361 -41.45 26.12 5.43
C GLU F 361 -40.23 25.94 4.59
N TRP F 362 -39.16 25.34 5.10
CA TRP F 362 -37.97 25.17 4.29
C TRP F 362 -38.30 24.61 2.92
N LEU F 363 -38.62 23.33 2.89
CA LEU F 363 -39.00 22.75 1.63
C LEU F 363 -40.09 23.52 0.83
N GLY F 364 -41.07 24.10 1.54
CA GLY F 364 -42.21 24.82 0.88
C GLY F 364 -41.80 26.18 0.30
N GLY F 365 -40.71 26.78 0.83
CA GLY F 365 -40.36 28.19 0.64
C GLY F 365 -39.11 28.33 -0.21
N MET F 366 -38.23 27.33 -0.10
CA MET F 366 -37.02 27.43 -0.83
C MET F 366 -37.20 26.88 -2.25
N PRO F 367 -36.28 27.27 -3.19
CA PRO F 367 -36.15 26.52 -4.46
C PRO F 367 -35.14 25.49 -4.12
N GLU F 368 -34.73 24.71 -5.09
CA GLU F 368 -33.93 23.60 -4.79
C GLU F 368 -32.57 24.11 -4.38
N PHE F 369 -31.87 23.26 -3.61
CA PHE F 369 -30.66 23.66 -2.95
C PHE F 369 -29.68 22.51 -2.70
N ALA F 370 -28.42 22.83 -2.49
CA ALA F 370 -27.40 21.85 -2.53
C ALA F 370 -26.25 22.42 -1.70
N LEU F 371 -25.15 21.67 -1.56
CA LEU F 371 -23.97 22.23 -0.91
C LEU F 371 -23.13 23.12 -1.91
N ALA F 372 -22.38 24.09 -1.35
CA ALA F 372 -21.68 25.05 -2.15
C ALA F 372 -20.53 24.29 -2.80
N PRO F 373 -20.34 24.45 -4.16
CA PRO F 373 -19.15 23.90 -4.98
C PRO F 373 -17.71 23.84 -4.33
N ASP F 374 -17.36 24.86 -3.56
CA ASP F 374 -15.95 25.16 -3.08
C ASP F 374 -15.72 24.96 -1.52
N LYS F 375 -16.53 25.70 -0.68
CA LYS F 375 -16.62 25.62 0.83
C LYS F 375 -17.00 24.22 1.40
N ALA F 376 -16.40 23.87 2.56
CA ALA F 376 -16.65 22.59 3.27
C ALA F 376 -17.86 22.51 4.24
N VAL F 377 -18.41 21.30 4.38
CA VAL F 377 -19.22 20.82 5.53
C VAL F 377 -18.31 20.23 6.65
N THR F 378 -18.40 20.80 7.87
CA THR F 378 -17.52 20.42 8.98
C THR F 378 -18.40 20.22 10.22
N MET F 379 -18.00 19.20 11.03
CA MET F 379 -18.72 18.77 12.25
C MET F 379 -17.88 18.83 13.59
N LYS F 380 -18.51 19.09 14.75
CA LYS F 380 -17.75 18.92 16.01
C LYS F 380 -18.15 17.67 16.81
N GLY F 381 -17.42 17.40 17.92
CA GLY F 381 -17.78 16.33 18.91
C GLY F 381 -18.56 16.77 20.19
N GLY F 382 -18.42 16.02 21.25
CA GLY F 382 -18.98 16.55 22.47
C GLY F 382 -20.35 15.94 22.65
N ASN F 383 -21.05 16.40 23.68
CA ASN F 383 -22.30 15.82 24.08
C ASN F 383 -23.44 16.02 23.11
N VAL F 384 -23.35 17.04 22.26
CA VAL F 384 -24.36 17.31 21.23
C VAL F 384 -23.59 17.54 19.92
N GLY F 385 -23.44 16.50 19.11
CA GLY F 385 -22.69 16.77 17.87
C GLY F 385 -23.51 17.65 16.89
N ALA F 386 -22.82 18.45 16.09
CA ALA F 386 -23.47 19.37 15.15
C ALA F 386 -22.54 19.71 13.99
N CYS F 387 -23.13 20.22 12.96
CA CYS F 387 -22.35 20.85 11.96
C CYS F 387 -21.91 22.21 12.51
N THR F 388 -20.86 22.79 11.94
CA THR F 388 -20.38 24.06 12.49
C THR F 388 -20.12 24.95 11.35
N ALA F 389 -20.22 24.38 10.14
CA ALA F 389 -20.26 25.20 8.97
C ALA F 389 -21.03 24.36 8.01
N LEU F 390 -22.10 24.91 7.41
CA LEU F 390 -22.82 24.15 6.37
C LEU F 390 -23.13 24.99 5.19
N PRO F 391 -22.13 25.32 4.35
CA PRO F 391 -22.50 26.30 3.18
C PRO F 391 -23.57 25.74 2.17
N LEU F 392 -24.67 26.52 2.03
CA LEU F 392 -25.77 26.12 1.05
C LEU F 392 -25.84 27.04 -0.16
N VAL F 393 -26.31 26.48 -1.28
CA VAL F 393 -26.56 27.28 -2.51
C VAL F 393 -27.89 26.91 -3.24
N TRP F 394 -28.58 27.93 -3.76
CA TRP F 394 -29.86 27.83 -4.57
C TRP F 394 -29.99 29.08 -5.43
N ARG F 395 -30.91 29.07 -6.42
CA ARG F 395 -31.20 30.25 -7.27
C ARG F 395 -31.88 31.39 -6.48
N ALA F 396 -31.12 32.43 -6.14
CA ALA F 396 -31.56 33.55 -5.28
C ALA F 396 -32.80 34.37 -5.71
CHA HEM G . -32.35 -14.65 39.92
CHB HEM G . -32.85 -17.92 36.52
CHC HEM G . -29.92 -20.63 39.11
CHD HEM G . -30.63 -17.95 43.07
C1A HEM G . -32.65 -15.26 38.78
C2A HEM G . -33.29 -14.58 37.62
C3A HEM G . -33.38 -15.51 36.65
C4A HEM G . -32.85 -16.75 37.19
CMA HEM G . -34.02 -15.30 35.24
CAA HEM G . -33.74 -13.12 37.51
CBA HEM G . -35.07 -13.12 38.12
CGA HEM G . -35.75 -11.74 38.05
O1A HEM G . -36.97 -11.61 38.46
O2A HEM G . -35.18 -10.72 37.58
C1B HEM G . -32.06 -18.94 36.90
C2B HEM G . -31.71 -20.02 36.05
C3B HEM G . -30.84 -20.74 36.83
C4B HEM G . -30.69 -20.12 38.11
CMB HEM G . -32.20 -20.25 34.62
CAB HEM G . -30.09 -22.04 36.49
CBB HEM G . -30.84 -23.04 35.94
C1C HEM G . -29.85 -20.16 40.41
C2C HEM G . -29.02 -20.74 41.44
C3C HEM G . -29.25 -19.96 42.51
C4C HEM G . -30.18 -18.93 42.19
CMC HEM G . -28.05 -21.96 41.20
CAC HEM G . -28.60 -19.98 43.95
CBC HEM G . -28.25 -21.12 44.56
C1D HEM G . -31.15 -16.74 42.57
C2D HEM G . -31.51 -15.53 43.38
C3D HEM G . -31.97 -14.45 42.34
C4D HEM G . -31.98 -15.18 41.05
CMD HEM G . -31.40 -15.23 44.91
CAD HEM G . -32.44 -13.04 42.66
CBD HEM G . -31.43 -11.97 42.46
CGD HEM G . -31.80 -10.46 42.80
O1D HEM G . -32.94 -9.94 42.81
O2D HEM G . -30.86 -9.66 42.98
NA HEM G . -32.36 -16.52 38.45
NB HEM G . -31.46 -19.02 38.13
NC HEM G . -30.52 -19.08 40.87
ND HEM G . -31.45 -16.43 41.19
FE HEM G . -31.40 -17.67 39.59
C1 ID3 H . -39.59 -17.56 40.03
O1 ID3 H . -42.28 -21.03 44.52
C2 ID3 H . -38.44 -16.59 39.64
C3 ID3 H . -37.00 -17.19 39.68
C4 ID3 H . -36.96 -18.57 40.39
C5 ID3 H . -38.05 -18.76 41.51
C6 ID3 H . -39.35 -18.37 41.35
C7 ID3 H . -40.52 -18.63 42.34
C8 ID3 H . -41.01 -19.85 42.78
C9 ID3 H . -42.24 -20.13 43.70
C16 ID3 H . -40.98 -16.86 40.17
C17 ID3 H . -39.64 -18.52 38.82
C18 ID3 H . -37.59 -19.36 42.81
C19 ID3 H . -43.48 -19.32 43.56
CHA HEM I . 3.30 -5.37 12.67
CHB HEM I . 2.99 -10.11 12.51
CHC HEM I . -0.07 -9.76 8.92
CHD HEM I . 1.26 -5.23 8.30
C1A HEM I . 3.45 -6.65 13.01
C2A HEM I . 4.09 -7.17 14.22
C3A HEM I . 3.99 -8.51 14.19
C4A HEM I . 3.24 -8.85 12.95
CMA HEM I . 4.57 -9.59 15.19
CAA HEM I . 4.81 -6.36 15.30
CBA HEM I . 6.12 -5.94 14.65
CGA HEM I . 7.19 -5.43 15.61
O1A HEM I . 8.44 -5.31 15.08
O2A HEM I . 6.76 -5.14 16.85
C1B HEM I . 2.12 -10.40 11.52
C2B HEM I . 1.59 -11.74 11.32
C3B HEM I . 0.72 -11.61 10.35
C4B HEM I . 0.71 -10.25 9.91
CMB HEM I . 1.99 -13.00 12.19
CAB HEM I . -0.12 -12.73 9.73
CBB HEM I . 0.57 -13.88 9.47
C1C HEM I . -0.01 -8.54 8.46
C2C HEM I . -0.84 -8.05 7.38
C3C HEM I . -0.46 -6.76 7.16
C4C HEM I . 0.61 -6.43 8.13
CMC HEM I . -1.94 -8.88 6.64
CAC HEM I . -1.20 -5.82 6.10
CBC HEM I . -0.69 -5.00 5.12
C1D HEM I . 1.88 -4.84 9.45
C2D HEM I . 2.38 -3.51 9.77
C3D HEM I . 2.98 -3.56 11.16
C4D HEM I . 2.91 -4.93 11.51
CMD HEM I . 2.31 -2.21 8.93
CAD HEM I . 3.59 -2.42 11.90
CBD HEM I . 2.59 -1.71 12.73
CGD HEM I . 3.24 -0.67 13.75
O1D HEM I . 4.51 -0.52 13.89
O2D HEM I . 2.50 0.00 14.51
NA HEM I . 2.88 -7.68 12.30
NB HEM I . 1.58 -9.51 10.65
NC HEM I . 0.86 -7.56 8.89
ND HEM I . 2.22 -5.66 10.55
FE HEM I . 1.81 -7.60 10.60
C1 ID3 J . 10.16 -8.73 9.10
O1 ID3 J . 13.07 -7.15 4.89
C2 ID3 J . 9.23 -8.77 10.41
C3 ID3 J . 7.66 -8.74 10.21
C4 ID3 J . 7.31 -8.86 8.70
C5 ID3 J . 8.21 -7.94 7.83
C6 ID3 J . 9.53 -8.12 7.79
C7 ID3 J . 10.34 -7.75 6.54
C8 ID3 J . 11.43 -8.40 5.94
C9 ID3 J . 12.12 -7.89 4.72
C16 ID3 J . 11.50 -8.02 9.37
C17 ID3 J . 10.60 -10.14 8.64
C18 ID3 J . 7.69 -6.79 7.03
C19 ID3 J . 11.58 -8.33 3.39
CHA HEM K . 5.53 -25.27 -37.75
CHB HEM K . 7.56 -21.51 -35.81
CHC HEM K . 4.53 -18.84 -38.41
CHD HEM K . 1.66 -22.68 -39.08
C1A HEM K . 6.36 -24.55 -37.10
C2A HEM K . 7.60 -25.03 -36.45
C3A HEM K . 8.16 -23.95 -35.92
C4A HEM K . 7.31 -22.79 -36.24
CMA HEM K . 9.47 -23.95 -35.15
CAA HEM K . 8.22 -26.44 -36.36
CBA HEM K . 7.51 -27.05 -35.25
CGA HEM K . 7.88 -28.52 -35.06
O1A HEM K . 7.34 -29.21 -34.14
O2A HEM K . 8.74 -29.06 -35.78
C1B HEM K . 6.93 -20.44 -36.37
C2B HEM K . 7.38 -19.08 -36.23
C3B HEM K . 6.54 -18.38 -37.02
C4B HEM K . 5.55 -19.27 -37.58
CMB HEM K . 8.66 -18.64 -35.40
CAB HEM K . 6.47 -16.88 -37.31
CBB HEM K . 6.55 -15.95 -36.29
C1C HEM K . 3.48 -19.58 -38.82
C2C HEM K . 2.32 -19.11 -39.56
C3C HEM K . 1.52 -20.21 -39.75
C4C HEM K . 2.18 -21.37 -39.16
CMC HEM K . 2.16 -17.65 -39.98
CAC HEM K . 0.11 -20.39 -40.42
CBC HEM K . -0.08 -19.98 -41.68
C1D HEM K . 2.48 -23.78 -38.78
C2D HEM K . 2.10 -25.16 -39.00
C3D HEM K . 3.32 -25.99 -38.66
C4D HEM K . 4.29 -24.98 -38.18
CMD HEM K . 0.79 -25.74 -39.56
CAD HEM K . 3.43 -27.55 -38.74
CBD HEM K . 3.96 -28.10 -40.06
CGD HEM K . 4.19 -29.66 -40.15
O1D HEM K . 4.23 -30.52 -39.23
O2D HEM K . 4.37 -30.17 -41.27
NA HEM K . 6.23 -23.24 -37.01
NB HEM K . 5.81 -20.52 -37.21
NC HEM K . 3.41 -20.93 -38.58
ND HEM K . 3.82 -23.73 -38.31
FE HEM K . 4.86 -22.12 -37.86
C1 ID3 L . 3.55 -25.17 -29.89
O1 ID3 L . -1.49 -24.52 -27.61
C2 ID3 L . 4.76 -25.61 -30.82
C3 ID3 L . 4.93 -24.99 -32.25
C4 ID3 L . 4.00 -23.78 -32.44
C5 ID3 L . 2.56 -23.93 -31.82
C6 ID3 L . 2.29 -24.49 -30.58
C7 ID3 L . 0.90 -24.48 -29.89
C8 ID3 L . 0.40 -23.59 -28.95
C9 ID3 L . -0.96 -23.55 -28.19
C16 ID3 L . 3.01 -26.36 -29.07
C17 ID3 L . 4.10 -24.11 -28.91
C18 ID3 L . 1.38 -23.50 -32.65
C19 ID3 L . -1.67 -22.21 -28.07
CHA HEM M . 4.05 29.44 -20.77
CHB HEM M . 6.27 33.31 -18.90
CHC HEM M . 3.11 36.18 -21.12
CHD HEM M . 0.45 32.38 -22.02
C1A HEM M . 4.98 30.21 -20.17
C2A HEM M . 6.18 29.76 -19.58
C3A HEM M . 6.82 30.84 -19.02
C4A HEM M . 5.99 32.00 -19.31
CMA HEM M . 8.20 30.96 -18.23
CAA HEM M . 6.57 28.29 -19.54
CBA HEM M . 5.76 27.75 -18.36
CGA HEM M . 6.16 26.32 -17.89
O1A HEM M . 5.59 25.85 -16.76
O2A HEM M . 7.03 25.68 -18.64
C1B HEM M . 5.57 34.40 -19.34
C2B HEM M . 5.96 35.77 -19.05
C3B HEM M . 5.08 36.52 -19.69
C4B HEM M . 4.13 35.69 -20.36
CMB HEM M . 7.19 36.26 -18.22
CAB HEM M . 5.04 38.04 -19.72
CBB HEM M . 5.65 38.63 -18.68
C1C HEM M . 2.17 35.44 -21.59
C2C HEM M . 1.05 35.96 -22.34
C3C HEM M . 0.28 34.86 -22.60
C4C HEM M . 0.91 33.65 -22.00
CMC HEM M . 0.83 37.44 -22.76
CAC HEM M . -1.02 34.87 -23.48
CBC HEM M . -2.25 35.16 -23.07
C1D HEM M . 1.20 31.26 -21.83
C2D HEM M . 0.81 29.91 -22.18
C3D HEM M . 1.93 28.98 -21.80
C4D HEM M . 2.87 29.87 -21.21
CMD HEM M . -0.48 29.43 -22.84
CAD HEM M . 1.95 27.45 -21.96
CBD HEM M . 2.24 26.98 -23.35
CGD HEM M . 2.60 25.44 -23.42
O1D HEM M . 2.60 24.74 -22.27
O2D HEM M . 2.92 24.90 -24.57
NA HEM M . 4.88 31.58 -20.06
NB HEM M . 4.43 34.37 -20.12
NC HEM M . 2.06 34.05 -21.38
ND HEM M . 2.47 31.17 -21.25
FE HEM M . 3.45 32.80 -20.76
CHA HEM N . 56.82 0.63 -20.98
CHB HEM N . 52.82 2.13 -18.67
CHC HEM N . 50.21 1.06 -22.60
CHD HEM N . 54.05 -1.46 -24.33
C1A HEM N . 55.99 1.13 -20.04
C2A HEM N . 56.40 1.73 -18.84
C3A HEM N . 55.32 2.19 -18.18
C4A HEM N . 54.16 1.88 -19.02
CMA HEM N . 55.26 2.95 -16.80
CAA HEM N . 57.88 1.86 -18.37
CBA HEM N . 58.29 0.61 -17.56
CGA HEM N . 59.56 0.69 -16.76
O1A HEM N . 59.96 -0.46 -16.41
O2A HEM N . 60.16 1.80 -16.52
C1B HEM N . 51.71 2.07 -19.53
C2B HEM N . 50.37 2.73 -19.45
C3B HEM N . 49.72 2.43 -20.58
C4B HEM N . 50.55 1.62 -21.38
CMB HEM N . 49.90 3.68 -18.27
CAB HEM N . 48.32 2.84 -21.06
CBB HEM N . 47.29 2.99 -20.17
C1C HEM N . 51.02 0.33 -23.44
C2C HEM N . 50.68 -0.03 -24.78
C3C HEM N . 51.72 -0.73 -25.24
C4C HEM N . 52.77 -0.80 -24.21
CMC HEM N . 49.36 0.30 -25.53
CAC HEM N . 51.88 -1.43 -26.65
CBC HEM N . 51.19 -2.58 -26.93
C1D HEM N . 55.19 -1.16 -23.63
C2D HEM N . 56.53 -1.69 -23.88
C3D HEM N . 57.39 -1.00 -22.82
C4D HEM N . 56.48 -0.13 -22.06
CMD HEM N . 57.10 -2.73 -24.90
CAD HEM N . 58.89 -1.27 -22.65
CBD HEM N . 59.68 -0.05 -23.02
CGD HEM N . 61.15 -0.22 -22.76
O1D HEM N . 61.49 -0.88 -21.71
O2D HEM N . 61.94 0.35 -23.60
NA HEM N . 54.67 1.26 -20.15
NB HEM N . 51.75 1.42 -20.75
NC HEM N . 52.29 -0.09 -23.13
ND HEM N . 55.22 -0.24 -22.59
FE HEM N . 53.53 0.63 -21.67
CHA HEM O . -33.78 15.04 27.89
CHB HEM O . -32.32 14.83 23.28
CHC HEM O . -34.76 18.77 22.07
CHD HEM O . -35.72 19.36 26.85
C1A HEM O . -33.21 14.62 26.73
C2A HEM O . -32.58 13.36 26.58
C3A HEM O . -32.15 13.27 25.30
C4A HEM O . -32.57 14.51 24.62
CMA HEM O . -31.42 12.05 24.65
CAA HEM O . -32.41 12.33 27.75
CBA HEM O . -31.17 12.73 28.59
CGA HEM O . -30.55 11.71 29.52
O1A HEM O . -29.63 12.08 30.32
O2A HEM O . -30.93 10.51 29.53
C1B HEM O . -32.89 15.81 22.48
C2B HEM O . -33.02 15.90 21.01
C3B HEM O . -33.74 16.95 20.73
C4B HEM O . -34.09 17.59 21.94
CMB HEM O . -32.49 14.87 19.98
CAB HEM O . -34.16 17.49 19.37
CBB HEM O . -33.29 17.93 18.45
C1C HEM O . -35.28 19.31 23.25
C2C HEM O . -36.30 20.33 23.33
C3C HEM O . -36.59 20.43 24.65
C4C HEM O . -35.78 19.49 25.45
CMC HEM O . -36.96 21.10 22.17
CAC HEM O . -37.61 21.46 25.29
CBC HEM O . -37.16 22.54 25.98
C1D HEM O . -35.24 18.30 27.63
C2D HEM O . -35.29 18.21 29.10
C3D HEM O . -34.69 16.82 29.41
C4D HEM O . -34.37 16.24 28.10
CMD HEM O . -35.84 19.23 30.15
CAD HEM O . -34.49 16.15 30.81
CBD HEM O . -35.58 15.14 31.07
CGD HEM O . -35.55 14.39 32.38
O1D HEM O . -34.45 14.14 32.92
O2D HEM O . -36.62 13.94 32.89
NA HEM O . -33.25 15.26 25.56
NB HEM O . -33.60 16.87 22.99
NC HEM O . -35.07 18.77 24.54
ND HEM O . -34.72 17.12 27.08
FE HEM O . -34.28 16.94 25.11
#